data_2K6S
#
_entry.id   2K6S
#
_entity_poly.entity_id   1
_entity_poly.type   'polypeptide(L)'
_entity_poly.pdbx_seq_one_letter_code
;GSLTYEEVLQELVKHKELLRRKDTHIRELEDYIDNLLVRVM
;
_entity_poly.pdbx_strand_id   A,B
#
# COMPACT_ATOMS: atom_id res chain seq x y z
N GLY A 1 5.01 28.66 -8.00
CA GLY A 1 5.92 28.68 -6.83
C GLY A 1 6.58 27.34 -6.56
N SER A 2 6.27 26.74 -5.42
CA SER A 2 6.83 25.45 -5.05
C SER A 2 5.90 24.31 -5.43
N LEU A 3 4.59 24.56 -5.44
CA LEU A 3 3.61 23.54 -5.83
C LEU A 3 3.71 23.28 -7.33
N THR A 4 4.82 22.67 -7.72
CA THR A 4 5.10 22.38 -9.12
C THR A 4 6.00 21.14 -9.22
N TYR A 5 6.71 21.00 -10.34
CA TYR A 5 7.60 19.85 -10.57
C TYR A 5 8.32 19.41 -9.29
N GLU A 6 9.07 20.31 -8.68
CA GLU A 6 9.80 20.01 -7.44
C GLU A 6 8.90 19.42 -6.36
N GLU A 7 7.62 19.80 -6.37
CA GLU A 7 6.66 19.31 -5.38
C GLU A 7 6.23 17.87 -5.68
N VAL A 8 5.75 17.64 -6.92
CA VAL A 8 5.30 16.30 -7.32
C VAL A 8 6.37 15.24 -7.05
N LEU A 9 7.65 15.63 -7.11
CA LEU A 9 8.75 14.71 -6.84
C LEU A 9 8.65 14.19 -5.40
N GLN A 10 8.64 15.13 -4.44
CA GLN A 10 8.55 14.79 -3.02
C GLN A 10 7.47 13.74 -2.75
N GLU A 11 6.33 13.86 -3.44
CA GLU A 11 5.22 12.92 -3.28
C GLU A 11 5.67 11.51 -3.66
N LEU A 12 6.29 11.38 -4.83
CA LEU A 12 6.78 10.08 -5.33
C LEU A 12 7.54 9.32 -4.23
N VAL A 13 8.48 9.99 -3.56
CA VAL A 13 9.25 9.36 -2.48
C VAL A 13 8.38 9.14 -1.24
N LYS A 14 7.42 10.04 -1.01
CA LYS A 14 6.52 9.93 0.13
C LYS A 14 5.75 8.61 0.05
N HIS A 15 5.02 8.42 -1.05
CA HIS A 15 4.26 7.20 -1.29
C HIS A 15 5.19 5.98 -1.30
N LYS A 16 6.36 6.15 -1.95
CA LYS A 16 7.35 5.08 -2.05
C LYS A 16 7.69 4.54 -0.67
N GLU A 17 8.24 5.39 0.20
CA GLU A 17 8.62 4.99 1.55
C GLU A 17 7.39 4.55 2.37
N LEU A 18 6.25 5.20 2.13
CA LEU A 18 5.01 4.88 2.84
C LEU A 18 4.57 3.44 2.56
N LEU A 19 4.82 2.96 1.34
CA LEU A 19 4.46 1.60 0.95
C LEU A 19 5.48 0.59 1.50
N ARG A 20 6.70 1.07 1.77
CA ARG A 20 7.75 0.22 2.32
C ARG A 20 7.49 -0.02 3.81
N ARG A 21 7.42 1.08 4.57
CA ARG A 21 7.17 1.01 6.00
C ARG A 21 5.93 0.16 6.30
N LYS A 22 4.84 0.43 5.57
CA LYS A 22 3.58 -0.29 5.76
C LYS A 22 3.80 -1.81 5.86
N ASP A 23 4.65 -2.34 4.97
CA ASP A 23 4.94 -3.78 4.97
C ASP A 23 5.89 -4.13 6.11
N THR A 24 6.82 -3.22 6.42
CA THR A 24 7.78 -3.43 7.50
C THR A 24 7.07 -3.50 8.86
N HIS A 25 5.91 -2.85 8.97
CA HIS A 25 5.15 -2.85 10.22
C HIS A 25 4.49 -4.20 10.46
N ILE A 26 3.75 -4.70 9.47
CA ILE A 26 3.10 -6.01 9.59
C ILE A 26 4.16 -7.12 9.70
N ARG A 27 5.36 -6.82 9.19
CA ARG A 27 6.48 -7.76 9.24
C ARG A 27 7.14 -7.75 10.62
N GLU A 28 7.39 -6.54 11.16
CA GLU A 28 8.01 -6.42 12.47
C GLU A 28 7.06 -6.84 13.58
N LEU A 29 5.79 -6.45 13.47
CA LEU A 29 4.78 -6.79 14.47
C LEU A 29 4.54 -8.31 14.52
N GLU A 30 4.81 -9.00 13.41
CA GLU A 30 4.64 -10.45 13.35
C GLU A 30 5.60 -11.17 14.30
N ASP A 31 6.73 -10.52 14.61
CA ASP A 31 7.72 -11.09 15.52
C ASP A 31 7.19 -11.10 16.95
N TYR A 32 6.55 -9.99 17.35
CA TYR A 32 5.98 -9.87 18.69
C TYR A 32 4.81 -10.83 18.86
N ILE A 33 4.04 -11.03 17.78
CA ILE A 33 2.88 -11.93 17.80
C ILE A 33 3.32 -13.39 17.95
N ASP A 34 4.51 -13.73 17.41
CA ASP A 34 5.03 -15.09 17.47
C ASP A 34 5.16 -15.59 18.92
N ASN A 35 5.45 -14.69 19.87
CA ASN A 35 5.60 -15.05 21.29
C ASN A 35 4.61 -16.14 21.70
N LEU A 36 3.35 -15.99 21.28
CA LEU A 36 2.31 -16.98 21.61
C LEU A 36 2.69 -18.35 21.06
N LEU A 37 3.07 -18.38 19.78
CA LEU A 37 3.49 -19.61 19.11
C LEU A 37 4.95 -19.51 18.65
N VAL A 38 5.85 -19.32 19.63
CA VAL A 38 7.29 -19.20 19.35
C VAL A 38 8.09 -19.25 20.66
N ARG A 39 9.40 -19.50 20.55
CA ARG A 39 10.27 -19.57 21.71
C ARG A 39 10.17 -18.30 22.57
N VAL A 40 9.85 -18.49 23.84
CA VAL A 40 9.71 -17.37 24.78
C VAL A 40 10.86 -17.36 25.79
N MET A 41 11.21 -16.16 26.26
CA MET A 41 12.29 -15.99 27.24
C MET A 41 11.82 -15.18 28.44
N GLY B 1 13.27 12.49 -24.00
CA GLY B 1 12.02 12.89 -24.71
C GLY B 1 11.01 13.55 -23.78
N SER B 2 10.23 12.73 -23.07
CA SER B 2 9.22 13.23 -22.16
C SER B 2 9.48 12.78 -20.72
N LEU B 3 10.69 12.26 -20.44
CA LEU B 3 11.05 11.82 -19.09
C LEU B 3 11.36 13.06 -18.25
N THR B 4 10.30 13.81 -17.93
CA THR B 4 10.43 15.04 -17.17
C THR B 4 9.14 15.30 -16.36
N TYR B 5 8.91 16.55 -15.99
CA TYR B 5 7.74 16.95 -15.21
C TYR B 5 6.48 16.17 -15.62
N GLU B 6 6.10 16.30 -16.90
CA GLU B 6 4.91 15.61 -17.42
C GLU B 6 4.93 14.10 -17.13
N GLU B 7 6.13 13.51 -17.04
CA GLU B 7 6.28 12.09 -16.78
C GLU B 7 6.03 11.77 -15.30
N VAL B 8 6.75 12.47 -14.41
CA VAL B 8 6.61 12.24 -12.96
C VAL B 8 5.14 12.33 -12.52
N LEU B 9 4.35 13.15 -13.22
CA LEU B 9 2.94 13.30 -12.92
C LEU B 9 2.23 11.95 -13.09
N GLN B 10 2.32 11.39 -14.30
CA GLN B 10 1.70 10.10 -14.62
C GLN B 10 1.95 9.06 -13.52
N GLU B 11 3.16 9.05 -12.97
CA GLU B 11 3.52 8.11 -11.91
C GLU B 11 2.61 8.31 -10.69
N LEU B 12 2.49 9.56 -10.25
CA LEU B 12 1.66 9.92 -9.10
C LEU B 12 0.29 9.25 -9.18
N VAL B 13 -0.38 9.36 -10.33
CA VAL B 13 -1.70 8.75 -10.52
C VAL B 13 -1.59 7.22 -10.62
N LYS B 14 -0.47 6.74 -11.18
CA LYS B 14 -0.24 5.31 -11.32
C LYS B 14 -0.25 4.65 -9.93
N HIS B 15 0.65 5.11 -9.07
CA HIS B 15 0.74 4.61 -7.69
C HIS B 15 -0.59 4.83 -6.96
N LYS B 16 -1.18 6.01 -7.17
CA LYS B 16 -2.45 6.37 -6.53
C LYS B 16 -3.51 5.30 -6.79
N GLU B 17 -3.84 5.08 -8.07
CA GLU B 17 -4.84 4.09 -8.45
C GLU B 17 -4.39 2.66 -8.08
N LEU B 18 -3.08 2.41 -8.16
CA LEU B 18 -2.52 1.10 -7.83
C LEU B 18 -2.77 0.75 -6.35
N LEU B 19 -2.76 1.77 -5.48
CA LEU B 19 -2.99 1.57 -4.05
C LEU B 19 -4.49 1.41 -3.77
N ARG B 20 -5.32 1.96 -4.66
CA ARG B 20 -6.77 1.87 -4.52
C ARG B 20 -7.24 0.47 -4.91
N ARG B 21 -6.92 0.07 -6.15
CA ARG B 21 -7.30 -1.25 -6.66
C ARG B 21 -6.85 -2.35 -5.70
N LYS B 22 -5.58 -2.27 -5.27
CA LYS B 22 -5.01 -3.26 -4.34
C LYS B 22 -5.95 -3.58 -3.18
N ASP B 23 -6.56 -2.54 -2.59
CA ASP B 23 -7.49 -2.73 -1.49
C ASP B 23 -8.84 -3.24 -2.00
N THR B 24 -9.24 -2.78 -3.18
CA THR B 24 -10.50 -3.20 -3.78
C THR B 24 -10.49 -4.70 -4.11
N HIS B 25 -9.29 -5.25 -4.35
CA HIS B 25 -9.14 -6.67 -4.67
C HIS B 25 -9.38 -7.53 -3.44
N ILE B 26 -8.67 -7.25 -2.35
CA ILE B 26 -8.85 -7.99 -1.11
C ILE B 26 -10.26 -7.78 -0.56
N ARG B 27 -10.88 -6.66 -0.95
CA ARG B 27 -12.24 -6.33 -0.52
C ARG B 27 -13.27 -7.10 -1.36
N GLU B 28 -13.08 -7.12 -2.68
CA GLU B 28 -14.00 -7.83 -3.57
C GLU B 28 -13.86 -9.34 -3.42
N LEU B 29 -12.62 -9.83 -3.31
CA LEU B 29 -12.36 -11.26 -3.15
C LEU B 29 -12.93 -11.80 -1.83
N GLU B 30 -13.08 -10.91 -0.83
CA GLU B 30 -13.63 -11.30 0.47
C GLU B 30 -15.09 -11.73 0.35
N ASP B 31 -15.78 -11.23 -0.68
CA ASP B 31 -17.19 -11.57 -0.91
C ASP B 31 -17.30 -13.03 -1.38
N TYR B 32 -16.41 -13.42 -2.29
CA TYR B 32 -16.39 -14.79 -2.82
C TYR B 32 -15.99 -15.78 -1.72
N ILE B 33 -15.09 -15.35 -0.84
CA ILE B 33 -14.63 -16.19 0.26
C ILE B 33 -15.74 -16.43 1.29
N ASP B 34 -16.64 -15.44 1.43
CA ASP B 34 -17.74 -15.55 2.39
C ASP B 34 -18.63 -16.77 2.14
N ASN B 35 -18.76 -17.17 0.87
CA ASN B 35 -19.59 -18.33 0.49
C ASN B 35 -19.49 -19.46 1.52
N LEU B 36 -18.26 -19.76 1.97
CA LEU B 36 -18.05 -20.80 2.98
C LEU B 36 -18.82 -20.47 4.26
N LEU B 37 -18.66 -19.23 4.73
CA LEU B 37 -19.34 -18.76 5.95
C LEU B 37 -20.26 -17.60 5.59
N VAL B 38 -21.27 -17.86 4.76
CA VAL B 38 -22.21 -16.84 4.32
C VAL B 38 -22.75 -16.02 5.48
N ARG B 39 -22.41 -14.72 5.44
CA ARG B 39 -22.74 -13.77 6.51
C ARG B 39 -24.19 -13.89 6.97
N VAL B 40 -24.39 -14.82 7.91
CA VAL B 40 -25.70 -15.08 8.51
C VAL B 40 -25.53 -15.32 10.02
N MET B 41 -25.00 -14.32 10.70
CA MET B 41 -24.76 -14.39 12.14
C MET B 41 -25.12 -13.08 12.84
N GLY A 1 5.01 28.61 -7.68
CA GLY A 1 6.14 28.66 -6.70
C GLY A 1 6.73 27.29 -6.42
N SER A 2 6.30 26.68 -5.31
CA SER A 2 6.80 25.36 -4.93
C SER A 2 5.87 24.26 -5.43
N LEU A 3 4.56 24.52 -5.47
CA LEU A 3 3.58 23.55 -5.96
C LEU A 3 3.78 23.34 -7.46
N THR A 4 4.88 22.69 -7.80
CA THR A 4 5.26 22.43 -9.18
C THR A 4 6.14 21.18 -9.27
N TYR A 5 6.92 21.07 -10.35
CA TYR A 5 7.80 19.92 -10.58
C TYR A 5 8.50 19.47 -9.29
N GLU A 6 9.24 20.37 -8.66
CA GLU A 6 9.97 20.07 -7.42
C GLU A 6 9.04 19.47 -6.34
N GLU A 7 7.76 19.82 -6.40
CA GLU A 7 6.78 19.31 -5.43
C GLU A 7 6.39 17.87 -5.76
N VAL A 8 5.96 17.64 -7.01
CA VAL A 8 5.55 16.31 -7.44
C VAL A 8 6.66 15.27 -7.24
N LEU A 9 7.93 15.71 -7.36
CA LEU A 9 9.06 14.81 -7.17
C LEU A 9 9.06 14.27 -5.74
N GLN A 10 9.14 15.19 -4.75
CA GLN A 10 9.14 14.81 -3.35
C GLN A 10 7.94 13.91 -3.03
N GLU A 11 6.80 14.23 -3.63
CA GLU A 11 5.58 13.45 -3.44
C GLU A 11 5.77 11.98 -3.84
N LEU A 12 6.72 11.72 -4.75
CA LEU A 12 7.00 10.35 -5.20
C LEU A 12 7.79 9.56 -4.14
N VAL A 13 8.74 10.24 -3.48
CA VAL A 13 9.54 9.60 -2.43
C VAL A 13 8.69 9.30 -1.18
N LYS A 14 7.46 9.83 -1.16
CA LYS A 14 6.54 9.61 -0.06
C LYS A 14 5.71 8.36 -0.32
N HIS A 15 5.06 8.31 -1.49
CA HIS A 15 4.22 7.18 -1.89
C HIS A 15 4.85 5.84 -1.55
N LYS A 16 6.08 5.59 -2.04
CA LYS A 16 6.76 4.31 -1.77
C LYS A 16 7.09 4.17 -0.29
N GLU A 17 7.54 5.26 0.34
CA GLU A 17 7.89 5.25 1.76
C GLU A 17 6.74 4.70 2.60
N LEU A 18 5.51 5.14 2.27
CA LEU A 18 4.32 4.69 2.99
C LEU A 18 4.01 3.23 2.67
N LEU A 19 4.41 2.76 1.49
CA LEU A 19 4.17 1.39 1.06
C LEU A 19 5.23 0.45 1.66
N ARG A 20 6.45 0.95 1.83
CA ARG A 20 7.54 0.17 2.40
C ARG A 20 7.30 -0.06 3.89
N ARG A 21 7.21 1.04 4.64
CA ARG A 21 6.98 0.98 6.08
C ARG A 21 5.77 0.10 6.39
N LYS A 22 4.68 0.27 5.63
CA LYS A 22 3.46 -0.51 5.82
C LYS A 22 3.75 -2.01 5.91
N ASP A 23 4.70 -2.48 5.07
CA ASP A 23 5.07 -3.89 5.08
C ASP A 23 6.01 -4.19 6.24
N THR A 24 6.92 -3.27 6.52
CA THR A 24 7.87 -3.43 7.62
C THR A 24 7.15 -3.47 8.98
N HIS A 25 5.98 -2.83 9.04
CA HIS A 25 5.19 -2.81 10.27
C HIS A 25 4.54 -4.17 10.52
N ILE A 26 3.92 -4.74 9.48
CA ILE A 26 3.29 -6.05 9.59
C ILE A 26 4.37 -7.13 9.76
N ARG A 27 5.58 -6.81 9.31
CA ARG A 27 6.72 -7.72 9.41
C ARG A 27 7.31 -7.69 10.81
N GLU A 28 7.46 -6.48 11.38
CA GLU A 28 8.01 -6.32 12.73
C GLU A 28 7.00 -6.77 13.78
N LEU A 29 5.73 -6.40 13.59
CA LEU A 29 4.67 -6.77 14.53
C LEU A 29 4.45 -8.28 14.54
N GLU A 30 4.78 -8.95 13.42
CA GLU A 30 4.62 -10.40 13.31
C GLU A 30 5.58 -11.12 14.27
N ASP A 31 6.70 -10.47 14.58
CA ASP A 31 7.68 -11.04 15.49
C ASP A 31 7.15 -11.02 16.93
N TYR A 32 6.52 -9.90 17.29
CA TYR A 32 5.93 -9.74 18.63
C TYR A 32 4.75 -10.71 18.81
N ILE A 33 3.97 -10.89 17.74
CA ILE A 33 2.82 -11.79 17.76
C ILE A 33 3.25 -13.25 17.87
N ASP A 34 4.42 -13.57 17.32
CA ASP A 34 4.94 -14.94 17.36
C ASP A 34 5.09 -15.46 18.79
N ASN A 35 5.39 -14.56 19.74
CA ASN A 35 5.58 -14.93 21.15
C ASN A 35 4.56 -15.97 21.59
N LEU A 36 3.30 -15.81 21.16
CA LEU A 36 2.24 -16.75 21.50
C LEU A 36 2.56 -18.13 20.92
N LEU A 37 2.92 -18.13 19.64
CA LEU A 37 3.28 -19.36 18.94
C LEU A 37 4.77 -19.32 18.52
N VAL A 38 5.64 -19.20 19.53
CA VAL A 38 7.09 -19.17 19.31
C VAL A 38 7.83 -19.30 20.64
N ARG A 39 9.07 -19.79 20.59
CA ARG A 39 9.88 -19.96 21.80
C ARG A 39 10.02 -18.65 22.57
N VAL A 40 9.49 -18.64 23.80
CA VAL A 40 9.55 -17.45 24.66
C VAL A 40 10.76 -17.49 25.58
N MET A 41 11.22 -16.30 25.99
CA MET A 41 12.38 -16.19 26.88
C MET A 41 11.99 -15.51 28.19
N GLY B 1 13.43 13.50 -24.41
CA GLY B 1 12.09 12.89 -24.64
C GLY B 1 11.02 13.50 -23.74
N SER B 2 10.26 12.63 -23.06
CA SER B 2 9.20 13.07 -22.17
C SER B 2 9.47 12.67 -20.72
N LEU B 3 10.70 12.23 -20.43
CA LEU B 3 11.08 11.85 -19.07
C LEU B 3 11.33 13.12 -18.24
N THR B 4 10.25 13.87 -18.02
CA THR B 4 10.32 15.13 -17.28
C THR B 4 9.05 15.36 -16.46
N TYR B 5 8.79 16.62 -16.12
CA TYR B 5 7.61 17.00 -15.34
C TYR B 5 6.36 16.22 -15.75
N GLU B 6 5.99 16.30 -17.04
CA GLU B 6 4.81 15.59 -17.56
C GLU B 6 4.85 14.08 -17.23
N GLU B 7 6.05 13.54 -17.10
CA GLU B 7 6.21 12.12 -16.78
C GLU B 7 5.94 11.85 -15.30
N VAL B 8 6.62 12.59 -14.42
CA VAL B 8 6.45 12.41 -12.98
C VAL B 8 4.99 12.60 -12.56
N LEU B 9 4.25 13.46 -13.27
CA LEU B 9 2.83 13.69 -12.97
C LEU B 9 2.05 12.39 -13.15
N GLN B 10 2.07 11.85 -14.38
CA GLN B 10 1.38 10.61 -14.69
C GLN B 10 1.75 9.51 -13.69
N GLU B 11 3.03 9.48 -13.32
CA GLU B 11 3.54 8.49 -12.36
C GLU B 11 2.81 8.58 -11.02
N LEU B 12 2.26 9.76 -10.70
CA LEU B 12 1.53 9.97 -9.44
C LEU B 12 0.14 9.33 -9.51
N VAL B 13 -0.52 9.45 -10.66
CA VAL B 13 -1.85 8.86 -10.84
C VAL B 13 -1.78 7.31 -10.89
N LYS B 14 -0.56 6.79 -10.95
CA LYS B 14 -0.35 5.34 -10.95
C LYS B 14 -0.21 4.83 -9.52
N HIS B 15 0.70 5.44 -8.76
CA HIS B 15 0.95 5.07 -7.37
C HIS B 15 -0.33 4.81 -6.59
N LYS B 16 -1.24 5.79 -6.56
CA LYS B 16 -2.51 5.63 -5.82
C LYS B 16 -3.38 4.56 -6.47
N GLU B 17 -3.44 4.54 -7.80
CA GLU B 17 -4.24 3.56 -8.53
C GLU B 17 -3.91 2.13 -8.08
N LEU B 18 -2.61 1.86 -7.91
CA LEU B 18 -2.15 0.54 -7.47
C LEU B 18 -2.50 0.29 -6.00
N LEU B 19 -2.61 1.37 -5.22
CA LEU B 19 -2.96 1.27 -3.80
C LEU B 19 -4.47 1.12 -3.61
N ARG B 20 -5.25 1.76 -4.50
CA ARG B 20 -6.70 1.68 -4.45
C ARG B 20 -7.17 0.27 -4.84
N ARG B 21 -6.83 -0.12 -6.07
CA ARG B 21 -7.20 -1.44 -6.57
C ARG B 21 -6.81 -2.54 -5.59
N LYS B 22 -5.58 -2.46 -5.05
CA LYS B 22 -5.07 -3.44 -4.09
C LYS B 22 -6.07 -3.69 -2.96
N ASP B 23 -6.74 -2.64 -2.50
CA ASP B 23 -7.74 -2.76 -1.44
C ASP B 23 -9.06 -3.29 -2.00
N THR B 24 -9.43 -2.83 -3.19
CA THR B 24 -10.66 -3.26 -3.85
C THR B 24 -10.61 -4.76 -4.18
N HIS B 25 -9.39 -5.29 -4.38
CA HIS B 25 -9.21 -6.71 -4.68
C HIS B 25 -9.46 -7.56 -3.44
N ILE B 26 -8.87 -7.16 -2.31
CA ILE B 26 -9.06 -7.89 -1.06
C ILE B 26 -10.51 -7.71 -0.57
N ARG B 27 -11.15 -6.63 -1.03
CA ARG B 27 -12.52 -6.32 -0.67
C ARG B 27 -13.49 -7.16 -1.51
N GLU B 28 -13.22 -7.26 -2.82
CA GLU B 28 -14.07 -8.03 -3.73
C GLU B 28 -13.88 -9.53 -3.49
N LEU B 29 -12.63 -9.96 -3.31
CA LEU B 29 -12.31 -11.37 -3.08
C LEU B 29 -12.89 -11.85 -1.74
N GLU B 30 -13.06 -10.92 -0.80
CA GLU B 30 -13.62 -11.26 0.52
C GLU B 30 -15.08 -11.70 0.39
N ASP B 31 -15.76 -11.21 -0.65
CA ASP B 31 -17.15 -11.57 -0.89
C ASP B 31 -17.24 -13.02 -1.37
N TYR B 32 -16.33 -13.39 -2.27
CA TYR B 32 -16.27 -14.75 -2.79
C TYR B 32 -15.89 -15.75 -1.69
N ILE B 33 -14.98 -15.32 -0.82
CA ILE B 33 -14.52 -16.15 0.29
C ILE B 33 -15.62 -16.36 1.33
N ASP B 34 -16.51 -15.37 1.47
CA ASP B 34 -17.60 -15.44 2.44
C ASP B 34 -18.51 -16.66 2.18
N ASN B 35 -18.64 -17.06 0.91
CA ASN B 35 -19.49 -18.21 0.54
C ASN B 35 -19.36 -19.35 1.55
N LEU B 36 -18.13 -19.62 2.00
CA LEU B 36 -17.88 -20.68 2.98
C LEU B 36 -18.60 -20.35 4.28
N LEU B 37 -18.42 -19.12 4.75
CA LEU B 37 -19.05 -18.63 5.97
C LEU B 37 -20.04 -17.50 5.63
N VAL B 38 -21.04 -17.83 4.83
CA VAL B 38 -22.03 -16.85 4.37
C VAL B 38 -22.56 -16.01 5.52
N ARG B 39 -22.18 -14.73 5.48
CA ARG B 39 -22.49 -13.75 6.54
C ARG B 39 -23.94 -13.84 6.98
N VAL B 40 -24.18 -14.74 7.95
CA VAL B 40 -25.48 -14.96 8.54
C VAL B 40 -25.31 -15.30 10.03
N MET B 41 -24.71 -14.37 10.77
CA MET B 41 -24.45 -14.55 12.19
C MET B 41 -25.59 -13.97 13.04
N GLY A 1 5.50 29.19 -7.54
CA GLY A 1 6.43 29.00 -6.40
C GLY A 1 6.89 27.56 -6.27
N SER A 2 6.31 26.82 -5.33
CA SER A 2 6.67 25.42 -5.11
C SER A 2 5.62 24.47 -5.70
N LEU A 3 4.50 25.01 -6.19
CA LEU A 3 3.45 24.19 -6.81
C LEU A 3 3.88 23.85 -8.23
N THR A 4 4.97 23.10 -8.35
CA THR A 4 5.51 22.71 -9.64
C THR A 4 6.27 21.38 -9.54
N TYR A 5 7.15 21.11 -10.51
CA TYR A 5 7.92 19.86 -10.57
C TYR A 5 8.58 19.46 -9.26
N GLU A 6 9.02 20.42 -8.44
CA GLU A 6 9.66 20.10 -7.16
C GLU A 6 8.64 19.62 -6.13
N GLU A 7 7.36 19.88 -6.39
CA GLU A 7 6.28 19.47 -5.48
C GLU A 7 5.90 18.01 -5.71
N VAL A 8 5.82 17.62 -6.99
CA VAL A 8 5.47 16.24 -7.34
C VAL A 8 6.62 15.29 -7.04
N LEU A 9 7.86 15.76 -7.25
CA LEU A 9 9.04 14.94 -6.99
C LEU A 9 9.01 14.35 -5.58
N GLN A 10 8.84 15.22 -4.58
CA GLN A 10 8.78 14.80 -3.18
C GLN A 10 7.60 13.86 -2.90
N GLU A 11 6.58 13.88 -3.76
CA GLU A 11 5.42 13.02 -3.59
C GLU A 11 5.80 11.55 -3.77
N LEU A 12 6.46 11.24 -4.89
CA LEU A 12 6.87 9.87 -5.19
C LEU A 12 7.70 9.25 -4.06
N VAL A 13 8.61 10.04 -3.46
CA VAL A 13 9.44 9.54 -2.37
C VAL A 13 8.63 9.37 -1.07
N LYS A 14 7.44 9.97 -1.03
CA LYS A 14 6.56 9.87 0.12
C LYS A 14 5.67 8.64 -0.01
N HIS A 15 5.05 8.50 -1.19
CA HIS A 15 4.18 7.35 -1.47
C HIS A 15 4.98 6.05 -1.51
N LYS A 16 6.21 6.12 -2.00
CA LYS A 16 7.08 4.94 -2.09
C LYS A 16 7.55 4.51 -0.70
N GLU A 17 8.00 5.47 0.10
CA GLU A 17 8.47 5.18 1.46
C GLU A 17 7.31 4.73 2.35
N LEU A 18 6.12 5.28 2.09
CA LEU A 18 4.93 4.91 2.86
C LEU A 18 4.58 3.45 2.62
N LEU A 19 4.72 3.01 1.37
CA LEU A 19 4.44 1.62 1.00
C LEU A 19 5.35 0.67 1.77
N ARG A 20 6.59 1.11 2.03
CA ARG A 20 7.56 0.28 2.77
C ARG A 20 7.04 0.00 4.17
N ARG A 21 6.81 1.07 4.96
CA ARG A 21 6.31 0.92 6.34
C ARG A 21 5.15 -0.07 6.43
N LYS A 22 4.19 0.04 5.51
CA LYS A 22 3.04 -0.88 5.49
C LYS A 22 3.50 -2.32 5.70
N ASP A 23 4.47 -2.75 4.89
CA ASP A 23 5.03 -4.10 4.99
C ASP A 23 5.88 -4.25 6.25
N THR A 24 6.93 -3.42 6.34
CA THR A 24 7.84 -3.45 7.49
C THR A 24 7.09 -3.51 8.82
N HIS A 25 5.96 -2.80 8.91
CA HIS A 25 5.16 -2.77 10.13
C HIS A 25 4.55 -4.14 10.43
N ILE A 26 3.83 -4.71 9.47
CA ILE A 26 3.21 -6.02 9.67
C ILE A 26 4.27 -7.07 10.01
N ARG A 27 5.38 -7.07 9.25
CA ARG A 27 6.47 -8.02 9.49
C ARG A 27 7.03 -7.87 10.90
N GLU A 28 7.12 -6.63 11.37
CA GLU A 28 7.63 -6.37 12.73
C GLU A 28 6.62 -6.87 13.76
N LEU A 29 5.35 -6.52 13.58
CA LEU A 29 4.29 -6.96 14.48
C LEU A 29 4.06 -8.47 14.38
N GLU A 30 4.68 -9.10 13.38
CA GLU A 30 4.56 -10.54 13.19
C GLU A 30 5.42 -11.27 14.22
N ASP A 31 6.49 -10.61 14.68
CA ASP A 31 7.38 -11.17 15.70
C ASP A 31 6.80 -10.93 17.10
N TYR A 32 5.97 -9.89 17.22
CA TYR A 32 5.33 -9.56 18.50
C TYR A 32 4.30 -10.63 18.86
N ILE A 33 3.52 -11.05 17.86
CA ILE A 33 2.50 -12.08 18.05
C ILE A 33 3.12 -13.49 18.03
N ASP A 34 4.38 -13.58 17.60
CA ASP A 34 5.09 -14.86 17.55
C ASP A 34 5.32 -15.40 18.95
N ASN A 35 5.54 -14.50 19.91
CA ASN A 35 5.77 -14.87 21.31
C ASN A 35 4.79 -15.95 21.77
N LEU A 36 3.54 -15.85 21.31
CA LEU A 36 2.51 -16.82 21.65
C LEU A 36 2.83 -18.17 21.02
N LEU A 37 3.20 -18.15 19.73
CA LEU A 37 3.55 -19.37 19.00
C LEU A 37 5.00 -19.31 18.51
N VAL A 38 5.93 -19.17 19.45
CA VAL A 38 7.37 -19.09 19.17
C VAL A 38 8.17 -19.44 20.44
N ARG A 39 9.50 -19.40 20.35
CA ARG A 39 10.35 -19.70 21.51
C ARG A 39 10.29 -18.55 22.52
N VAL A 40 9.69 -18.82 23.68
CA VAL A 40 9.56 -17.80 24.73
C VAL A 40 10.79 -17.79 25.63
N MET A 41 11.21 -16.58 26.04
CA MET A 41 12.38 -16.42 26.91
C MET A 41 11.97 -15.87 28.27
N GLY B 1 13.20 12.63 -24.28
CA GLY B 1 11.90 12.95 -24.92
C GLY B 1 10.91 13.58 -23.97
N SER B 2 10.31 12.75 -23.11
CA SER B 2 9.33 13.22 -22.12
C SER B 2 9.75 12.85 -20.70
N LEU B 3 11.05 12.70 -20.48
CA LEU B 3 11.57 12.38 -19.15
C LEU B 3 11.69 13.66 -18.33
N THR B 4 10.56 14.34 -18.16
CA THR B 4 10.48 15.60 -17.44
C THR B 4 9.22 15.64 -16.58
N TYR B 5 8.79 16.84 -16.20
CA TYR B 5 7.60 17.03 -15.35
C TYR B 5 6.38 16.22 -15.80
N GLU B 6 6.20 16.02 -17.11
CA GLU B 6 5.04 15.26 -17.60
C GLU B 6 5.23 13.75 -17.35
N GLU B 7 6.46 13.34 -17.05
CA GLU B 7 6.75 11.93 -16.79
C GLU B 7 6.43 11.58 -15.34
N VAL B 8 6.79 12.47 -14.41
CA VAL B 8 6.53 12.24 -13.00
C VAL B 8 5.04 12.40 -12.67
N LEU B 9 4.38 13.34 -13.36
CA LEU B 9 2.95 13.58 -13.14
C LEU B 9 2.15 12.28 -13.27
N GLN B 10 2.33 11.58 -14.40
CA GLN B 10 1.63 10.32 -14.65
C GLN B 10 1.99 9.24 -13.62
N GLU B 11 3.14 9.40 -12.94
CA GLU B 11 3.56 8.43 -11.95
C GLU B 11 2.61 8.43 -10.75
N LEU B 12 2.38 9.63 -10.17
CA LEU B 12 1.50 9.77 -9.03
C LEU B 12 0.11 9.15 -9.27
N VAL B 13 -0.45 9.35 -10.46
CA VAL B 13 -1.76 8.80 -10.80
C VAL B 13 -1.70 7.26 -10.99
N LYS B 14 -0.49 6.74 -11.14
CA LYS B 14 -0.29 5.30 -11.30
C LYS B 14 -0.14 4.64 -9.93
N HIS B 15 0.73 5.23 -9.09
CA HIS B 15 0.96 4.72 -7.74
C HIS B 15 -0.29 4.88 -6.87
N LYS B 16 -1.03 5.96 -7.09
CA LYS B 16 -2.26 6.23 -6.33
C LYS B 16 -3.37 5.25 -6.72
N GLU B 17 -3.56 5.06 -8.03
CA GLU B 17 -4.59 4.15 -8.54
C GLU B 17 -4.24 2.71 -8.20
N LEU B 18 -2.93 2.40 -8.18
CA LEU B 18 -2.46 1.05 -7.85
C LEU B 18 -2.82 0.71 -6.41
N LEU B 19 -2.67 1.70 -5.52
CA LEU B 19 -2.98 1.52 -4.11
C LEU B 19 -4.46 1.16 -3.92
N ARG B 20 -5.32 1.72 -4.78
CA ARG B 20 -6.76 1.45 -4.73
C ARG B 20 -7.02 -0.02 -4.95
N ARG B 21 -6.62 -0.54 -6.13
CA ARG B 21 -6.82 -1.95 -6.47
C ARG B 21 -6.44 -2.88 -5.32
N LYS B 22 -5.28 -2.63 -4.70
CA LYS B 22 -4.82 -3.46 -3.58
C LYS B 22 -5.96 -3.71 -2.60
N ASP B 23 -6.62 -2.63 -2.18
CA ASP B 23 -7.76 -2.72 -1.26
C ASP B 23 -8.97 -3.32 -1.96
N THR B 24 -9.43 -2.65 -3.01
CA THR B 24 -10.60 -3.09 -3.78
C THR B 24 -10.55 -4.58 -4.09
N HIS B 25 -9.35 -5.10 -4.38
CA HIS B 25 -9.17 -6.51 -4.71
C HIS B 25 -9.48 -7.41 -3.51
N ILE B 26 -8.82 -7.14 -2.37
CA ILE B 26 -9.06 -7.94 -1.17
C ILE B 26 -10.53 -7.89 -0.76
N ARG B 27 -11.11 -6.69 -0.76
CA ARG B 27 -12.51 -6.51 -0.40
C ARG B 27 -13.43 -7.32 -1.33
N GLU B 28 -13.08 -7.36 -2.62
CA GLU B 28 -13.86 -8.11 -3.59
C GLU B 28 -13.72 -9.62 -3.32
N LEU B 29 -12.47 -10.08 -3.15
CA LEU B 29 -12.20 -11.48 -2.87
C LEU B 29 -12.71 -11.87 -1.47
N GLU B 30 -13.12 -10.88 -0.68
CA GLU B 30 -13.66 -11.12 0.65
C GLU B 30 -15.09 -11.66 0.54
N ASP B 31 -15.78 -11.30 -0.56
CA ASP B 31 -17.14 -11.78 -0.80
C ASP B 31 -17.11 -13.16 -1.45
N TYR B 32 -16.00 -13.47 -2.14
CA TYR B 32 -15.83 -14.78 -2.78
C TYR B 32 -15.67 -15.88 -1.72
N ILE B 33 -14.88 -15.58 -0.68
CA ILE B 33 -14.66 -16.52 0.41
C ILE B 33 -15.81 -16.50 1.41
N ASP B 34 -16.69 -15.50 1.29
CA ASP B 34 -17.85 -15.37 2.18
C ASP B 34 -18.84 -16.50 1.93
N ASN B 35 -18.93 -16.96 0.67
CA ASN B 35 -19.83 -18.05 0.29
C ASN B 35 -19.76 -19.20 1.30
N LEU B 36 -18.55 -19.48 1.79
CA LEU B 36 -18.35 -20.54 2.78
C LEU B 36 -19.02 -20.17 4.10
N LEU B 37 -18.81 -18.92 4.54
CA LEU B 37 -19.39 -18.43 5.79
C LEU B 37 -20.31 -17.23 5.52
N VAL B 38 -21.35 -17.43 4.70
CA VAL B 38 -22.29 -16.37 4.37
C VAL B 38 -22.77 -15.64 5.63
N ARG B 39 -23.15 -14.37 5.47
CA ARG B 39 -23.61 -13.53 6.59
C ARG B 39 -24.69 -14.22 7.42
N VAL B 40 -24.27 -15.05 8.37
CA VAL B 40 -25.18 -15.78 9.25
C VAL B 40 -24.48 -16.10 10.58
N MET B 41 -24.28 -15.06 11.40
CA MET B 41 -23.62 -15.22 12.69
C MET B 41 -24.59 -14.93 13.84
N GLY A 1 4.97 29.08 -7.58
CA GLY A 1 6.17 29.07 -6.70
C GLY A 1 6.72 27.68 -6.47
N SER A 2 6.31 27.05 -5.38
CA SER A 2 6.76 25.69 -5.03
C SER A 2 5.83 24.63 -5.60
N LEU A 3 4.53 24.91 -5.63
CA LEU A 3 3.54 23.96 -6.16
C LEU A 3 3.81 23.72 -7.65
N THR A 4 4.84 22.93 -7.91
CA THR A 4 5.28 22.63 -9.26
C THR A 4 6.18 21.39 -9.28
N TYR A 5 7.00 21.27 -10.34
CA TYR A 5 7.91 20.14 -10.52
C TYR A 5 8.51 19.67 -9.19
N GLU A 6 9.17 20.58 -8.47
CA GLU A 6 9.80 20.24 -7.19
C GLU A 6 8.78 19.71 -6.18
N GLU A 7 7.53 20.17 -6.27
CA GLU A 7 6.48 19.75 -5.34
C GLU A 7 5.93 18.36 -5.69
N VAL A 8 6.10 17.92 -6.94
CA VAL A 8 5.64 16.60 -7.35
C VAL A 8 6.72 15.54 -7.14
N LEU A 9 8.00 15.98 -7.17
CA LEU A 9 9.13 15.08 -6.97
C LEU A 9 9.02 14.41 -5.60
N GLN A 10 9.00 15.23 -4.54
CA GLN A 10 8.90 14.73 -3.17
C GLN A 10 7.72 13.77 -3.01
N GLU A 11 6.62 14.05 -3.72
CA GLU A 11 5.42 13.21 -3.64
C GLU A 11 5.69 11.75 -4.01
N LEU A 12 6.71 11.51 -4.84
CA LEU A 12 7.04 10.14 -5.24
C LEU A 12 7.56 9.34 -4.06
N VAL A 13 8.79 9.64 -3.61
CA VAL A 13 9.40 8.92 -2.48
C VAL A 13 8.43 8.68 -1.34
N LYS A 14 7.58 9.68 -1.03
CA LYS A 14 6.59 9.53 0.04
C LYS A 14 5.69 8.33 -0.22
N HIS A 15 5.02 8.34 -1.37
CA HIS A 15 4.10 7.26 -1.75
C HIS A 15 4.72 5.88 -1.56
N LYS A 16 6.00 5.69 -1.96
CA LYS A 16 6.64 4.38 -1.83
C LYS A 16 7.07 4.08 -0.39
N GLU A 17 7.65 5.07 0.30
CA GLU A 17 8.10 4.86 1.68
C GLU A 17 6.93 4.43 2.56
N LEU A 18 5.72 4.91 2.23
CA LEU A 18 4.52 4.54 2.97
C LEU A 18 4.17 3.07 2.74
N LEU A 19 4.55 2.55 1.56
CA LEU A 19 4.30 1.14 1.22
C LEU A 19 5.38 0.24 1.83
N ARG A 20 6.61 0.78 1.92
CA ARG A 20 7.73 0.04 2.51
C ARG A 20 7.49 -0.13 4.01
N ARG A 21 7.39 1.00 4.71
CA ARG A 21 7.15 0.99 6.16
C ARG A 21 5.96 0.10 6.51
N LYS A 22 4.87 0.24 5.75
CA LYS A 22 3.65 -0.56 5.99
C LYS A 22 3.96 -2.06 6.00
N ASP A 23 4.93 -2.50 5.20
CA ASP A 23 5.32 -3.90 5.15
C ASP A 23 6.21 -4.24 6.33
N THR A 24 7.13 -3.33 6.67
CA THR A 24 8.04 -3.52 7.79
C THR A 24 7.27 -3.53 9.11
N HIS A 25 6.10 -2.91 9.14
CA HIS A 25 5.26 -2.86 10.33
C HIS A 25 4.58 -4.21 10.55
N ILE A 26 4.04 -4.80 9.49
CA ILE A 26 3.41 -6.11 9.59
C ILE A 26 4.49 -7.18 9.79
N ARG A 27 5.71 -6.86 9.32
CA ARG A 27 6.86 -7.75 9.46
C ARG A 27 7.36 -7.75 10.91
N GLU A 28 7.50 -6.55 11.49
CA GLU A 28 7.96 -6.42 12.88
C GLU A 28 6.89 -6.92 13.85
N LEU A 29 5.62 -6.61 13.56
CA LEU A 29 4.52 -7.05 14.42
C LEU A 29 4.37 -8.57 14.41
N GLU A 30 4.81 -9.21 13.32
CA GLU A 30 4.73 -10.66 13.21
C GLU A 30 5.67 -11.35 14.21
N ASP A 31 6.76 -10.65 14.57
CA ASP A 31 7.71 -11.16 15.54
C ASP A 31 7.14 -11.07 16.96
N TYR A 32 6.42 -9.97 17.21
CA TYR A 32 5.79 -9.74 18.51
C TYR A 32 4.68 -10.77 18.75
N ILE A 33 3.93 -11.08 17.69
CA ILE A 33 2.83 -12.04 17.77
C ILE A 33 3.33 -13.48 17.90
N ASP A 34 4.56 -13.75 17.42
CA ASP A 34 5.13 -15.09 17.50
C ASP A 34 5.26 -15.58 18.93
N ASN A 35 5.51 -14.66 19.88
CA ASN A 35 5.67 -15.00 21.30
C ASN A 35 4.69 -16.10 21.72
N LEU A 36 3.43 -15.98 21.27
CA LEU A 36 2.40 -16.97 21.59
C LEU A 36 2.77 -18.32 21.00
N LEU A 37 3.13 -18.32 19.71
CA LEU A 37 3.52 -19.53 19.00
C LEU A 37 4.99 -19.45 18.57
N VAL A 38 5.87 -19.31 19.57
CA VAL A 38 7.32 -19.23 19.36
C VAL A 38 8.03 -19.27 20.71
N ARG A 39 9.32 -19.64 20.71
CA ARG A 39 10.10 -19.72 21.94
C ARG A 39 9.99 -18.42 22.75
N VAL A 40 9.63 -18.55 24.02
CA VAL A 40 9.50 -17.40 24.91
C VAL A 40 10.67 -17.32 25.89
N MET A 41 11.04 -16.10 26.26
CA MET A 41 12.15 -15.87 27.19
C MET A 41 11.74 -14.91 28.31
N GLY B 1 13.81 12.85 -24.45
CA GLY B 1 12.42 12.71 -24.96
C GLY B 1 11.41 13.46 -24.12
N SER B 2 10.64 12.72 -23.30
CA SER B 2 9.63 13.33 -22.43
C SER B 2 9.86 12.99 -20.97
N LEU B 3 11.06 12.47 -20.63
CA LEU B 3 11.38 12.14 -19.24
C LEU B 3 11.54 13.44 -18.45
N THR B 4 10.41 14.08 -18.16
CA THR B 4 10.39 15.34 -17.46
C THR B 4 9.09 15.54 -16.68
N TYR B 5 8.76 16.81 -16.39
CA TYR B 5 7.56 17.17 -15.63
C TYR B 5 6.35 16.30 -16.00
N GLU B 6 6.00 16.29 -17.29
CA GLU B 6 4.86 15.51 -17.77
C GLU B 6 5.02 14.01 -17.48
N GLU B 7 6.26 13.53 -17.46
CA GLU B 7 6.55 12.12 -17.19
C GLU B 7 6.45 11.77 -15.71
N VAL B 8 6.56 12.77 -14.82
CA VAL B 8 6.46 12.53 -13.38
C VAL B 8 5.00 12.69 -12.92
N LEU B 9 4.23 13.50 -13.64
CA LEU B 9 2.83 13.73 -13.31
C LEU B 9 2.06 12.40 -13.33
N GLN B 10 2.07 11.72 -14.49
CA GLN B 10 1.39 10.44 -14.65
C GLN B 10 1.81 9.44 -13.56
N GLU B 11 3.08 9.49 -13.16
CA GLU B 11 3.60 8.58 -12.13
C GLU B 11 2.81 8.69 -10.82
N LEU B 12 2.21 9.85 -10.54
CA LEU B 12 1.45 10.02 -9.31
C LEU B 12 0.20 9.14 -9.32
N VAL B 13 -0.80 9.51 -10.13
CA VAL B 13 -2.05 8.76 -10.21
C VAL B 13 -1.83 7.25 -10.23
N LYS B 14 -0.80 6.79 -10.96
CA LYS B 14 -0.49 5.36 -11.03
C LYS B 14 -0.26 4.79 -9.62
N HIS B 15 0.71 5.37 -8.93
CA HIS B 15 1.05 4.93 -7.57
C HIS B 15 -0.16 4.77 -6.67
N LYS B 16 -1.11 5.73 -6.71
CA LYS B 16 -2.29 5.65 -5.86
C LYS B 16 -3.32 4.64 -6.37
N GLU B 17 -3.58 4.64 -7.70
CA GLU B 17 -4.55 3.70 -8.27
C GLU B 17 -4.17 2.26 -7.94
N LEU B 18 -2.86 2.00 -7.84
CA LEU B 18 -2.36 0.66 -7.52
C LEU B 18 -2.71 0.32 -6.06
N LEU B 19 -2.81 1.34 -5.21
CA LEU B 19 -3.16 1.15 -3.80
C LEU B 19 -4.68 1.02 -3.64
N ARG B 20 -5.43 1.73 -4.49
CA ARG B 20 -6.89 1.67 -4.46
C ARG B 20 -7.36 0.29 -4.92
N ARG B 21 -7.00 -0.07 -6.16
CA ARG B 21 -7.36 -1.36 -6.73
C ARG B 21 -6.98 -2.50 -5.77
N LYS B 22 -5.77 -2.45 -5.23
CA LYS B 22 -5.27 -3.46 -4.31
C LYS B 22 -6.25 -3.68 -3.14
N ASP B 23 -6.92 -2.62 -2.70
CA ASP B 23 -7.88 -2.71 -1.61
C ASP B 23 -9.20 -3.26 -2.11
N THR B 24 -9.61 -2.83 -3.30
CA THR B 24 -10.85 -3.29 -3.93
C THR B 24 -10.75 -4.79 -4.27
N HIS B 25 -9.53 -5.28 -4.46
CA HIS B 25 -9.30 -6.68 -4.78
C HIS B 25 -9.50 -7.55 -3.55
N ILE B 26 -8.94 -7.12 -2.41
CA ILE B 26 -9.13 -7.85 -1.16
C ILE B 26 -10.57 -7.69 -0.68
N ARG B 27 -11.20 -6.59 -1.09
CA ARG B 27 -12.59 -6.31 -0.75
C ARG B 27 -13.53 -7.21 -1.55
N GLU B 28 -13.28 -7.31 -2.87
CA GLU B 28 -14.11 -8.16 -3.73
C GLU B 28 -13.87 -9.64 -3.43
N LEU B 29 -12.61 -10.01 -3.18
CA LEU B 29 -12.27 -11.40 -2.87
C LEU B 29 -12.88 -11.84 -1.54
N GLU B 30 -13.13 -10.88 -0.64
CA GLU B 30 -13.72 -11.18 0.67
C GLU B 30 -15.17 -11.65 0.50
N ASP B 31 -15.83 -11.19 -0.57
CA ASP B 31 -17.21 -11.59 -0.85
C ASP B 31 -17.24 -13.02 -1.39
N TYR B 32 -16.25 -13.35 -2.22
CA TYR B 32 -16.13 -14.68 -2.80
C TYR B 32 -15.84 -15.72 -1.72
N ILE B 33 -14.99 -15.34 -0.75
CA ILE B 33 -14.61 -16.22 0.34
C ILE B 33 -15.75 -16.41 1.34
N ASP B 34 -16.65 -15.43 1.42
CA ASP B 34 -17.79 -15.50 2.36
C ASP B 34 -18.68 -16.72 2.08
N ASN B 35 -18.79 -17.12 0.81
CA ASN B 35 -19.62 -18.27 0.41
C ASN B 35 -19.53 -19.40 1.43
N LEU B 36 -18.31 -19.68 1.92
CA LEU B 36 -18.09 -20.74 2.91
C LEU B 36 -18.81 -20.38 4.21
N LEU B 37 -18.60 -19.15 4.68
CA LEU B 37 -19.23 -18.66 5.90
C LEU B 37 -20.18 -17.49 5.59
N VAL B 38 -21.19 -17.77 4.77
CA VAL B 38 -22.16 -16.75 4.36
C VAL B 38 -22.65 -15.95 5.55
N ARG B 39 -22.21 -14.69 5.60
CA ARG B 39 -22.50 -13.78 6.72
C ARG B 39 -23.97 -13.81 7.14
N VAL B 40 -24.25 -14.75 8.04
CA VAL B 40 -25.58 -14.94 8.61
C VAL B 40 -25.45 -15.31 10.09
N MET B 41 -24.82 -14.41 10.87
CA MET B 41 -24.61 -14.64 12.30
C MET B 41 -25.78 -14.10 13.12
N GLY A 1 5.01 29.10 -7.74
CA GLY A 1 6.23 29.00 -6.90
C GLY A 1 6.68 27.56 -6.69
N SER A 2 6.29 26.99 -5.55
CA SER A 2 6.65 25.61 -5.22
C SER A 2 5.64 24.61 -5.78
N LEU A 3 4.50 25.10 -6.26
CA LEU A 3 3.48 24.22 -6.84
C LEU A 3 3.89 23.83 -8.25
N THR A 4 5.02 23.13 -8.35
CA THR A 4 5.57 22.70 -9.63
C THR A 4 6.30 21.37 -9.49
N TYR A 5 7.21 21.09 -10.43
CA TYR A 5 7.97 19.83 -10.46
C TYR A 5 8.54 19.44 -9.09
N GLU A 6 8.97 20.40 -8.29
CA GLU A 6 9.53 20.09 -6.97
C GLU A 6 8.46 19.65 -5.98
N GLU A 7 7.19 19.93 -6.30
CA GLU A 7 6.07 19.56 -5.44
C GLU A 7 5.71 18.09 -5.63
N VAL A 8 5.68 17.65 -6.89
CA VAL A 8 5.35 16.28 -7.23
C VAL A 8 6.50 15.33 -6.86
N LEU A 9 7.74 15.79 -7.03
CA LEU A 9 8.92 14.99 -6.72
C LEU A 9 8.85 14.44 -5.30
N GLN A 10 8.66 15.34 -4.32
CA GLN A 10 8.57 14.95 -2.92
C GLN A 10 7.31 14.12 -2.64
N GLU A 11 6.31 14.25 -3.53
CA GLU A 11 5.07 13.50 -3.40
C GLU A 11 5.25 12.07 -3.93
N LEU A 12 6.21 11.90 -4.84
CA LEU A 12 6.51 10.60 -5.42
C LEU A 12 7.20 9.71 -4.40
N VAL A 13 8.33 10.20 -3.88
CA VAL A 13 9.10 9.45 -2.89
C VAL A 13 8.22 9.00 -1.72
N LYS A 14 7.52 9.95 -1.10
CA LYS A 14 6.63 9.66 0.04
C LYS A 14 5.72 8.45 -0.23
N HIS A 15 5.22 8.34 -1.46
CA HIS A 15 4.34 7.22 -1.82
C HIS A 15 5.11 5.89 -1.80
N LYS A 16 6.36 5.94 -2.25
CA LYS A 16 7.22 4.76 -2.29
C LYS A 16 7.68 4.36 -0.87
N GLU A 17 8.05 5.35 -0.07
CA GLU A 17 8.51 5.10 1.30
C GLU A 17 7.36 4.65 2.20
N LEU A 18 6.16 5.16 1.94
CA LEU A 18 4.98 4.78 2.73
C LEU A 18 4.65 3.30 2.52
N LEU A 19 4.85 2.83 1.29
CA LEU A 19 4.60 1.43 0.95
C LEU A 19 5.52 0.51 1.75
N ARG A 20 6.74 0.98 2.02
CA ARG A 20 7.71 0.20 2.78
C ARG A 20 7.22 -0.05 4.19
N ARG A 21 6.98 1.02 4.96
CA ARG A 21 6.50 0.88 6.34
C ARG A 21 5.33 -0.09 6.43
N LYS A 22 4.38 0.00 5.50
CA LYS A 22 3.21 -0.89 5.48
C LYS A 22 3.65 -2.34 5.74
N ASP A 23 4.66 -2.78 4.98
CA ASP A 23 5.20 -4.13 5.12
C ASP A 23 6.01 -4.25 6.41
N THR A 24 7.05 -3.42 6.53
CA THR A 24 7.94 -3.41 7.71
C THR A 24 7.15 -3.49 9.03
N HIS A 25 6.00 -2.83 9.07
CA HIS A 25 5.17 -2.81 10.28
C HIS A 25 4.46 -4.13 10.51
N ILE A 26 3.93 -4.71 9.44
CA ILE A 26 3.25 -6.01 9.53
C ILE A 26 4.28 -7.13 9.77
N ARG A 27 5.56 -6.82 9.48
CA ARG A 27 6.65 -7.77 9.67
C ARG A 27 7.14 -7.75 11.11
N GLU A 28 7.32 -6.53 11.66
CA GLU A 28 7.76 -6.37 13.05
C GLU A 28 6.70 -6.91 13.99
N LEU A 29 5.44 -6.57 13.71
CA LEU A 29 4.31 -7.04 14.52
C LEU A 29 4.11 -8.55 14.37
N GLU A 30 4.72 -9.14 13.33
CA GLU A 30 4.63 -10.58 13.10
C GLU A 30 5.44 -11.35 14.14
N ASP A 31 6.55 -10.74 14.58
CA ASP A 31 7.40 -11.34 15.61
C ASP A 31 6.84 -11.07 17.00
N TYR A 32 6.02 -10.02 17.11
CA TYR A 32 5.38 -9.66 18.37
C TYR A 32 4.31 -10.69 18.71
N ILE A 33 3.57 -11.12 17.69
CA ILE A 33 2.53 -12.14 17.87
C ILE A 33 3.14 -13.54 17.90
N ASP A 34 4.43 -13.65 17.55
CA ASP A 34 5.13 -14.93 17.56
C ASP A 34 5.29 -15.45 18.98
N ASN A 35 5.55 -14.53 19.91
CA ASN A 35 5.72 -14.87 21.33
C ASN A 35 4.70 -15.90 21.78
N LEU A 36 3.46 -15.79 21.27
CA LEU A 36 2.40 -16.73 21.61
C LEU A 36 2.71 -18.12 21.03
N LEU A 37 3.07 -18.13 19.74
CA LEU A 37 3.42 -19.38 19.05
C LEU A 37 4.87 -19.33 18.55
N VAL A 38 5.81 -19.18 19.50
CA VAL A 38 7.24 -19.13 19.20
C VAL A 38 8.05 -19.53 20.43
N ARG A 39 9.39 -19.50 20.33
CA ARG A 39 10.25 -19.86 21.45
C ARG A 39 10.32 -18.70 22.45
N VAL A 40 9.58 -18.84 23.56
CA VAL A 40 9.54 -17.81 24.59
C VAL A 40 10.81 -17.83 25.46
N MET A 41 11.12 -16.68 26.06
CA MET A 41 12.31 -16.56 26.91
C MET A 41 11.96 -15.88 28.23
N GLY B 1 13.57 13.20 -24.10
CA GLY B 1 12.25 13.36 -24.78
C GLY B 1 11.17 13.84 -23.83
N SER B 2 10.52 12.91 -23.15
CA SER B 2 9.46 13.24 -22.19
C SER B 2 9.82 12.81 -20.77
N LEU B 3 11.13 12.74 -20.48
CA LEU B 3 11.60 12.38 -19.15
C LEU B 3 11.69 13.64 -18.29
N THR B 4 10.57 14.37 -18.22
CA THR B 4 10.47 15.60 -17.45
C THR B 4 9.20 15.60 -16.61
N TYR B 5 8.72 16.78 -16.21
CA TYR B 5 7.51 16.92 -15.38
C TYR B 5 6.36 16.03 -15.83
N GLU B 6 6.19 15.82 -17.15
CA GLU B 6 5.10 14.98 -17.65
C GLU B 6 5.35 13.49 -17.38
N GLU B 7 6.60 13.14 -17.08
CA GLU B 7 6.97 11.76 -16.79
C GLU B 7 6.60 11.39 -15.35
N VAL B 8 6.90 12.30 -14.42
CA VAL B 8 6.60 12.08 -13.00
C VAL B 8 5.09 12.18 -12.73
N LEU B 9 4.41 13.09 -13.45
CA LEU B 9 2.97 13.28 -13.28
C LEU B 9 2.22 11.96 -13.43
N GLN B 10 2.44 11.28 -14.56
CA GLN B 10 1.79 9.99 -14.82
C GLN B 10 2.28 8.91 -13.86
N GLU B 11 3.44 9.12 -13.25
CA GLU B 11 4.01 8.18 -12.29
C GLU B 11 3.36 8.38 -10.91
N LEU B 12 2.86 9.60 -10.67
CA LEU B 12 2.21 9.93 -9.41
C LEU B 12 0.84 9.26 -9.34
N VAL B 13 0.00 9.55 -10.33
CA VAL B 13 -1.35 8.99 -10.38
C VAL B 13 -1.31 7.46 -10.25
N LYS B 14 -0.53 6.80 -11.10
CA LYS B 14 -0.41 5.34 -11.08
C LYS B 14 -0.19 4.79 -9.67
N HIS B 15 0.61 5.49 -8.87
CA HIS B 15 0.89 5.07 -7.49
C HIS B 15 -0.37 5.16 -6.63
N LYS B 16 -1.17 6.19 -6.87
CA LYS B 16 -2.41 6.41 -6.12
C LYS B 16 -3.49 5.42 -6.56
N GLU B 17 -3.60 5.19 -7.87
CA GLU B 17 -4.60 4.27 -8.41
C GLU B 17 -4.26 2.82 -8.08
N LEU B 18 -2.97 2.50 -8.00
CA LEU B 18 -2.53 1.14 -7.67
C LEU B 18 -2.93 0.80 -6.23
N LEU B 19 -2.84 1.80 -5.35
CA LEU B 19 -3.21 1.62 -3.95
C LEU B 19 -4.68 1.25 -3.81
N ARG B 20 -5.51 1.78 -4.72
CA ARG B 20 -6.95 1.52 -4.70
C ARG B 20 -7.21 0.04 -4.96
N ARG B 21 -6.79 -0.47 -6.12
CA ARG B 21 -6.99 -1.88 -6.47
C ARG B 21 -6.59 -2.80 -5.33
N LYS B 22 -5.45 -2.53 -4.70
CA LYS B 22 -4.98 -3.35 -3.57
C LYS B 22 -6.12 -3.65 -2.61
N ASP B 23 -6.85 -2.61 -2.22
CA ASP B 23 -7.99 -2.73 -1.32
C ASP B 23 -9.17 -3.37 -2.04
N THR B 24 -9.62 -2.72 -3.12
CA THR B 24 -10.76 -3.21 -3.92
C THR B 24 -10.68 -4.72 -4.20
N HIS B 25 -9.47 -5.22 -4.42
CA HIS B 25 -9.26 -6.64 -4.72
C HIS B 25 -9.44 -7.51 -3.48
N ILE B 26 -8.91 -7.06 -2.34
CA ILE B 26 -9.06 -7.80 -1.09
C ILE B 26 -10.49 -7.69 -0.58
N ARG B 27 -11.23 -6.71 -1.11
CA ARG B 27 -12.64 -6.49 -0.73
C ARG B 27 -13.56 -7.39 -1.56
N GLU B 28 -13.30 -7.47 -2.88
CA GLU B 28 -14.10 -8.33 -3.77
C GLU B 28 -13.87 -9.79 -3.41
N LEU B 29 -12.61 -10.15 -3.16
CA LEU B 29 -12.27 -11.52 -2.78
C LEU B 29 -12.80 -11.85 -1.37
N GLU B 30 -13.18 -10.81 -0.61
CA GLU B 30 -13.73 -11.01 0.73
C GLU B 30 -15.13 -11.60 0.66
N ASP B 31 -15.87 -11.23 -0.39
CA ASP B 31 -17.23 -11.74 -0.61
C ASP B 31 -17.18 -13.11 -1.29
N TYR B 32 -16.05 -13.40 -1.95
CA TYR B 32 -15.84 -14.68 -2.61
C TYR B 32 -15.65 -15.77 -1.56
N ILE B 33 -14.89 -15.44 -0.52
CA ILE B 33 -14.64 -16.37 0.58
C ILE B 33 -15.83 -16.38 1.56
N ASP B 34 -16.75 -15.44 1.40
CA ASP B 34 -17.94 -15.36 2.25
C ASP B 34 -18.86 -16.55 2.00
N ASN B 35 -18.96 -16.96 0.74
CA ASN B 35 -19.79 -18.11 0.33
C ASN B 35 -19.67 -19.26 1.34
N LEU B 36 -18.45 -19.48 1.84
CA LEU B 36 -18.21 -20.54 2.82
C LEU B 36 -18.92 -20.21 4.14
N LEU B 37 -18.73 -18.98 4.61
CA LEU B 37 -19.35 -18.53 5.85
C LEU B 37 -20.27 -17.32 5.59
N VAL B 38 -21.30 -17.55 4.77
CA VAL B 38 -22.26 -16.49 4.42
C VAL B 38 -22.75 -15.75 5.67
N ARG B 39 -23.15 -14.49 5.49
CA ARG B 39 -23.64 -13.63 6.58
C ARG B 39 -24.71 -14.32 7.43
N VAL B 40 -24.26 -15.14 8.38
CA VAL B 40 -25.15 -15.87 9.28
C VAL B 40 -24.47 -16.09 10.62
N MET B 41 -24.10 -14.99 11.29
CA MET B 41 -23.42 -15.05 12.59
C MET B 41 -24.41 -14.81 13.73
N GLY A 1 5.38 29.32 -7.31
CA GLY A 1 6.44 29.11 -6.27
C GLY A 1 6.89 27.67 -6.19
N SER A 2 6.31 26.92 -5.26
CA SER A 2 6.66 25.50 -5.07
C SER A 2 5.52 24.57 -5.52
N LEU A 3 4.63 25.10 -6.36
CA LEU A 3 3.52 24.30 -6.90
C LEU A 3 3.89 23.82 -8.31
N THR A 4 5.10 23.27 -8.41
CA THR A 4 5.63 22.78 -9.68
C THR A 4 6.29 21.41 -9.51
N TYR A 5 7.18 21.06 -10.46
CA TYR A 5 7.86 19.76 -10.46
C TYR A 5 8.61 19.47 -9.16
N GLU A 6 8.97 20.50 -8.40
CA GLU A 6 9.68 20.29 -7.13
C GLU A 6 8.73 19.82 -6.03
N GLU A 7 7.42 19.88 -6.29
CA GLU A 7 6.42 19.47 -5.32
C GLU A 7 5.98 18.02 -5.56
N VAL A 8 5.95 17.61 -6.83
CA VAL A 8 5.55 16.25 -7.18
C VAL A 8 6.61 15.24 -6.75
N LEU A 9 7.88 15.62 -6.86
CA LEU A 9 8.99 14.74 -6.46
C LEU A 9 8.81 14.24 -5.03
N GLN A 10 8.49 15.15 -4.11
CA GLN A 10 8.28 14.79 -2.71
C GLN A 10 7.07 13.87 -2.53
N GLU A 11 6.15 13.89 -3.51
CA GLU A 11 4.96 13.05 -3.47
C GLU A 11 5.31 11.63 -3.94
N LEU A 12 6.28 11.54 -4.85
CA LEU A 12 6.73 10.25 -5.38
C LEU A 12 7.37 9.43 -4.26
N VAL A 13 8.43 9.98 -3.65
CA VAL A 13 9.12 9.31 -2.55
C VAL A 13 8.14 8.89 -1.46
N LYS A 14 7.40 9.86 -0.91
CA LYS A 14 6.43 9.62 0.16
C LYS A 14 5.56 8.39 -0.12
N HIS A 15 5.12 8.24 -1.37
CA HIS A 15 4.28 7.10 -1.75
C HIS A 15 5.08 5.80 -1.71
N LYS A 16 6.34 5.87 -2.13
CA LYS A 16 7.22 4.70 -2.13
C LYS A 16 7.54 4.28 -0.71
N GLU A 17 7.96 5.25 0.12
CA GLU A 17 8.30 4.97 1.51
C GLU A 17 7.08 4.42 2.25
N LEU A 18 6.00 5.21 2.32
CA LEU A 18 4.78 4.80 3.01
C LEU A 18 4.40 3.35 2.69
N LEU A 19 4.52 2.95 1.42
CA LEU A 19 4.19 1.60 1.01
C LEU A 19 5.19 0.59 1.59
N ARG A 20 6.46 0.98 1.65
CA ARG A 20 7.51 0.14 2.19
C ARG A 20 7.28 -0.14 3.67
N ARG A 21 7.18 0.92 4.48
CA ARG A 21 6.96 0.77 5.92
C ARG A 21 5.72 -0.10 6.20
N LYS A 22 4.67 0.07 5.39
CA LYS A 22 3.45 -0.72 5.56
C LYS A 22 3.77 -2.20 5.76
N ASP A 23 4.73 -2.69 4.96
CA ASP A 23 5.17 -4.08 5.06
C ASP A 23 6.02 -4.26 6.31
N THR A 24 7.13 -3.51 6.38
CA THR A 24 8.05 -3.57 7.52
C THR A 24 7.32 -3.49 8.87
N HIS A 25 6.17 -2.79 8.89
CA HIS A 25 5.38 -2.65 10.12
C HIS A 25 4.60 -3.94 10.41
N ILE A 26 3.96 -4.49 9.38
CA ILE A 26 3.21 -5.75 9.54
C ILE A 26 4.18 -6.91 9.74
N ARG A 27 5.47 -6.68 9.46
CA ARG A 27 6.50 -7.69 9.63
C ARG A 27 7.02 -7.70 11.07
N GLU A 28 7.13 -6.51 11.67
CA GLU A 28 7.59 -6.40 13.06
C GLU A 28 6.55 -6.99 14.00
N LEU A 29 5.27 -6.81 13.67
CA LEU A 29 4.18 -7.34 14.47
C LEU A 29 4.07 -8.87 14.33
N GLU A 30 4.73 -9.41 13.29
CA GLU A 30 4.73 -10.86 13.06
C GLU A 30 5.59 -11.55 14.10
N ASP A 31 6.65 -10.85 14.55
CA ASP A 31 7.56 -11.36 15.58
C ASP A 31 7.03 -10.99 16.96
N TYR A 32 6.30 -9.87 17.02
CA TYR A 32 5.72 -9.40 18.28
C TYR A 32 4.64 -10.37 18.75
N ILE A 33 3.82 -10.83 17.80
CA ILE A 33 2.74 -11.77 18.10
C ILE A 33 3.31 -13.18 18.32
N ASP A 34 4.32 -13.55 17.51
CA ASP A 34 4.96 -14.86 17.58
C ASP A 34 5.13 -15.35 19.03
N ASN A 35 5.47 -14.43 19.95
CA ASN A 35 5.67 -14.76 21.36
C ASN A 35 4.71 -15.86 21.82
N LEU A 36 3.43 -15.75 21.43
CA LEU A 36 2.42 -16.75 21.78
C LEU A 36 2.77 -18.10 21.16
N LEU A 37 2.99 -18.10 19.85
CA LEU A 37 3.35 -19.32 19.11
C LEU A 37 4.81 -19.23 18.60
N VAL A 38 5.74 -19.07 19.55
CA VAL A 38 7.17 -18.98 19.24
C VAL A 38 8.01 -19.36 20.47
N ARG A 39 9.34 -19.29 20.34
CA ARG A 39 10.23 -19.62 21.45
C ARG A 39 10.25 -18.48 22.48
N VAL A 40 9.68 -18.74 23.66
CA VAL A 40 9.63 -17.73 24.71
C VAL A 40 10.87 -17.77 25.60
N MET A 41 11.23 -16.62 26.17
CA MET A 41 12.39 -16.51 27.05
C MET A 41 11.99 -16.03 28.43
N GLY B 1 13.43 13.12 -24.36
CA GLY B 1 12.11 13.29 -25.03
C GLY B 1 11.03 13.74 -24.07
N SER B 2 10.62 12.83 -23.18
CA SER B 2 9.57 13.14 -22.20
C SER B 2 9.98 12.71 -20.80
N LEU B 3 11.26 12.90 -20.48
CA LEU B 3 11.80 12.56 -19.16
C LEU B 3 11.77 13.82 -18.28
N THR B 4 10.63 14.50 -18.30
CA THR B 4 10.45 15.74 -17.54
C THR B 4 9.20 15.66 -16.67
N TYR B 5 8.67 16.82 -16.27
CA TYR B 5 7.49 16.89 -15.39
C TYR B 5 6.26 16.16 -15.95
N GLU B 6 6.19 15.98 -17.27
CA GLU B 6 5.05 15.29 -17.87
C GLU B 6 5.14 13.77 -17.67
N GLU B 7 6.31 13.30 -17.21
CA GLU B 7 6.52 11.87 -16.98
C GLU B 7 6.26 11.50 -15.52
N VAL B 8 6.57 12.41 -14.60
CA VAL B 8 6.35 12.18 -13.17
C VAL B 8 4.86 12.15 -12.84
N LEU B 9 4.09 13.01 -13.50
CA LEU B 9 2.64 13.09 -13.27
C LEU B 9 1.99 11.71 -13.42
N GLN B 10 2.33 11.00 -14.51
CA GLN B 10 1.79 9.66 -14.76
C GLN B 10 2.24 8.66 -13.70
N GLU B 11 3.34 8.96 -13.00
CA GLU B 11 3.85 8.10 -11.94
C GLU B 11 3.07 8.34 -10.64
N LEU B 12 2.61 9.58 -10.46
CA LEU B 12 1.83 9.94 -9.28
C LEU B 12 0.50 9.19 -9.27
N VAL B 13 -0.29 9.38 -10.34
CA VAL B 13 -1.58 8.72 -10.46
C VAL B 13 -1.44 7.20 -10.30
N LYS B 14 -0.58 6.59 -11.14
CA LYS B 14 -0.36 5.15 -11.11
C LYS B 14 -0.16 4.62 -9.69
N HIS B 15 0.60 5.36 -8.87
CA HIS B 15 0.85 4.95 -7.49
C HIS B 15 -0.43 5.05 -6.65
N LYS B 16 -1.23 6.09 -6.90
CA LYS B 16 -2.49 6.28 -6.18
C LYS B 16 -3.50 5.19 -6.57
N GLU B 17 -3.66 4.98 -7.87
CA GLU B 17 -4.59 3.97 -8.37
C GLU B 17 -4.20 2.59 -7.86
N LEU B 18 -2.98 2.14 -8.22
CA LEU B 18 -2.48 0.83 -7.80
C LEU B 18 -2.76 0.54 -6.33
N LEU B 19 -2.56 1.54 -5.47
CA LEU B 19 -2.81 1.38 -4.04
C LEU B 19 -4.30 1.22 -3.75
N ARG B 20 -5.13 1.95 -4.51
CA ARG B 20 -6.59 1.88 -4.34
C ARG B 20 -7.10 0.49 -4.70
N ARG B 21 -6.82 0.01 -5.93
CA ARG B 21 -7.26 -1.30 -6.37
C ARG B 21 -6.81 -2.39 -5.39
N LYS B 22 -5.60 -2.26 -4.84
CA LYS B 22 -5.08 -3.25 -3.88
C LYS B 22 -6.13 -3.57 -2.82
N ASP B 23 -6.82 -2.53 -2.35
CA ASP B 23 -7.87 -2.68 -1.35
C ASP B 23 -9.12 -3.29 -2.01
N THR B 24 -9.64 -2.59 -3.02
CA THR B 24 -10.84 -3.03 -3.74
C THR B 24 -10.72 -4.50 -4.20
N HIS B 25 -9.50 -4.96 -4.45
CA HIS B 25 -9.27 -6.35 -4.86
C HIS B 25 -9.40 -7.30 -3.67
N ILE B 26 -8.77 -6.94 -2.55
CA ILE B 26 -8.86 -7.76 -1.35
C ILE B 26 -10.26 -7.68 -0.74
N ARG B 27 -11.05 -6.71 -1.20
CA ARG B 27 -12.43 -6.52 -0.74
C ARG B 27 -13.39 -7.41 -1.53
N GLU B 28 -13.12 -7.57 -2.84
CA GLU B 28 -13.96 -8.41 -3.69
C GLU B 28 -13.79 -9.89 -3.29
N LEU B 29 -12.56 -10.26 -2.90
CA LEU B 29 -12.27 -11.63 -2.48
C LEU B 29 -12.87 -11.91 -1.09
N GLU B 30 -13.26 -10.85 -0.37
CA GLU B 30 -13.87 -10.99 0.95
C GLU B 30 -15.29 -11.54 0.80
N ASP B 31 -15.94 -11.17 -0.30
CA ASP B 31 -17.30 -11.63 -0.60
C ASP B 31 -17.24 -12.95 -1.37
N TYR B 32 -16.14 -13.14 -2.13
CA TYR B 32 -15.93 -14.36 -2.90
C TYR B 32 -15.72 -15.55 -1.96
N ILE B 33 -14.94 -15.32 -0.90
CA ILE B 33 -14.67 -16.36 0.09
C ILE B 33 -15.88 -16.56 1.00
N ASP B 34 -16.55 -15.45 1.37
CA ASP B 34 -17.73 -15.48 2.25
C ASP B 34 -18.65 -16.66 1.96
N ASN B 35 -18.81 -17.02 0.69
CA ASN B 35 -19.67 -18.13 0.27
C ASN B 35 -19.62 -19.28 1.28
N LEU B 36 -18.41 -19.61 1.76
CA LEU B 36 -18.24 -20.68 2.74
C LEU B 36 -18.93 -20.30 4.05
N LEU B 37 -18.61 -19.12 4.58
CA LEU B 37 -19.20 -18.61 5.81
C LEU B 37 -20.09 -17.40 5.53
N VAL B 38 -21.13 -17.61 4.72
CA VAL B 38 -22.06 -16.53 4.35
C VAL B 38 -22.54 -15.77 5.58
N ARG B 39 -22.89 -14.50 5.38
CA ARG B 39 -23.35 -13.61 6.46
C ARG B 39 -24.50 -14.22 7.25
N VAL B 40 -24.15 -15.06 8.23
CA VAL B 40 -25.14 -15.72 9.08
C VAL B 40 -24.55 -16.01 10.47
N MET B 41 -24.61 -15.01 11.35
CA MET B 41 -24.09 -15.15 12.71
C MET B 41 -24.67 -14.08 13.64
N GLY A 1 5.03 29.01 -8.05
CA GLY A 1 6.06 29.02 -6.96
C GLY A 1 6.60 27.63 -6.68
N SER A 2 6.22 27.06 -5.53
CA SER A 2 6.68 25.72 -5.14
C SER A 2 5.68 24.64 -5.56
N LEU A 3 4.60 25.04 -6.25
CA LEU A 3 3.61 24.07 -6.74
C LEU A 3 4.01 23.62 -8.14
N THR A 4 5.25 23.18 -8.27
CA THR A 4 5.81 22.74 -9.54
C THR A 4 6.58 21.42 -9.36
N TYR A 5 7.49 21.13 -10.30
CA TYR A 5 8.28 19.90 -10.27
C TYR A 5 8.88 19.58 -8.89
N GLU A 6 9.18 20.60 -8.09
CA GLU A 6 9.75 20.38 -6.76
C GLU A 6 8.69 19.92 -5.76
N GLU A 7 7.40 20.07 -6.12
CA GLU A 7 6.30 19.66 -5.27
C GLU A 7 5.96 18.18 -5.46
N VAL A 8 6.00 17.73 -6.72
CA VAL A 8 5.69 16.34 -7.05
C VAL A 8 6.81 15.40 -6.56
N LEU A 9 8.06 15.87 -6.64
CA LEU A 9 9.21 15.08 -6.20
C LEU A 9 9.03 14.57 -4.77
N GLN A 10 8.70 15.49 -3.85
CA GLN A 10 8.49 15.12 -2.45
C GLN A 10 7.28 14.20 -2.28
N GLU A 11 6.37 14.21 -3.26
CA GLU A 11 5.18 13.35 -3.22
C GLU A 11 5.53 11.95 -3.71
N LEU A 12 6.51 11.85 -4.62
CA LEU A 12 6.96 10.58 -5.16
C LEU A 12 7.54 9.72 -4.05
N VAL A 13 8.61 10.21 -3.41
CA VAL A 13 9.26 9.48 -2.33
C VAL A 13 8.25 9.09 -1.25
N LYS A 14 7.50 10.08 -0.73
CA LYS A 14 6.50 9.83 0.31
C LYS A 14 5.65 8.59 0.01
N HIS A 15 5.25 8.44 -1.26
CA HIS A 15 4.46 7.28 -1.67
C HIS A 15 5.24 5.99 -1.42
N LYS A 16 6.28 5.76 -2.23
CA LYS A 16 7.12 4.57 -2.11
C LYS A 16 7.52 4.27 -0.67
N GLU A 17 7.87 5.30 0.11
CA GLU A 17 8.26 5.10 1.50
C GLU A 17 7.08 4.53 2.30
N LEU A 18 5.99 5.30 2.40
CA LEU A 18 4.79 4.87 3.14
C LEU A 18 4.46 3.40 2.88
N LEU A 19 4.57 2.97 1.62
CA LEU A 19 4.29 1.59 1.25
C LEU A 19 5.34 0.64 1.82
N ARG A 20 6.59 1.09 1.86
CA ARG A 20 7.69 0.29 2.40
C ARG A 20 7.48 0.00 3.88
N ARG A 21 7.38 1.06 4.69
CA ARG A 21 7.16 0.91 6.13
C ARG A 21 5.97 0.00 6.42
N LYS A 22 4.92 0.11 5.60
CA LYS A 22 3.72 -0.72 5.77
C LYS A 22 4.09 -2.20 5.84
N ASP A 23 4.94 -2.64 4.90
CA ASP A 23 5.39 -4.03 4.85
C ASP A 23 6.34 -4.36 6.00
N THR A 24 6.94 -3.33 6.61
CA THR A 24 7.85 -3.51 7.73
C THR A 24 7.10 -3.50 9.07
N HIS A 25 5.91 -2.90 9.07
CA HIS A 25 5.08 -2.84 10.28
C HIS A 25 4.38 -4.17 10.49
N ILE A 26 3.93 -4.79 9.40
CA ILE A 26 3.28 -6.08 9.46
C ILE A 26 4.32 -7.19 9.73
N ARG A 27 5.60 -6.86 9.49
CA ARG A 27 6.70 -7.80 9.72
C ARG A 27 7.13 -7.75 11.19
N GLU A 28 7.18 -6.53 11.76
CA GLU A 28 7.57 -6.36 13.15
C GLU A 28 6.51 -6.97 14.06
N LEU A 29 5.23 -6.78 13.70
CA LEU A 29 4.12 -7.33 14.47
C LEU A 29 4.05 -8.85 14.30
N GLU A 30 4.69 -9.35 13.24
CA GLU A 30 4.71 -10.80 12.99
C GLU A 30 5.53 -11.51 14.07
N ASP A 31 6.58 -10.83 14.54
CA ASP A 31 7.43 -11.35 15.61
C ASP A 31 6.83 -11.00 16.98
N TYR A 32 6.10 -9.87 17.02
CA TYR A 32 5.45 -9.42 18.25
C TYR A 32 4.38 -10.43 18.66
N ILE A 33 3.66 -10.97 17.67
CA ILE A 33 2.62 -11.96 17.92
C ILE A 33 3.24 -13.34 18.13
N ASP A 34 4.25 -13.67 17.30
CA ASP A 34 4.94 -14.97 17.38
C ASP A 34 5.14 -15.45 18.81
N ASN A 35 5.47 -14.52 19.72
CA ASN A 35 5.69 -14.84 21.14
C ASN A 35 4.70 -15.91 21.63
N LEU A 36 3.44 -15.79 21.22
CA LEU A 36 2.41 -16.76 21.61
C LEU A 36 2.75 -18.14 21.05
N LEU A 37 3.04 -18.19 19.74
CA LEU A 37 3.40 -19.43 19.07
C LEU A 37 4.86 -19.39 18.60
N VAL A 38 5.76 -19.21 19.56
CA VAL A 38 7.21 -19.16 19.31
C VAL A 38 7.97 -19.59 20.56
N ARG A 39 9.31 -19.58 20.50
CA ARG A 39 10.13 -19.97 21.65
C ARG A 39 10.30 -18.78 22.60
N VAL A 40 9.46 -18.72 23.63
CA VAL A 40 9.50 -17.64 24.61
C VAL A 40 10.74 -17.75 25.50
N MET A 41 11.20 -16.60 25.99
CA MET A 41 12.38 -16.55 26.87
C MET A 41 12.10 -15.72 28.12
N GLY B 1 13.53 12.88 -24.20
CA GLY B 1 12.26 13.15 -24.95
C GLY B 1 11.17 13.73 -24.08
N SER B 2 10.56 12.87 -23.25
CA SER B 2 9.48 13.31 -22.35
C SER B 2 9.73 12.82 -20.92
N LEU B 3 11.01 12.83 -20.51
CA LEU B 3 11.38 12.43 -19.16
C LEU B 3 11.42 13.66 -18.25
N THR B 4 10.38 14.49 -18.38
CA THR B 4 10.24 15.72 -17.62
C THR B 4 8.95 15.70 -16.81
N TYR B 5 8.45 16.87 -16.42
CA TYR B 5 7.23 17.00 -15.62
C TYR B 5 6.07 16.13 -16.14
N GLU B 6 6.01 15.89 -17.46
CA GLU B 6 4.94 15.08 -18.04
C GLU B 6 5.16 13.58 -17.78
N GLU B 7 6.38 13.22 -17.37
CA GLU B 7 6.72 11.83 -17.07
C GLU B 7 6.35 11.46 -15.64
N VAL B 8 6.59 12.39 -14.70
CA VAL B 8 6.29 12.15 -13.29
C VAL B 8 4.78 12.15 -13.05
N LEU B 9 4.05 12.99 -13.78
CA LEU B 9 2.59 13.08 -13.65
C LEU B 9 1.94 11.71 -13.81
N GLN B 10 2.28 11.01 -14.89
CA GLN B 10 1.73 9.68 -15.15
C GLN B 10 2.16 8.66 -14.09
N GLU B 11 3.27 8.96 -13.40
CA GLU B 11 3.78 8.08 -12.33
C GLU B 11 3.01 8.33 -11.03
N LEU B 12 2.56 9.57 -10.83
CA LEU B 12 1.81 9.95 -9.64
C LEU B 12 0.49 9.18 -9.59
N VAL B 13 -0.35 9.35 -10.61
CA VAL B 13 -1.64 8.66 -10.67
C VAL B 13 -1.46 7.15 -10.52
N LYS B 14 -0.59 6.56 -11.37
CA LYS B 14 -0.33 5.12 -11.33
C LYS B 14 -0.14 4.62 -9.90
N HIS B 15 0.59 5.38 -9.08
CA HIS B 15 0.82 4.99 -7.69
C HIS B 15 -0.51 4.92 -6.94
N LYS B 16 -1.13 6.08 -6.70
CA LYS B 16 -2.40 6.17 -5.99
C LYS B 16 -3.42 5.14 -6.50
N GLU B 17 -3.50 4.96 -7.82
CA GLU B 17 -4.45 3.99 -8.39
C GLU B 17 -4.11 2.58 -7.93
N LEU B 18 -2.92 2.09 -8.29
CA LEU B 18 -2.47 0.74 -7.91
C LEU B 18 -2.81 0.43 -6.45
N LEU B 19 -2.62 1.40 -5.56
CA LEU B 19 -2.91 1.21 -4.13
C LEU B 19 -4.42 1.10 -3.89
N ARG B 20 -5.20 1.85 -4.67
CA ARG B 20 -6.66 1.83 -4.55
C ARG B 20 -7.21 0.45 -4.91
N ARG B 21 -6.94 -0.01 -6.14
CA ARG B 21 -7.40 -1.33 -6.60
C ARG B 21 -7.01 -2.43 -5.61
N LYS B 22 -5.82 -2.30 -5.01
CA LYS B 22 -5.34 -3.29 -4.05
C LYS B 22 -6.36 -3.49 -2.93
N ASP B 23 -6.88 -2.38 -2.39
CA ASP B 23 -7.88 -2.42 -1.32
C ASP B 23 -9.24 -2.91 -1.84
N THR B 24 -9.44 -2.83 -3.16
CA THR B 24 -10.69 -3.28 -3.79
C THR B 24 -10.61 -4.76 -4.18
N HIS B 25 -9.38 -5.27 -4.33
CA HIS B 25 -9.18 -6.67 -4.68
C HIS B 25 -9.36 -7.54 -3.44
N ILE B 26 -8.87 -7.05 -2.30
CA ILE B 26 -9.01 -7.77 -1.03
C ILE B 26 -10.46 -7.68 -0.53
N ARG B 27 -11.21 -6.72 -1.07
CA ARG B 27 -12.61 -6.53 -0.71
C ARG B 27 -13.51 -7.45 -1.54
N GLU B 28 -13.18 -7.60 -2.84
CA GLU B 28 -13.95 -8.48 -3.72
C GLU B 28 -13.76 -9.94 -3.31
N LEU B 29 -12.52 -10.28 -2.93
CA LEU B 29 -12.21 -11.64 -2.48
C LEU B 29 -12.81 -11.91 -1.09
N GLU B 30 -13.15 -10.83 -0.37
CA GLU B 30 -13.77 -10.94 0.95
C GLU B 30 -15.17 -11.54 0.81
N ASP B 31 -15.86 -11.19 -0.28
CA ASP B 31 -17.19 -11.72 -0.56
C ASP B 31 -17.09 -13.06 -1.30
N TYR B 32 -15.98 -13.22 -2.05
CA TYR B 32 -15.74 -14.46 -2.79
C TYR B 32 -15.53 -15.62 -1.81
N ILE B 33 -14.85 -15.32 -0.69
CA ILE B 33 -14.60 -16.32 0.34
C ILE B 33 -15.83 -16.48 1.23
N ASP B 34 -16.46 -15.35 1.59
CA ASP B 34 -17.67 -15.34 2.44
C ASP B 34 -18.60 -16.51 2.14
N ASN B 35 -18.78 -16.84 0.86
CA ASN B 35 -19.64 -17.94 0.43
C ASN B 35 -19.58 -19.12 1.40
N LEU B 36 -18.37 -19.46 1.85
CA LEU B 36 -18.18 -20.55 2.80
C LEU B 36 -18.90 -20.24 4.12
N LEU B 37 -18.64 -19.05 4.65
CA LEU B 37 -19.26 -18.60 5.91
C LEU B 37 -20.19 -17.41 5.66
N VAL B 38 -21.20 -17.61 4.80
CA VAL B 38 -22.14 -16.56 4.45
C VAL B 38 -22.64 -15.80 5.69
N ARG B 39 -22.96 -14.51 5.49
CA ARG B 39 -23.43 -13.62 6.55
C ARG B 39 -24.64 -14.20 7.29
N VAL B 40 -24.37 -15.10 8.24
CA VAL B 40 -25.42 -15.73 9.05
C VAL B 40 -24.88 -16.08 10.44
N MET B 41 -24.69 -15.05 11.26
CA MET B 41 -24.17 -15.23 12.62
C MET B 41 -25.23 -14.90 13.66
N GLY A 1 4.93 29.23 -7.56
CA GLY A 1 6.04 29.14 -6.58
C GLY A 1 6.55 27.72 -6.41
N SER A 2 5.98 27.01 -5.43
CA SER A 2 6.39 25.63 -5.16
C SER A 2 5.30 24.63 -5.59
N LEU A 3 4.46 25.05 -6.53
CA LEU A 3 3.40 24.18 -7.05
C LEU A 3 3.83 23.62 -8.41
N THR A 4 5.12 23.28 -8.50
CA THR A 4 5.71 22.76 -9.73
C THR A 4 6.36 21.39 -9.50
N TYR A 5 7.26 21.01 -10.41
CA TYR A 5 7.96 19.71 -10.36
C TYR A 5 8.69 19.48 -9.04
N GLU A 6 9.04 20.56 -8.33
CA GLU A 6 9.74 20.43 -7.06
C GLU A 6 8.77 19.99 -5.95
N GLU A 7 7.47 19.97 -6.25
CA GLU A 7 6.45 19.57 -5.29
C GLU A 7 6.01 18.13 -5.53
N VAL A 8 5.99 17.70 -6.79
CA VAL A 8 5.60 16.33 -7.13
C VAL A 8 6.65 15.31 -6.66
N LEU A 9 7.93 15.69 -6.74
CA LEU A 9 9.02 14.80 -6.33
C LEU A 9 8.84 14.34 -4.88
N GLN A 10 8.47 15.28 -3.99
CA GLN A 10 8.26 14.97 -2.58
C GLN A 10 7.05 14.04 -2.39
N GLU A 11 6.15 14.02 -3.37
CA GLU A 11 4.96 13.14 -3.33
C GLU A 11 5.33 11.75 -3.83
N LEU A 12 6.23 11.70 -4.82
CA LEU A 12 6.69 10.43 -5.38
C LEU A 12 7.34 9.59 -4.30
N VAL A 13 8.40 10.14 -3.70
CA VAL A 13 9.12 9.43 -2.63
C VAL A 13 8.19 9.02 -1.50
N LYS A 14 7.41 9.98 -0.97
CA LYS A 14 6.48 9.71 0.13
C LYS A 14 5.60 8.49 -0.13
N HIS A 15 5.15 8.32 -1.38
CA HIS A 15 4.31 7.18 -1.75
C HIS A 15 5.11 5.88 -1.69
N LYS A 16 6.38 5.95 -2.09
CA LYS A 16 7.28 4.80 -2.07
C LYS A 16 7.64 4.44 -0.64
N GLU A 17 8.07 5.45 0.13
CA GLU A 17 8.45 5.24 1.52
C GLU A 17 7.27 4.67 2.32
N LEU A 18 6.17 5.43 2.39
CA LEU A 18 4.97 5.00 3.13
C LEU A 18 4.65 3.53 2.87
N LEU A 19 4.76 3.09 1.60
CA LEU A 19 4.49 1.70 1.25
C LEU A 19 5.50 0.76 1.89
N ARG A 20 6.75 1.20 2.01
CA ARG A 20 7.81 0.41 2.62
C ARG A 20 7.48 0.14 4.09
N ARG A 21 7.25 1.21 4.87
CA ARG A 21 6.91 1.07 6.29
C ARG A 21 5.65 0.25 6.47
N LYS A 22 4.68 0.45 5.57
CA LYS A 22 3.43 -0.29 5.61
C LYS A 22 3.72 -1.80 5.63
N ASP A 23 4.54 -2.24 4.68
CA ASP A 23 4.93 -3.65 4.59
C ASP A 23 5.82 -4.03 5.78
N THR A 24 6.53 -3.04 6.35
CA THR A 24 7.39 -3.33 7.49
C THR A 24 6.55 -3.75 8.69
N HIS A 25 5.68 -2.86 9.17
CA HIS A 25 4.81 -3.14 10.34
C HIS A 25 4.25 -4.56 10.33
N ILE A 26 3.61 -4.96 9.23
CA ILE A 26 3.01 -6.30 9.13
C ILE A 26 4.05 -7.40 9.43
N ARG A 27 5.32 -7.09 9.20
CA ARG A 27 6.41 -8.03 9.47
C ARG A 27 6.94 -7.88 10.90
N GLU A 28 7.10 -6.62 11.34
CA GLU A 28 7.58 -6.32 12.69
C GLU A 28 6.57 -6.76 13.74
N LEU A 29 5.28 -6.55 13.44
CA LEU A 29 4.21 -6.95 14.35
C LEU A 29 3.93 -8.45 14.23
N GLU A 30 4.69 -9.13 13.36
CA GLU A 30 4.54 -10.57 13.17
C GLU A 30 5.39 -11.31 14.21
N ASP A 31 6.50 -10.68 14.62
CA ASP A 31 7.38 -11.26 15.62
C ASP A 31 6.69 -11.22 16.96
N TYR A 32 6.41 -10.02 17.46
CA TYR A 32 5.74 -9.83 18.76
C TYR A 32 4.61 -10.82 18.98
N ILE A 33 3.83 -11.08 17.92
CA ILE A 33 2.72 -12.03 18.00
C ILE A 33 3.24 -13.45 18.21
N ASP A 34 4.24 -13.85 17.39
CA ASP A 34 4.83 -15.18 17.47
C ASP A 34 5.07 -15.64 18.91
N ASN A 35 5.45 -14.70 19.79
CA ASN A 35 5.70 -15.00 21.21
C ASN A 35 4.74 -16.08 21.73
N LEU A 36 3.46 -15.97 21.35
CA LEU A 36 2.45 -16.95 21.76
C LEU A 36 2.78 -18.32 21.17
N LEU A 37 2.98 -18.35 19.85
CA LEU A 37 3.32 -19.58 19.14
C LEU A 37 4.76 -19.52 18.61
N VAL A 38 5.71 -19.35 19.55
CA VAL A 38 7.13 -19.25 19.22
C VAL A 38 7.99 -19.60 20.45
N ARG A 39 9.33 -19.50 20.31
CA ARG A 39 10.23 -19.78 21.42
C ARG A 39 10.21 -18.63 22.42
N VAL A 40 9.67 -18.89 23.61
CA VAL A 40 9.58 -17.86 24.65
C VAL A 40 10.85 -17.84 25.51
N MET A 41 11.20 -16.65 26.01
CA MET A 41 12.38 -16.48 26.85
C MET A 41 12.01 -15.84 28.19
N GLY B 1 13.96 12.95 -24.10
CA GLY B 1 12.63 13.05 -24.76
C GLY B 1 11.58 13.66 -23.85
N SER B 2 10.83 12.80 -23.15
CA SER B 2 9.77 13.25 -22.24
C SER B 2 10.02 12.74 -20.83
N LEU B 3 11.26 12.89 -20.36
CA LEU B 3 11.62 12.48 -19.00
C LEU B 3 11.57 13.71 -18.08
N THR B 4 10.56 14.54 -18.31
CA THR B 4 10.36 15.77 -17.55
C THR B 4 9.12 15.65 -16.66
N TYR B 5 8.58 16.81 -16.24
CA TYR B 5 7.41 16.84 -15.36
C TYR B 5 6.19 16.13 -15.98
N GLU B 6 6.15 16.00 -17.31
CA GLU B 6 5.04 15.32 -17.98
C GLU B 6 5.16 13.80 -17.83
N GLU B 7 6.30 13.34 -17.29
CA GLU B 7 6.53 11.91 -17.08
C GLU B 7 6.27 11.52 -15.62
N VAL B 8 6.56 12.43 -14.69
CA VAL B 8 6.37 12.15 -13.26
C VAL B 8 4.87 12.11 -12.92
N LEU B 9 4.07 12.97 -13.58
CA LEU B 9 2.64 13.02 -13.33
C LEU B 9 1.99 11.64 -13.54
N GLN B 10 2.38 10.96 -14.61
CA GLN B 10 1.84 9.63 -14.92
C GLN B 10 2.27 8.60 -13.87
N GLU B 11 3.36 8.89 -13.14
CA GLU B 11 3.85 8.00 -12.10
C GLU B 11 3.09 8.26 -10.80
N LEU B 12 2.75 9.54 -10.57
CA LEU B 12 2.01 9.95 -9.38
C LEU B 12 0.66 9.24 -9.34
N VAL B 13 -0.15 9.46 -10.39
CA VAL B 13 -1.47 8.84 -10.47
C VAL B 13 -1.37 7.31 -10.37
N LYS B 14 -0.52 6.68 -11.18
CA LYS B 14 -0.35 5.23 -11.18
C LYS B 14 -0.15 4.67 -9.77
N HIS B 15 0.63 5.39 -8.94
CA HIS B 15 0.89 4.95 -7.56
C HIS B 15 -0.38 5.05 -6.72
N LYS B 16 -1.19 6.07 -6.98
CA LYS B 16 -2.44 6.27 -6.27
C LYS B 16 -3.48 5.24 -6.72
N GLU B 17 -3.62 5.08 -8.04
CA GLU B 17 -4.57 4.13 -8.60
C GLU B 17 -4.23 2.72 -8.14
N LEU B 18 -3.03 2.23 -8.48
CA LEU B 18 -2.58 0.89 -8.10
C LEU B 18 -2.94 0.56 -6.64
N LEU B 19 -2.74 1.54 -5.74
CA LEU B 19 -3.04 1.35 -4.32
C LEU B 19 -4.55 1.16 -4.11
N ARG B 20 -5.36 1.86 -4.91
CA ARG B 20 -6.81 1.74 -4.82
C ARG B 20 -7.26 0.32 -5.16
N ARG B 21 -6.88 -0.17 -6.34
CA ARG B 21 -7.23 -1.53 -6.76
C ARG B 21 -6.70 -2.56 -5.77
N LYS B 22 -5.49 -2.32 -5.25
CA LYS B 22 -4.88 -3.22 -4.28
C LYS B 22 -5.83 -3.42 -3.11
N ASP B 23 -6.31 -2.32 -2.55
CA ASP B 23 -7.26 -2.37 -1.43
C ASP B 23 -8.61 -2.93 -1.90
N THR B 24 -8.92 -2.77 -3.19
CA THR B 24 -10.18 -3.28 -3.72
C THR B 24 -10.19 -4.80 -3.65
N HIS B 25 -9.26 -5.46 -4.37
CA HIS B 25 -9.19 -6.93 -4.40
C HIS B 25 -9.42 -7.57 -3.03
N ILE B 26 -8.67 -7.14 -2.02
CA ILE B 26 -8.81 -7.70 -0.67
C ILE B 26 -10.26 -7.63 -0.16
N ARG B 27 -11.03 -6.68 -0.70
CA ARG B 27 -12.43 -6.52 -0.34
C ARG B 27 -13.34 -7.35 -1.26
N GLU B 28 -13.04 -7.31 -2.57
CA GLU B 28 -13.81 -8.06 -3.57
C GLU B 28 -13.62 -9.57 -3.38
N LEU B 29 -12.41 -9.98 -3.05
CA LEU B 29 -12.10 -11.39 -2.81
C LEU B 29 -12.55 -11.81 -1.39
N GLU B 30 -13.13 -10.85 -0.65
CA GLU B 30 -13.64 -11.11 0.68
C GLU B 30 -15.07 -11.66 0.62
N ASP B 31 -15.80 -11.26 -0.43
CA ASP B 31 -17.17 -11.73 -0.64
C ASP B 31 -17.16 -13.21 -1.10
N TYR B 32 -16.52 -13.43 -2.25
CA TYR B 32 -16.39 -14.77 -2.83
C TYR B 32 -16.07 -15.81 -1.74
N ILE B 33 -15.18 -15.45 -0.81
CA ILE B 33 -14.80 -16.35 0.29
C ILE B 33 -15.97 -16.55 1.25
N ASP B 34 -16.62 -15.46 1.65
CA ASP B 34 -17.76 -15.51 2.58
C ASP B 34 -18.73 -16.64 2.25
N ASN B 35 -18.92 -16.93 0.97
CA ASN B 35 -19.82 -17.99 0.51
C ASN B 35 -19.78 -19.20 1.45
N LEU B 36 -18.58 -19.56 1.92
CA LEU B 36 -18.42 -20.68 2.85
C LEU B 36 -19.09 -20.36 4.18
N LEU B 37 -18.75 -19.19 4.73
CA LEU B 37 -19.33 -18.73 5.99
C LEU B 37 -20.22 -17.50 5.75
N VAL B 38 -21.26 -17.68 4.94
CA VAL B 38 -22.17 -16.60 4.57
C VAL B 38 -22.64 -15.81 5.80
N ARG B 39 -22.94 -14.52 5.56
CA ARG B 39 -23.37 -13.59 6.58
C ARG B 39 -24.52 -14.15 7.44
N VAL B 40 -24.15 -14.98 8.43
CA VAL B 40 -25.12 -15.61 9.33
C VAL B 40 -24.47 -15.89 10.68
N MET B 41 -24.21 -14.84 11.45
CA MET B 41 -23.58 -14.98 12.77
C MET B 41 -24.40 -14.27 13.84
N GLY A 1 4.92 28.96 -7.26
CA GLY A 1 5.89 28.91 -6.13
C GLY A 1 6.31 27.49 -5.79
N SER A 2 5.47 26.80 -5.02
CA SER A 2 5.77 25.42 -4.61
C SER A 2 5.11 24.41 -5.54
N LEU A 3 3.94 24.75 -6.09
CA LEU A 3 3.24 23.85 -7.02
C LEU A 3 4.04 23.79 -8.33
N THR A 4 5.20 23.14 -8.24
CA THR A 4 6.13 23.04 -9.36
C THR A 4 6.66 21.61 -9.55
N TYR A 5 7.81 21.50 -10.19
CA TYR A 5 8.44 20.20 -10.44
C TYR A 5 9.17 19.68 -9.20
N GLU A 6 9.75 20.61 -8.43
CA GLU A 6 10.47 20.23 -7.20
C GLU A 6 9.50 19.80 -6.09
N GLU A 7 8.20 20.03 -6.30
CA GLU A 7 7.18 19.66 -5.32
C GLU A 7 6.62 18.27 -5.60
N VAL A 8 6.50 17.92 -6.89
CA VAL A 8 5.99 16.61 -7.27
C VAL A 8 6.98 15.51 -6.92
N LEU A 9 8.28 15.81 -7.08
CA LEU A 9 9.34 14.85 -6.76
C LEU A 9 9.20 14.34 -5.34
N GLN A 10 9.07 15.26 -4.38
CA GLN A 10 8.92 14.89 -2.97
C GLN A 10 7.61 14.12 -2.74
N GLU A 11 6.64 14.30 -3.64
CA GLU A 11 5.36 13.60 -3.54
C GLU A 11 5.55 12.11 -3.74
N LEU A 12 6.09 11.73 -4.92
CA LEU A 12 6.32 10.33 -5.26
C LEU A 12 7.08 9.59 -4.16
N VAL A 13 8.13 10.21 -3.62
CA VAL A 13 8.94 9.58 -2.57
C VAL A 13 8.05 9.10 -1.43
N LYS A 14 7.28 10.00 -0.82
CA LYS A 14 6.39 9.65 0.30
C LYS A 14 5.52 8.43 -0.02
N HIS A 15 5.11 8.28 -1.28
CA HIS A 15 4.30 7.14 -1.70
C HIS A 15 5.09 5.84 -1.61
N LYS A 16 6.37 5.91 -2.02
CA LYS A 16 7.25 4.74 -2.00
C LYS A 16 7.61 4.32 -0.57
N GLU A 17 8.06 5.29 0.24
CA GLU A 17 8.42 5.00 1.63
C GLU A 17 7.21 4.56 2.45
N LEU A 18 6.04 5.11 2.13
CA LEU A 18 4.80 4.75 2.84
C LEU A 18 4.52 3.26 2.65
N LEU A 19 4.76 2.77 1.43
CA LEU A 19 4.55 1.37 1.10
C LEU A 19 5.65 0.50 1.73
N ARG A 20 6.86 1.05 1.84
CA ARG A 20 7.98 0.31 2.43
C ARG A 20 7.73 0.00 3.90
N ARG A 21 7.57 1.03 4.73
CA ARG A 21 7.33 0.84 6.16
C ARG A 21 6.09 -0.02 6.42
N LYS A 22 5.04 0.19 5.62
CA LYS A 22 3.81 -0.58 5.78
C LYS A 22 4.10 -2.08 5.80
N ASP A 23 4.89 -2.54 4.83
CA ASP A 23 5.26 -3.95 4.73
C ASP A 23 6.23 -4.38 5.84
N THR A 24 6.90 -3.41 6.47
CA THR A 24 7.84 -3.70 7.56
C THR A 24 7.12 -3.67 8.92
N HIS A 25 6.06 -2.88 9.02
CA HIS A 25 5.28 -2.77 10.26
C HIS A 25 4.47 -4.04 10.49
N ILE A 26 3.99 -4.64 9.40
CA ILE A 26 3.23 -5.89 9.47
C ILE A 26 4.16 -7.07 9.70
N ARG A 27 5.47 -6.86 9.45
CA ARG A 27 6.49 -7.88 9.64
C ARG A 27 7.01 -7.86 11.08
N GLU A 28 7.22 -6.65 11.61
CA GLU A 28 7.70 -6.50 12.99
C GLU A 28 6.65 -7.01 13.97
N LEU A 29 5.38 -6.66 13.72
CA LEU A 29 4.27 -7.09 14.57
C LEU A 29 4.02 -8.59 14.43
N GLU A 30 4.61 -9.21 13.39
CA GLU A 30 4.47 -10.64 13.16
C GLU A 30 5.31 -11.41 14.19
N ASP A 31 6.42 -10.81 14.62
CA ASP A 31 7.28 -11.41 15.62
C ASP A 31 6.76 -11.10 17.02
N TYR A 32 6.08 -9.95 17.15
CA TYR A 32 5.51 -9.53 18.42
C TYR A 32 4.42 -10.51 18.85
N ILE A 33 3.62 -10.96 17.87
CA ILE A 33 2.55 -11.92 18.12
C ILE A 33 3.14 -13.32 18.34
N ASP A 34 4.14 -13.66 17.52
CA ASP A 34 4.81 -14.97 17.58
C ASP A 34 5.05 -15.44 19.02
N ASN A 35 5.33 -14.51 19.93
CA ASN A 35 5.58 -14.84 21.34
C ASN A 35 4.61 -15.92 21.83
N LEU A 36 3.35 -15.82 21.43
CA LEU A 36 2.33 -16.79 21.81
C LEU A 36 2.64 -18.16 21.20
N LEU A 37 2.96 -18.17 19.89
CA LEU A 37 3.31 -19.39 19.19
C LEU A 37 4.76 -19.34 18.67
N VAL A 38 5.69 -19.18 19.60
CA VAL A 38 7.13 -19.11 19.28
C VAL A 38 7.96 -19.50 20.51
N ARG A 39 9.30 -19.46 20.38
CA ARG A 39 10.19 -19.80 21.49
C ARG A 39 10.28 -18.62 22.46
N VAL A 40 9.72 -18.77 23.64
CA VAL A 40 9.74 -17.72 24.65
C VAL A 40 11.00 -17.81 25.53
N MET A 41 11.39 -16.68 26.11
CA MET A 41 12.57 -16.62 26.97
C MET A 41 12.21 -16.06 28.35
N GLY B 1 14.03 12.54 -23.74
CA GLY B 1 12.80 12.33 -24.54
C GLY B 1 11.54 12.73 -23.79
N SER B 2 11.14 11.91 -22.82
CA SER B 2 9.95 12.17 -22.02
C SER B 2 10.28 12.35 -20.53
N LEU B 3 11.57 12.40 -20.19
CA LEU B 3 11.97 12.61 -18.80
C LEU B 3 11.75 14.08 -18.46
N THR B 4 10.47 14.43 -18.33
CA THR B 4 10.07 15.81 -18.08
C THR B 4 9.04 15.90 -16.94
N TYR B 5 8.29 17.01 -16.94
CA TYR B 5 7.25 17.26 -15.94
C TYR B 5 5.97 16.50 -16.29
N GLU B 6 5.67 16.39 -17.58
CA GLU B 6 4.47 15.70 -18.04
C GLU B 6 4.60 14.17 -17.87
N GLU B 7 5.81 13.71 -17.54
CA GLU B 7 6.07 12.28 -17.34
C GLU B 7 5.92 11.90 -15.86
N VAL B 8 6.32 12.81 -14.97
CA VAL B 8 6.23 12.55 -13.54
C VAL B 8 4.77 12.54 -13.08
N LEU B 9 3.96 13.43 -13.68
CA LEU B 9 2.53 13.52 -13.35
C LEU B 9 1.86 12.15 -13.50
N GLN B 10 2.05 11.51 -14.66
CA GLN B 10 1.47 10.20 -14.92
C GLN B 10 2.03 9.14 -13.96
N GLU B 11 3.21 9.40 -13.40
CA GLU B 11 3.84 8.48 -12.47
C GLU B 11 3.03 8.41 -11.16
N LEU B 12 2.86 9.57 -10.52
CA LEU B 12 2.12 9.65 -9.25
C LEU B 12 0.73 9.00 -9.36
N VAL B 13 0.02 9.25 -10.46
CA VAL B 13 -1.32 8.68 -10.65
C VAL B 13 -1.28 7.16 -10.46
N LYS B 14 -0.46 6.45 -11.24
CA LYS B 14 -0.34 5.00 -11.16
C LYS B 14 -0.15 4.52 -9.72
N HIS B 15 0.57 5.30 -8.90
CA HIS B 15 0.80 4.94 -7.51
C HIS B 15 -0.50 5.01 -6.70
N LYS B 16 -1.32 6.03 -6.98
CA LYS B 16 -2.59 6.21 -6.29
C LYS B 16 -3.61 5.15 -6.69
N GLU B 17 -3.79 4.94 -7.99
CA GLU B 17 -4.74 3.94 -8.49
C GLU B 17 -4.31 2.52 -8.10
N LEU B 18 -2.99 2.28 -8.04
CA LEU B 18 -2.47 0.97 -7.65
C LEU B 18 -2.92 0.63 -6.23
N LEU B 19 -2.89 1.65 -5.36
CA LEU B 19 -3.30 1.49 -3.97
C LEU B 19 -4.82 1.35 -3.86
N ARG B 20 -5.54 2.03 -4.76
CA ARG B 20 -7.00 1.99 -4.76
C ARG B 20 -7.52 0.58 -5.06
N ARG B 21 -7.19 0.05 -6.25
CA ARG B 21 -7.62 -1.29 -6.64
C ARG B 21 -7.17 -2.35 -5.64
N LYS B 22 -5.95 -2.21 -5.12
CA LYS B 22 -5.41 -3.17 -4.15
C LYS B 22 -6.40 -3.37 -3.00
N ASP B 23 -6.88 -2.26 -2.44
CA ASP B 23 -7.84 -2.31 -1.32
C ASP B 23 -9.21 -2.81 -1.76
N THR B 24 -9.51 -2.74 -3.07
CA THR B 24 -10.79 -3.20 -3.60
C THR B 24 -10.73 -4.68 -4.01
N HIS B 25 -9.52 -5.15 -4.37
CA HIS B 25 -9.33 -6.55 -4.77
C HIS B 25 -9.40 -7.45 -3.54
N ILE B 26 -8.91 -6.94 -2.40
CA ILE B 26 -8.96 -7.70 -1.15
C ILE B 26 -10.37 -7.66 -0.55
N ARG B 27 -11.19 -6.71 -1.04
CA ARG B 27 -12.56 -6.56 -0.57
C ARG B 27 -13.50 -7.45 -1.39
N GLU B 28 -13.27 -7.51 -2.71
CA GLU B 28 -14.09 -8.34 -3.60
C GLU B 28 -13.87 -9.82 -3.27
N LEU B 29 -12.62 -10.20 -3.06
CA LEU B 29 -12.28 -11.58 -2.71
C LEU B 29 -12.77 -11.94 -1.30
N GLU B 30 -13.14 -10.92 -0.52
CA GLU B 30 -13.66 -11.13 0.82
C GLU B 30 -15.08 -11.69 0.76
N ASP B 31 -15.81 -11.33 -0.30
CA ASP B 31 -17.17 -11.82 -0.50
C ASP B 31 -17.13 -13.17 -1.22
N TYR B 32 -16.08 -13.37 -2.02
CA TYR B 32 -15.88 -14.62 -2.75
C TYR B 32 -15.68 -15.77 -1.77
N ILE B 33 -14.90 -15.50 -0.70
CA ILE B 33 -14.64 -16.49 0.33
C ILE B 33 -15.86 -16.67 1.22
N ASP B 34 -16.52 -15.54 1.55
CA ASP B 34 -17.71 -15.54 2.41
C ASP B 34 -18.68 -16.69 2.10
N ASN B 35 -18.78 -17.07 0.82
CA ASN B 35 -19.66 -18.17 0.41
C ASN B 35 -19.62 -19.34 1.40
N LEU B 36 -18.41 -19.65 1.90
CA LEU B 36 -18.23 -20.73 2.87
C LEU B 36 -18.93 -20.37 4.19
N LEU B 37 -18.70 -19.14 4.66
CA LEU B 37 -19.31 -18.66 5.89
C LEU B 37 -20.22 -17.46 5.62
N VAL B 38 -21.24 -17.66 4.78
CA VAL B 38 -22.18 -16.60 4.42
C VAL B 38 -22.71 -15.88 5.67
N ARG B 39 -23.14 -14.62 5.49
CA ARG B 39 -23.65 -13.80 6.59
C ARG B 39 -24.76 -14.51 7.37
N VAL B 40 -24.34 -15.33 8.34
CA VAL B 40 -25.27 -16.08 9.18
C VAL B 40 -24.66 -16.32 10.57
N MET B 41 -24.40 -15.23 11.29
CA MET B 41 -23.81 -15.32 12.62
C MET B 41 -24.86 -15.10 13.72
N GLY A 1 5.32 29.15 -7.24
CA GLY A 1 6.57 28.86 -6.47
C GLY A 1 6.87 27.37 -6.39
N SER A 2 6.17 26.68 -5.50
CA SER A 2 6.36 25.24 -5.31
C SER A 2 5.32 24.42 -6.08
N LEU A 3 4.22 25.06 -6.50
CA LEU A 3 3.18 24.36 -7.26
C LEU A 3 3.72 23.99 -8.64
N THR A 4 4.63 23.00 -8.67
CA THR A 4 5.26 22.55 -9.91
C THR A 4 5.91 21.16 -9.69
N TYR A 5 6.87 20.81 -10.56
CA TYR A 5 7.58 19.52 -10.47
C TYR A 5 8.34 19.41 -9.15
N GLU A 6 9.33 20.30 -8.98
CA GLU A 6 10.19 20.33 -7.79
C GLU A 6 9.43 19.98 -6.50
N GLU A 7 8.11 20.25 -6.47
CA GLU A 7 7.31 19.94 -5.29
C GLU A 7 6.74 18.52 -5.37
N VAL A 8 6.21 18.14 -6.55
CA VAL A 8 5.64 16.82 -6.74
C VAL A 8 6.67 15.71 -6.46
N LEU A 9 7.95 16.01 -6.69
CA LEU A 9 9.02 15.04 -6.45
C LEU A 9 8.93 14.45 -5.04
N GLN A 10 8.80 15.33 -4.04
CA GLN A 10 8.69 14.90 -2.64
C GLN A 10 7.44 14.05 -2.39
N GLU A 11 6.45 14.17 -3.28
CA GLU A 11 5.21 13.40 -3.17
C GLU A 11 5.44 11.98 -3.71
N LEU A 12 6.31 11.87 -4.72
CA LEU A 12 6.63 10.57 -5.33
C LEU A 12 7.34 9.68 -4.30
N VAL A 13 8.46 10.16 -3.77
CA VAL A 13 9.22 9.41 -2.78
C VAL A 13 8.31 8.99 -1.62
N LYS A 14 7.66 9.96 -0.97
CA LYS A 14 6.77 9.70 0.17
C LYS A 14 5.90 8.46 -0.07
N HIS A 15 5.36 8.33 -1.28
CA HIS A 15 4.53 7.18 -1.62
C HIS A 15 5.31 5.88 -1.43
N LYS A 16 6.33 5.68 -2.26
CA LYS A 16 7.17 4.47 -2.21
C LYS A 16 7.58 4.10 -0.78
N GLU A 17 8.01 5.08 0.02
CA GLU A 17 8.42 4.81 1.39
C GLU A 17 7.23 4.46 2.29
N LEU A 18 6.10 5.14 2.06
CA LEU A 18 4.88 4.88 2.83
C LEU A 18 4.40 3.46 2.58
N LEU A 19 4.51 3.02 1.32
CA LEU A 19 4.12 1.68 0.94
C LEU A 19 5.03 0.64 1.60
N ARG A 20 6.31 1.02 1.76
CA ARG A 20 7.29 0.15 2.40
C ARG A 20 6.91 -0.11 3.85
N ARG A 21 6.81 0.95 4.66
CA ARG A 21 6.45 0.82 6.07
C ARG A 21 5.32 -0.18 6.27
N LYS A 22 4.28 -0.09 5.44
CA LYS A 22 3.13 -1.00 5.53
C LYS A 22 3.61 -2.44 5.73
N ASP A 23 4.59 -2.85 4.91
CA ASP A 23 5.17 -4.18 5.01
C ASP A 23 5.96 -4.30 6.32
N THR A 24 6.97 -3.44 6.47
CA THR A 24 7.82 -3.42 7.67
C THR A 24 6.98 -3.55 8.95
N HIS A 25 5.83 -2.85 9.00
CA HIS A 25 4.95 -2.88 10.15
C HIS A 25 4.33 -4.26 10.35
N ILE A 26 3.73 -4.81 9.29
CA ILE A 26 3.12 -6.14 9.35
C ILE A 26 4.16 -7.23 9.61
N ARG A 27 5.44 -6.91 9.38
CA ARG A 27 6.52 -7.86 9.61
C ARG A 27 7.04 -7.73 11.05
N GLU A 28 7.15 -6.48 11.52
CA GLU A 28 7.61 -6.21 12.90
C GLU A 28 6.57 -6.72 13.89
N LEU A 29 5.31 -6.31 13.70
CA LEU A 29 4.22 -6.74 14.57
C LEU A 29 3.99 -8.26 14.47
N GLU A 30 4.60 -8.90 13.46
CA GLU A 30 4.47 -10.34 13.28
C GLU A 30 5.34 -11.08 14.30
N ASP A 31 6.42 -10.44 14.74
CA ASP A 31 7.32 -11.02 15.73
C ASP A 31 6.74 -10.86 17.14
N TYR A 32 5.84 -9.88 17.30
CA TYR A 32 5.18 -9.63 18.59
C TYR A 32 4.16 -10.74 18.87
N ILE A 33 3.53 -11.25 17.81
CA ILE A 33 2.54 -12.33 17.94
C ILE A 33 3.24 -13.69 18.00
N ASP A 34 4.52 -13.72 17.59
CA ASP A 34 5.30 -14.95 17.60
C ASP A 34 5.47 -15.49 19.02
N ASN A 35 5.70 -14.58 19.98
CA ASN A 35 5.88 -14.96 21.38
C ASN A 35 4.83 -16.00 21.81
N LEU A 36 3.60 -15.83 21.32
CA LEU A 36 2.52 -16.76 21.64
C LEU A 36 2.81 -18.14 21.03
N LEU A 37 3.19 -18.15 19.75
CA LEU A 37 3.53 -19.39 19.06
C LEU A 37 4.98 -19.36 18.55
N VAL A 38 5.92 -19.24 19.50
CA VAL A 38 7.36 -19.19 19.21
C VAL A 38 8.16 -19.55 20.46
N ARG A 39 9.49 -19.52 20.36
CA ARG A 39 10.34 -19.83 21.51
C ARG A 39 10.33 -18.66 22.50
N VAL A 40 9.75 -18.89 23.67
CA VAL A 40 9.65 -17.86 24.70
C VAL A 40 10.90 -17.86 25.60
N MET A 41 11.16 -16.71 26.21
CA MET A 41 12.31 -16.56 27.11
C MET A 41 11.88 -16.02 28.47
N GLY B 1 13.35 12.98 -24.20
CA GLY B 1 11.99 13.17 -24.79
C GLY B 1 10.96 13.62 -23.77
N SER B 2 10.67 12.75 -22.80
CA SER B 2 9.70 13.06 -21.75
C SER B 2 10.29 12.89 -20.35
N LEU B 3 11.61 12.81 -20.26
CA LEU B 3 12.26 12.67 -18.96
C LEU B 3 12.19 14.01 -18.22
N THR B 4 10.97 14.36 -17.77
CA THR B 4 10.72 15.61 -17.07
C THR B 4 9.46 15.50 -16.22
N TYR B 5 8.85 16.64 -15.86
CA TYR B 5 7.64 16.66 -15.04
C TYR B 5 6.48 15.98 -15.77
N GLU B 6 6.07 16.59 -16.89
CA GLU B 6 4.94 16.10 -17.71
C GLU B 6 4.88 14.56 -17.77
N GLU B 7 6.02 13.89 -17.60
CA GLU B 7 6.06 12.44 -17.62
C GLU B 7 5.85 11.86 -16.22
N VAL B 8 6.53 12.43 -15.22
CA VAL B 8 6.41 11.97 -13.83
C VAL B 8 4.96 12.03 -13.34
N LEU B 9 4.18 12.98 -13.88
CA LEU B 9 2.78 13.14 -13.50
C LEU B 9 2.02 11.82 -13.60
N GLN B 10 2.17 11.14 -14.75
CA GLN B 10 1.51 9.85 -14.98
C GLN B 10 1.98 8.79 -13.98
N GLU B 11 3.16 8.99 -13.39
CA GLU B 11 3.71 8.06 -12.42
C GLU B 11 3.06 8.28 -11.05
N LEU B 12 2.70 9.54 -10.77
CA LEU B 12 2.06 9.90 -9.51
C LEU B 12 0.68 9.25 -9.42
N VAL B 13 -0.18 9.54 -10.41
CA VAL B 13 -1.53 8.97 -10.45
C VAL B 13 -1.46 7.44 -10.34
N LYS B 14 -0.73 6.79 -11.25
CA LYS B 14 -0.59 5.33 -11.27
C LYS B 14 -0.42 4.76 -9.85
N HIS B 15 0.41 5.43 -9.04
CA HIS B 15 0.64 4.98 -7.66
C HIS B 15 -0.68 4.94 -6.90
N LYS B 16 -1.27 6.12 -6.66
CA LYS B 16 -2.52 6.25 -5.93
C LYS B 16 -3.57 5.22 -6.37
N GLU B 17 -3.74 5.04 -7.68
CA GLU B 17 -4.73 4.09 -8.20
C GLU B 17 -4.30 2.64 -7.94
N LEU B 18 -3.01 2.37 -8.07
CA LEU B 18 -2.48 1.03 -7.83
C LEU B 18 -2.69 0.64 -6.37
N LEU B 19 -2.50 1.62 -5.47
CA LEU B 19 -2.71 1.39 -4.04
C LEU B 19 -4.18 1.13 -3.76
N ARG B 20 -5.06 1.76 -4.53
CA ARG B 20 -6.50 1.59 -4.38
C ARG B 20 -6.88 0.14 -4.69
N ARG B 21 -6.60 -0.32 -5.91
CA ARG B 21 -6.92 -1.68 -6.32
C ARG B 21 -6.59 -2.70 -5.22
N LYS B 22 -5.41 -2.56 -4.61
CA LYS B 22 -4.99 -3.47 -3.54
C LYS B 22 -6.15 -3.71 -2.56
N ASP B 23 -6.80 -2.62 -2.16
CA ASP B 23 -7.94 -2.69 -1.25
C ASP B 23 -9.12 -3.35 -1.98
N THR B 24 -9.55 -2.72 -3.07
CA THR B 24 -10.67 -3.23 -3.88
C THR B 24 -10.57 -4.75 -4.09
N HIS B 25 -9.34 -5.24 -4.36
CA HIS B 25 -9.12 -6.66 -4.58
C HIS B 25 -9.38 -7.47 -3.31
N ILE B 26 -8.76 -7.07 -2.19
CA ILE B 26 -8.95 -7.77 -0.91
C ILE B 26 -10.40 -7.66 -0.42
N ARG B 27 -11.16 -6.72 -0.99
CA ARG B 27 -12.56 -6.54 -0.62
C ARG B 27 -13.45 -7.40 -1.52
N GLU B 28 -13.13 -7.42 -2.82
CA GLU B 28 -13.88 -8.21 -3.79
C GLU B 28 -13.69 -9.70 -3.50
N LEU B 29 -12.42 -10.13 -3.37
CA LEU B 29 -12.12 -11.53 -3.06
C LEU B 29 -12.63 -11.92 -1.68
N GLU B 30 -13.03 -10.93 -0.87
CA GLU B 30 -13.57 -11.18 0.46
C GLU B 30 -15.00 -11.71 0.37
N ASP B 31 -15.70 -11.34 -0.69
CA ASP B 31 -17.08 -11.79 -0.92
C ASP B 31 -17.08 -13.20 -1.51
N TYR B 32 -15.97 -13.59 -2.13
CA TYR B 32 -15.82 -14.93 -2.71
C TYR B 32 -15.66 -15.97 -1.61
N ILE B 33 -15.01 -15.57 -0.51
CA ILE B 33 -14.81 -16.46 0.63
C ILE B 33 -16.04 -16.45 1.55
N ASP B 34 -16.91 -15.44 1.37
CA ASP B 34 -18.13 -15.31 2.17
C ASP B 34 -19.06 -16.49 1.93
N ASN B 35 -19.17 -16.92 0.67
CA ASN B 35 -20.03 -18.06 0.31
C ASN B 35 -19.88 -19.20 1.31
N LEU B 36 -18.64 -19.44 1.76
CA LEU B 36 -18.36 -20.49 2.73
C LEU B 36 -19.03 -20.18 4.07
N LEU B 37 -18.85 -18.94 4.53
CA LEU B 37 -19.44 -18.48 5.80
C LEU B 37 -20.36 -17.28 5.56
N VAL B 38 -21.41 -17.49 4.76
CA VAL B 38 -22.37 -16.42 4.45
C VAL B 38 -22.82 -15.71 5.73
N ARG B 39 -23.19 -14.43 5.58
CA ARG B 39 -23.61 -13.59 6.71
C ARG B 39 -24.67 -14.27 7.58
N VAL B 40 -24.20 -15.10 8.51
CA VAL B 40 -25.06 -15.83 9.44
C VAL B 40 -24.30 -16.14 10.73
N MET B 41 -24.03 -15.10 11.53
CA MET B 41 -23.31 -15.26 12.78
C MET B 41 -24.17 -14.86 13.97
N GLY A 1 5.45 29.21 -7.42
CA GLY A 1 6.26 28.96 -6.19
C GLY A 1 6.82 27.55 -6.13
N SER A 2 6.28 26.75 -5.21
CA SER A 2 6.73 25.36 -5.05
C SER A 2 5.73 24.37 -5.62
N LEU A 3 4.57 24.86 -6.11
CA LEU A 3 3.56 23.98 -6.71
C LEU A 3 3.99 23.67 -8.14
N THR A 4 5.11 22.95 -8.27
CA THR A 4 5.66 22.59 -9.57
C THR A 4 6.45 21.29 -9.46
N TYR A 5 7.34 21.04 -10.41
CA TYR A 5 8.15 19.81 -10.45
C TYR A 5 8.68 19.36 -9.09
N GLU A 6 9.09 20.30 -8.23
CA GLU A 6 9.63 19.94 -6.91
C GLU A 6 8.51 19.48 -5.95
N GLU A 7 7.26 19.80 -6.30
CA GLU A 7 6.12 19.40 -5.47
C GLU A 7 5.77 17.94 -5.69
N VAL A 8 5.69 17.53 -6.96
CA VAL A 8 5.36 16.15 -7.32
C VAL A 8 6.52 15.22 -6.96
N LEU A 9 7.76 15.71 -7.11
CA LEU A 9 8.94 14.91 -6.79
C LEU A 9 8.85 14.33 -5.39
N GLN A 10 8.64 15.20 -4.40
CA GLN A 10 8.53 14.76 -2.99
C GLN A 10 7.33 13.84 -2.77
N GLU A 11 6.34 13.88 -3.67
CA GLU A 11 5.16 13.03 -3.56
C GLU A 11 5.50 11.60 -3.97
N LEU A 12 6.51 11.44 -4.82
CA LEU A 12 6.95 10.12 -5.28
C LEU A 12 7.67 9.39 -4.15
N VAL A 13 8.64 10.07 -3.53
CA VAL A 13 9.41 9.51 -2.43
C VAL A 13 8.55 9.36 -1.15
N LYS A 14 7.38 10.01 -1.14
CA LYS A 14 6.46 9.93 0.00
C LYS A 14 5.63 8.65 -0.09
N HIS A 15 4.97 8.47 -1.24
CA HIS A 15 4.14 7.28 -1.47
C HIS A 15 4.99 6.02 -1.47
N LYS A 16 6.24 6.14 -1.95
CA LYS A 16 7.17 5.00 -2.01
C LYS A 16 7.62 4.59 -0.61
N GLU A 17 7.99 5.57 0.22
CA GLU A 17 8.44 5.30 1.59
C GLU A 17 7.28 4.84 2.46
N LEU A 18 6.09 5.38 2.21
CA LEU A 18 4.89 5.00 2.97
C LEU A 18 4.58 3.52 2.76
N LEU A 19 4.79 3.05 1.54
CA LEU A 19 4.56 1.64 1.19
C LEU A 19 5.56 0.75 1.94
N ARG A 20 6.77 1.27 2.17
CA ARG A 20 7.81 0.53 2.86
C ARG A 20 7.37 0.18 4.29
N ARG A 21 7.09 1.19 5.11
CA ARG A 21 6.67 0.98 6.50
C ARG A 21 5.47 0.04 6.59
N LYS A 22 4.51 0.20 5.68
CA LYS A 22 3.31 -0.67 5.66
C LYS A 22 3.71 -2.14 5.45
N ASP A 23 4.88 -2.35 4.86
CA ASP A 23 5.41 -3.70 4.62
C ASP A 23 6.28 -4.17 5.78
N THR A 24 6.89 -3.22 6.51
CA THR A 24 7.76 -3.55 7.64
C THR A 24 6.97 -3.61 8.96
N HIS A 25 5.87 -2.86 9.03
CA HIS A 25 5.03 -2.85 10.24
C HIS A 25 4.31 -4.19 10.38
N ILE A 26 3.89 -4.76 9.25
CA ILE A 26 3.23 -6.05 9.24
C ILE A 26 4.21 -7.18 9.56
N ARG A 27 5.51 -6.89 9.40
CA ARG A 27 6.56 -7.86 9.68
C ARG A 27 7.00 -7.78 11.15
N GLU A 28 7.19 -6.56 11.65
CA GLU A 28 7.60 -6.37 13.05
C GLU A 28 6.50 -6.86 13.99
N LEU A 29 5.26 -6.45 13.74
CA LEU A 29 4.12 -6.87 14.56
C LEU A 29 3.91 -8.39 14.49
N GLU A 30 4.54 -9.04 13.50
CA GLU A 30 4.44 -10.48 13.36
C GLU A 30 5.29 -11.15 14.44
N ASP A 31 6.59 -10.81 14.44
CA ASP A 31 7.53 -11.34 15.43
C ASP A 31 7.02 -11.04 16.85
N TYR A 32 6.32 -9.91 16.99
CA TYR A 32 5.76 -9.53 18.28
C TYR A 32 4.69 -10.54 18.71
N ILE A 33 3.83 -10.93 17.77
CA ILE A 33 2.78 -11.90 18.03
C ILE A 33 3.39 -13.29 18.25
N ASP A 34 4.41 -13.62 17.44
CA ASP A 34 5.09 -14.91 17.52
C ASP A 34 5.28 -15.41 18.95
N ASN A 35 5.55 -14.49 19.89
CA ASN A 35 5.74 -14.85 21.30
C ASN A 35 4.74 -15.93 21.75
N LEU A 36 3.49 -15.79 21.29
CA LEU A 36 2.45 -16.77 21.63
C LEU A 36 2.77 -18.13 21.02
N LEU A 37 3.13 -18.13 19.73
CA LEU A 37 3.49 -19.37 19.02
C LEU A 37 4.93 -19.31 18.52
N VAL A 38 5.87 -19.14 19.47
CA VAL A 38 7.31 -19.07 19.16
C VAL A 38 8.13 -19.44 20.40
N ARG A 39 9.46 -19.38 20.28
CA ARG A 39 10.34 -19.68 21.40
C ARG A 39 10.33 -18.52 22.41
N VAL A 40 9.73 -18.76 23.58
CA VAL A 40 9.65 -17.75 24.62
C VAL A 40 10.90 -17.74 25.50
N MET A 41 11.23 -16.57 26.05
CA MET A 41 12.40 -16.42 26.90
C MET A 41 12.01 -15.82 28.26
N GLY B 1 13.11 12.34 -24.13
CA GLY B 1 11.86 12.80 -24.81
C GLY B 1 10.88 13.46 -23.86
N SER B 2 10.21 12.65 -23.05
CA SER B 2 9.23 13.14 -22.09
C SER B 2 9.63 12.79 -20.66
N LEU B 3 10.93 12.65 -20.42
CA LEU B 3 11.45 12.35 -19.09
C LEU B 3 11.56 13.65 -18.30
N THR B 4 10.42 14.30 -18.11
CA THR B 4 10.34 15.57 -17.41
C THR B 4 9.05 15.62 -16.59
N TYR B 5 8.59 16.82 -16.23
CA TYR B 5 7.38 17.00 -15.41
C TYR B 5 6.22 16.08 -15.81
N GLU B 6 6.02 15.84 -17.11
CA GLU B 6 4.92 14.98 -17.56
C GLU B 6 5.20 13.49 -17.26
N GLU B 7 6.46 13.16 -17.00
CA GLU B 7 6.85 11.78 -16.69
C GLU B 7 6.51 11.44 -15.25
N VAL B 8 6.85 12.33 -14.31
CA VAL B 8 6.57 12.11 -12.90
C VAL B 8 5.07 12.23 -12.62
N LEU B 9 4.41 13.13 -13.34
CA LEU B 9 2.97 13.34 -13.17
C LEU B 9 2.20 12.02 -13.28
N GLN B 10 2.42 11.30 -14.39
CA GLN B 10 1.75 10.01 -14.62
C GLN B 10 2.16 8.96 -13.57
N GLU B 11 3.29 9.16 -12.91
CA GLU B 11 3.76 8.23 -11.89
C GLU B 11 2.96 8.42 -10.59
N LEU B 12 2.42 9.62 -10.39
CA LEU B 12 1.62 9.92 -9.21
C LEU B 12 0.25 9.23 -9.32
N VAL B 13 -0.41 9.42 -10.46
CA VAL B 13 -1.72 8.80 -10.71
C VAL B 13 -1.60 7.27 -10.90
N LYS B 14 -0.38 6.79 -11.10
CA LYS B 14 -0.14 5.35 -11.26
C LYS B 14 -0.07 4.68 -9.89
N HIS B 15 0.80 5.20 -9.02
CA HIS B 15 0.96 4.66 -7.67
C HIS B 15 -0.33 4.83 -6.86
N LYS B 16 -1.05 5.92 -7.12
CA LYS B 16 -2.30 6.20 -6.43
C LYS B 16 -3.40 5.22 -6.84
N GLU B 17 -3.54 4.99 -8.15
CA GLU B 17 -4.55 4.06 -8.67
C GLU B 17 -4.20 2.61 -8.33
N LEU B 18 -2.90 2.30 -8.30
CA LEU B 18 -2.44 0.95 -7.96
C LEU B 18 -2.85 0.60 -6.53
N LEU B 19 -2.76 1.59 -5.64
CA LEU B 19 -3.14 1.41 -4.24
C LEU B 19 -4.64 1.15 -4.12
N ARG B 20 -5.43 1.75 -5.03
CA ARG B 20 -6.88 1.57 -5.03
C ARG B 20 -7.26 0.10 -5.24
N ARG B 21 -6.85 -0.47 -6.37
CA ARG B 21 -7.16 -1.88 -6.69
C ARG B 21 -6.71 -2.81 -5.58
N LYS B 22 -5.53 -2.57 -5.01
CA LYS B 22 -5.01 -3.39 -3.91
C LYS B 22 -5.95 -3.36 -2.70
N ASP B 23 -6.75 -2.31 -2.62
CA ASP B 23 -7.72 -2.14 -1.54
C ASP B 23 -9.09 -2.71 -1.92
N THR B 24 -9.38 -2.74 -3.23
CA THR B 24 -10.66 -3.27 -3.73
C THR B 24 -10.58 -4.77 -4.02
N HIS B 25 -9.38 -5.26 -4.35
CA HIS B 25 -9.18 -6.67 -4.64
C HIS B 25 -9.32 -7.50 -3.36
N ILE B 26 -8.84 -6.94 -2.26
CA ILE B 26 -8.94 -7.59 -0.95
C ILE B 26 -10.38 -7.58 -0.45
N ARG B 27 -11.20 -6.68 -1.01
CA ARG B 27 -12.61 -6.57 -0.64
C ARG B 27 -13.48 -7.49 -1.50
N GLU B 28 -13.23 -7.51 -2.81
CA GLU B 28 -13.99 -8.37 -3.72
C GLU B 28 -13.74 -9.84 -3.39
N LEU B 29 -12.46 -10.21 -3.24
CA LEU B 29 -12.09 -11.59 -2.91
C LEU B 29 -12.63 -12.00 -1.55
N GLU B 30 -13.07 -11.01 -0.74
CA GLU B 30 -13.64 -11.29 0.56
C GLU B 30 -15.05 -11.85 0.39
N ASP B 31 -15.91 -11.08 -0.29
CA ASP B 31 -17.27 -11.50 -0.57
C ASP B 31 -17.28 -12.85 -1.30
N TYR B 32 -16.24 -13.09 -2.10
CA TYR B 32 -16.10 -14.34 -2.84
C TYR B 32 -15.93 -15.50 -1.86
N ILE B 33 -15.07 -15.30 -0.86
CA ILE B 33 -14.83 -16.30 0.18
C ILE B 33 -16.07 -16.47 1.06
N ASP B 34 -16.71 -15.34 1.39
CA ASP B 34 -17.91 -15.34 2.24
C ASP B 34 -18.86 -16.50 1.96
N ASN B 35 -18.97 -16.90 0.70
CA ASN B 35 -19.84 -18.02 0.30
C ASN B 35 -19.75 -19.17 1.31
N LEU B 36 -18.53 -19.46 1.79
CA LEU B 36 -18.32 -20.52 2.76
C LEU B 36 -19.01 -20.18 4.09
N LEU B 37 -18.80 -18.94 4.56
CA LEU B 37 -19.39 -18.47 5.81
C LEU B 37 -20.31 -17.26 5.54
N VAL B 38 -21.33 -17.46 4.71
CA VAL B 38 -22.28 -16.40 4.37
C VAL B 38 -22.79 -15.70 5.63
N ARG B 39 -23.26 -14.46 5.47
CA ARG B 39 -23.76 -13.64 6.58
C ARG B 39 -24.79 -14.39 7.44
N VAL B 40 -24.27 -15.17 8.39
CA VAL B 40 -25.11 -15.96 9.30
C VAL B 40 -24.36 -16.19 10.62
N MET B 41 -24.00 -15.09 11.29
CA MET B 41 -23.28 -15.17 12.56
C MET B 41 -24.19 -14.85 13.74
N GLY A 1 4.42 28.63 -7.65
CA GLY A 1 5.84 28.72 -7.21
C GLY A 1 6.42 27.37 -6.84
N SER A 2 6.11 26.89 -5.65
CA SER A 2 6.60 25.60 -5.17
C SER A 2 5.64 24.46 -5.54
N LEU A 3 4.52 24.79 -6.21
CA LEU A 3 3.57 23.76 -6.64
C LEU A 3 3.92 23.29 -8.05
N THR A 4 5.23 23.08 -8.27
CA THR A 4 5.77 22.63 -9.55
C THR A 4 6.52 21.32 -9.38
N TYR A 5 7.42 21.01 -10.32
CA TYR A 5 8.20 19.76 -10.29
C TYR A 5 8.76 19.44 -8.89
N GLU A 6 9.10 20.48 -8.11
CA GLU A 6 9.63 20.25 -6.76
C GLU A 6 8.54 19.81 -5.78
N GLU A 7 7.28 19.96 -6.18
CA GLU A 7 6.14 19.57 -5.34
C GLU A 7 5.80 18.09 -5.54
N VAL A 8 5.82 17.64 -6.79
CA VAL A 8 5.52 16.25 -7.11
C VAL A 8 6.66 15.32 -6.65
N LEU A 9 7.90 15.79 -6.76
CA LEU A 9 9.07 15.00 -6.36
C LEU A 9 8.92 14.49 -4.92
N GLN A 10 8.57 15.40 -4.01
CA GLN A 10 8.39 15.06 -2.59
C GLN A 10 7.17 14.15 -2.38
N GLU A 11 6.24 14.16 -3.34
CA GLU A 11 5.03 13.32 -3.26
C GLU A 11 5.33 11.91 -3.81
N LEU A 12 6.22 11.85 -4.81
CA LEU A 12 6.60 10.58 -5.41
C LEU A 12 7.31 9.72 -4.37
N VAL A 13 8.41 10.24 -3.82
CA VAL A 13 9.18 9.52 -2.81
C VAL A 13 8.29 9.10 -1.63
N LYS A 14 7.55 10.06 -1.06
CA LYS A 14 6.65 9.78 0.07
C LYS A 14 5.69 8.63 -0.22
N HIS A 15 5.22 8.52 -1.47
CA HIS A 15 4.31 7.44 -1.86
C HIS A 15 5.03 6.09 -1.80
N LYS A 16 6.32 6.10 -2.15
CA LYS A 16 7.12 4.89 -2.13
C LYS A 16 7.53 4.54 -0.69
N GLU A 17 7.91 5.55 0.09
CA GLU A 17 8.30 5.36 1.48
C GLU A 17 7.15 4.74 2.27
N LEU A 18 6.03 5.46 2.34
CA LEU A 18 4.85 4.99 3.08
C LEU A 18 4.58 3.50 2.85
N LEU A 19 4.72 3.04 1.60
CA LEU A 19 4.50 1.63 1.26
C LEU A 19 5.57 0.74 1.90
N ARG A 20 6.80 1.25 1.99
CA ARG A 20 7.91 0.50 2.58
C ARG A 20 7.63 0.21 4.06
N ARG A 21 7.46 1.27 4.86
CA ARG A 21 7.17 1.11 6.28
C ARG A 21 5.93 0.25 6.49
N LYS A 22 4.93 0.41 5.62
CA LYS A 22 3.70 -0.37 5.70
C LYS A 22 4.04 -1.86 5.71
N ASP A 23 4.80 -2.28 4.70
CA ASP A 23 5.22 -3.68 4.59
C ASP A 23 6.10 -4.07 5.78
N THR A 24 6.79 -3.09 6.38
CA THR A 24 7.65 -3.39 7.52
C THR A 24 6.78 -3.83 8.70
N HIS A 25 5.90 -2.94 9.20
CA HIS A 25 5.04 -3.25 10.34
C HIS A 25 4.46 -4.67 10.32
N ILE A 26 3.85 -5.05 9.20
CA ILE A 26 3.24 -6.39 9.08
C ILE A 26 4.26 -7.50 9.40
N ARG A 27 5.55 -7.21 9.21
CA ARG A 27 6.60 -8.18 9.48
C ARG A 27 7.08 -8.09 10.93
N GLU A 28 7.19 -6.86 11.46
CA GLU A 28 7.63 -6.65 12.84
C GLU A 28 6.56 -7.15 13.84
N LEU A 29 5.30 -6.91 13.50
CA LEU A 29 4.18 -7.35 14.35
C LEU A 29 3.99 -8.88 14.22
N GLU A 30 4.69 -9.48 13.26
CA GLU A 30 4.63 -10.93 13.05
C GLU A 30 5.46 -11.63 14.13
N ASP A 31 6.52 -10.96 14.58
CA ASP A 31 7.37 -11.49 15.65
C ASP A 31 6.81 -11.08 17.01
N TYR A 32 6.17 -9.91 17.03
CA TYR A 32 5.54 -9.39 18.25
C TYR A 32 4.45 -10.34 18.72
N ILE A 33 3.71 -10.90 17.76
CA ILE A 33 2.65 -11.86 18.05
C ILE A 33 3.23 -13.25 18.29
N ASP A 34 4.26 -13.61 17.51
CA ASP A 34 4.91 -14.93 17.60
C ASP A 34 5.05 -15.40 19.05
N ASN A 35 5.39 -14.48 19.96
CA ASN A 35 5.55 -14.80 21.39
C ASN A 35 4.55 -15.86 21.85
N LEU A 36 3.30 -15.74 21.41
CA LEU A 36 2.25 -16.70 21.77
C LEU A 36 2.56 -18.07 21.14
N LEU A 37 2.83 -18.07 19.83
CA LEU A 37 3.15 -19.29 19.11
C LEU A 37 4.62 -19.28 18.64
N VAL A 38 5.53 -19.15 19.61
CA VAL A 38 6.97 -19.12 19.34
C VAL A 38 7.75 -19.59 20.58
N ARG A 39 9.09 -19.58 20.49
CA ARG A 39 9.92 -20.00 21.63
C ARG A 39 10.23 -18.79 22.52
N VAL A 40 9.44 -18.64 23.58
CA VAL A 40 9.62 -17.52 24.52
C VAL A 40 10.86 -17.73 25.39
N MET A 41 11.53 -16.62 25.73
CA MET A 41 12.73 -16.67 26.55
C MET A 41 12.41 -16.31 28.01
N GLY B 1 13.61 13.04 -24.20
CA GLY B 1 12.26 12.89 -24.80
C GLY B 1 11.16 13.49 -23.94
N SER B 2 10.62 12.70 -23.02
CA SER B 2 9.56 13.15 -22.12
C SER B 2 9.81 12.65 -20.69
N LEU B 3 11.06 12.76 -20.23
CA LEU B 3 11.43 12.35 -18.88
C LEU B 3 11.44 13.59 -17.98
N THR B 4 10.46 14.46 -18.20
CA THR B 4 10.29 15.69 -17.45
C THR B 4 8.99 15.65 -16.66
N TYR B 5 8.47 16.82 -16.27
CA TYR B 5 7.23 16.91 -15.48
C TYR B 5 6.11 16.02 -16.01
N GLU B 6 6.05 15.80 -17.32
CA GLU B 6 5.00 14.94 -17.90
C GLU B 6 5.29 13.44 -17.63
N GLU B 7 6.50 13.13 -17.18
CA GLU B 7 6.88 11.75 -16.86
C GLU B 7 6.49 11.40 -15.44
N VAL B 8 6.73 12.32 -14.51
CA VAL B 8 6.40 12.10 -13.10
C VAL B 8 4.89 12.12 -12.88
N LEU B 9 4.18 12.99 -13.61
CA LEU B 9 2.72 13.10 -13.49
C LEU B 9 2.04 11.74 -13.66
N GLN B 10 2.42 11.01 -14.71
CA GLN B 10 1.86 9.68 -14.99
C GLN B 10 2.30 8.65 -13.95
N GLU B 11 3.39 8.93 -13.24
CA GLU B 11 3.89 8.03 -12.19
C GLU B 11 3.18 8.31 -10.87
N LEU B 12 2.83 9.58 -10.63
CA LEU B 12 2.13 9.99 -9.42
C LEU B 12 0.75 9.33 -9.38
N VAL B 13 -0.06 9.59 -10.41
CA VAL B 13 -1.40 9.01 -10.50
C VAL B 13 -1.34 7.48 -10.38
N LYS B 14 -0.52 6.84 -11.21
CA LYS B 14 -0.37 5.38 -11.21
C LYS B 14 -0.08 4.83 -9.80
N HIS B 15 0.72 5.57 -9.02
CA HIS B 15 1.04 5.15 -7.65
C HIS B 15 -0.20 5.19 -6.77
N LYS B 16 -1.08 6.15 -7.03
CA LYS B 16 -2.32 6.30 -6.27
C LYS B 16 -3.35 5.26 -6.73
N GLU B 17 -3.44 5.06 -8.06
CA GLU B 17 -4.37 4.10 -8.62
C GLU B 17 -4.07 2.69 -8.10
N LEU B 18 -2.86 2.20 -8.39
CA LEU B 18 -2.44 0.86 -7.95
C LEU B 18 -2.88 0.57 -6.52
N LEU B 19 -2.74 1.55 -5.62
CA LEU B 19 -3.14 1.39 -4.22
C LEU B 19 -4.65 1.23 -4.09
N ARG B 20 -5.40 1.94 -4.93
CA ARG B 20 -6.87 1.87 -4.91
C ARG B 20 -7.34 0.46 -5.23
N ARG B 21 -6.99 -0.04 -6.43
CA ARG B 21 -7.39 -1.38 -6.83
C ARG B 21 -6.92 -2.43 -5.82
N LYS B 22 -5.72 -2.21 -5.26
CA LYS B 22 -5.17 -3.13 -4.26
C LYS B 22 -6.17 -3.29 -3.12
N ASP B 23 -6.59 -2.16 -2.54
CA ASP B 23 -7.57 -2.16 -1.46
C ASP B 23 -8.90 -2.76 -1.93
N THR B 24 -9.19 -2.64 -3.24
CA THR B 24 -10.44 -3.18 -3.76
C THR B 24 -10.42 -4.70 -3.64
N HIS B 25 -9.48 -5.37 -4.33
CA HIS B 25 -9.40 -6.84 -4.31
C HIS B 25 -9.62 -7.45 -2.93
N ILE B 26 -8.90 -6.96 -1.92
CA ILE B 26 -9.04 -7.49 -0.55
C ILE B 26 -10.50 -7.46 -0.07
N ARG B 27 -11.29 -6.56 -0.64
CA ARG B 27 -12.71 -6.43 -0.27
C ARG B 27 -13.59 -7.34 -1.15
N GLU B 28 -13.27 -7.43 -2.44
CA GLU B 28 -14.03 -8.27 -3.37
C GLU B 28 -13.82 -9.76 -3.07
N LEU B 29 -12.58 -10.11 -2.72
CA LEU B 29 -12.25 -11.50 -2.38
C LEU B 29 -12.79 -11.85 -0.97
N GLU B 30 -13.28 -10.83 -0.26
CA GLU B 30 -13.86 -11.02 1.07
C GLU B 30 -15.26 -11.62 0.93
N ASP B 31 -15.95 -11.26 -0.18
CA ASP B 31 -17.27 -11.79 -0.47
C ASP B 31 -17.13 -13.11 -1.23
N TYR B 32 -16.07 -13.21 -2.04
CA TYR B 32 -15.78 -14.41 -2.82
C TYR B 32 -15.57 -15.59 -1.88
N ILE B 33 -14.91 -15.33 -0.76
CA ILE B 33 -14.65 -16.35 0.25
C ILE B 33 -15.88 -16.57 1.14
N ASP B 34 -16.57 -15.46 1.46
CA ASP B 34 -17.77 -15.50 2.33
C ASP B 34 -18.66 -16.70 2.04
N ASN B 35 -18.81 -17.06 0.76
CA ASN B 35 -19.63 -18.19 0.34
C ASN B 35 -19.54 -19.36 1.34
N LEU B 36 -18.33 -19.63 1.81
CA LEU B 36 -18.12 -20.71 2.79
C LEU B 36 -18.80 -20.35 4.12
N LEU B 37 -18.52 -19.15 4.62
CA LEU B 37 -19.10 -18.67 5.87
C LEU B 37 -20.05 -17.50 5.60
N VAL B 38 -21.08 -17.74 4.80
CA VAL B 38 -22.06 -16.71 4.43
C VAL B 38 -22.57 -15.95 5.65
N ARG B 39 -22.97 -14.69 5.42
CA ARG B 39 -23.47 -13.79 6.47
C ARG B 39 -24.61 -14.43 7.27
N VAL B 40 -24.24 -15.27 8.25
CA VAL B 40 -25.22 -15.95 9.10
C VAL B 40 -24.65 -16.15 10.51
N MET B 41 -24.44 -15.04 11.22
CA MET B 41 -23.89 -15.09 12.58
C MET B 41 -24.30 -13.87 13.40
N GLY A 1 5.34 29.04 -7.70
CA GLY A 1 6.28 28.93 -6.54
C GLY A 1 6.80 27.52 -6.34
N SER A 2 6.22 26.80 -5.39
CA SER A 2 6.62 25.42 -5.09
C SER A 2 5.65 24.40 -5.68
N LEU A 3 4.47 24.86 -6.11
CA LEU A 3 3.49 23.96 -6.74
C LEU A 3 3.93 23.66 -8.17
N THR A 4 5.07 22.99 -8.29
CA THR A 4 5.66 22.63 -9.58
C THR A 4 6.43 21.30 -9.44
N TYR A 5 7.35 21.05 -10.37
CA TYR A 5 8.13 19.81 -10.39
C TYR A 5 8.63 19.37 -9.00
N GLU A 6 9.07 20.31 -8.16
CA GLU A 6 9.56 19.96 -6.82
C GLU A 6 8.43 19.51 -5.90
N GLU A 7 7.18 19.84 -6.27
CA GLU A 7 6.02 19.45 -5.47
C GLU A 7 5.64 17.99 -5.72
N VAL A 8 5.62 17.58 -6.99
CA VAL A 8 5.28 16.20 -7.34
C VAL A 8 6.41 15.25 -6.99
N LEU A 9 7.66 15.71 -7.14
CA LEU A 9 8.83 14.89 -6.82
C LEU A 9 8.74 14.33 -5.41
N GLN A 10 8.54 15.21 -4.42
CA GLN A 10 8.45 14.80 -3.01
C GLN A 10 7.26 13.87 -2.78
N GLU A 11 6.26 13.91 -3.67
CA GLU A 11 5.08 13.03 -3.54
C GLU A 11 5.43 11.60 -3.96
N LEU A 12 6.46 11.46 -4.81
CA LEU A 12 6.91 10.14 -5.26
C LEU A 12 7.67 9.45 -4.14
N VAL A 13 8.63 10.17 -3.54
CA VAL A 13 9.42 9.65 -2.43
C VAL A 13 8.56 9.49 -1.16
N LYS A 14 7.38 10.10 -1.16
CA LYS A 14 6.46 10.01 -0.04
C LYS A 14 5.68 8.72 -0.12
N HIS A 15 5.04 8.48 -1.28
CA HIS A 15 4.26 7.27 -1.51
C HIS A 15 5.14 6.03 -1.30
N LYS A 16 6.16 5.89 -2.15
CA LYS A 16 7.07 4.75 -2.09
C LYS A 16 7.52 4.40 -0.66
N GLU A 17 7.90 5.41 0.13
CA GLU A 17 8.33 5.17 1.50
C GLU A 17 7.17 4.77 2.41
N LEU A 18 6.00 5.35 2.16
CA LEU A 18 4.80 5.02 2.95
C LEU A 18 4.43 3.56 2.72
N LEU A 19 4.54 3.12 1.47
CA LEU A 19 4.25 1.74 1.10
C LEU A 19 5.27 0.79 1.71
N ARG A 20 6.52 1.25 1.82
CA ARG A 20 7.59 0.43 2.39
C ARG A 20 7.33 0.12 3.86
N ARG A 21 7.22 1.15 4.70
CA ARG A 21 6.97 0.97 6.14
C ARG A 21 5.78 0.04 6.40
N LYS A 22 4.73 0.18 5.59
CA LYS A 22 3.54 -0.66 5.74
C LYS A 22 3.90 -2.13 5.76
N ASP A 23 4.68 -2.56 4.76
CA ASP A 23 5.12 -3.95 4.66
C ASP A 23 6.09 -4.34 5.77
N THR A 24 6.71 -3.36 6.42
CA THR A 24 7.64 -3.62 7.52
C THR A 24 6.91 -3.65 8.86
N HIS A 25 5.79 -2.93 8.95
CA HIS A 25 4.98 -2.88 10.17
C HIS A 25 4.22 -4.19 10.33
N ILE A 26 3.69 -4.71 9.22
CA ILE A 26 2.96 -5.97 9.21
C ILE A 26 3.90 -7.15 9.50
N ARG A 27 5.21 -6.92 9.31
CA ARG A 27 6.23 -7.93 9.57
C ARG A 27 6.72 -7.82 11.02
N GLU A 28 6.82 -6.58 11.50
CA GLU A 28 7.26 -6.32 12.88
C GLU A 28 6.23 -6.87 13.86
N LEU A 29 4.96 -6.54 13.63
CA LEU A 29 3.87 -7.01 14.48
C LEU A 29 3.72 -8.53 14.37
N GLU A 30 4.32 -9.13 13.34
CA GLU A 30 4.29 -10.57 13.15
C GLU A 30 5.16 -11.21 14.24
N ASP A 31 6.44 -10.82 14.25
CA ASP A 31 7.39 -11.32 15.25
C ASP A 31 6.89 -11.02 16.68
N TYR A 32 6.10 -9.95 16.81
CA TYR A 32 5.55 -9.56 18.10
C TYR A 32 4.51 -10.57 18.57
N ILE A 33 3.64 -11.00 17.64
CA ILE A 33 2.61 -11.99 17.95
C ILE A 33 3.18 -13.42 17.94
N ASP A 34 4.46 -13.56 17.56
CA ASP A 34 5.11 -14.86 17.53
C ASP A 34 5.31 -15.40 18.94
N ASN A 35 5.53 -14.49 19.90
CA ASN A 35 5.75 -14.85 21.30
C ASN A 35 4.77 -15.93 21.74
N LEU A 36 3.51 -15.84 21.26
CA LEU A 36 2.49 -16.83 21.59
C LEU A 36 2.83 -18.18 20.98
N LEU A 37 3.20 -18.17 19.69
CA LEU A 37 3.57 -19.39 18.98
C LEU A 37 5.01 -19.31 18.47
N VAL A 38 5.95 -19.14 19.41
CA VAL A 38 7.38 -19.04 19.11
C VAL A 38 8.21 -19.38 20.35
N ARG A 39 9.54 -19.29 20.24
CA ARG A 39 10.42 -19.57 21.38
C ARG A 39 10.31 -18.46 22.42
N VAL A 40 9.78 -18.80 23.60
CA VAL A 40 9.63 -17.83 24.68
C VAL A 40 10.86 -17.80 25.59
N MET A 41 11.21 -16.60 26.05
CA MET A 41 12.37 -16.43 26.93
C MET A 41 11.97 -15.76 28.24
N GLY B 1 13.50 13.24 -24.25
CA GLY B 1 12.09 13.08 -24.72
C GLY B 1 11.09 13.63 -23.73
N SER B 2 10.32 12.74 -23.10
CA SER B 2 9.31 13.14 -22.11
C SER B 2 9.75 12.81 -20.69
N LEU B 3 11.07 12.74 -20.46
CA LEU B 3 11.60 12.46 -19.14
C LEU B 3 11.66 13.77 -18.35
N THR B 4 10.48 14.36 -18.15
CA THR B 4 10.34 15.63 -17.43
C THR B 4 9.05 15.62 -16.60
N TYR B 5 8.56 16.80 -16.24
CA TYR B 5 7.35 16.94 -15.43
C TYR B 5 6.21 15.99 -15.82
N GLU B 6 5.99 15.77 -17.12
CA GLU B 6 4.92 14.87 -17.57
C GLU B 6 5.24 13.40 -17.27
N GLU B 7 6.51 13.11 -17.00
CA GLU B 7 6.94 11.75 -16.68
C GLU B 7 6.62 11.40 -15.23
N VAL B 8 6.93 12.31 -14.31
CA VAL B 8 6.66 12.09 -12.89
C VAL B 8 5.17 12.19 -12.58
N LEU B 9 4.47 13.10 -13.28
CA LEU B 9 3.04 13.30 -13.08
C LEU B 9 2.28 11.97 -13.22
N GLN B 10 2.49 11.27 -14.34
CA GLN B 10 1.82 9.99 -14.60
C GLN B 10 2.22 8.93 -13.57
N GLU B 11 3.35 9.12 -12.89
CA GLU B 11 3.81 8.18 -11.86
C GLU B 11 3.00 8.37 -10.57
N LEU B 12 2.45 9.57 -10.38
CA LEU B 12 1.64 9.88 -9.21
C LEU B 12 0.27 9.22 -9.35
N VAL B 13 -0.36 9.43 -10.51
CA VAL B 13 -1.67 8.83 -10.80
C VAL B 13 -1.56 7.31 -10.99
N LYS B 14 -0.33 6.82 -11.15
CA LYS B 14 -0.09 5.38 -11.30
C LYS B 14 -0.07 4.72 -9.93
N HIS B 15 0.76 5.26 -9.03
CA HIS B 15 0.86 4.73 -7.67
C HIS B 15 -0.50 4.76 -6.99
N LYS B 16 -1.04 5.96 -6.79
CA LYS B 16 -2.34 6.14 -6.13
C LYS B 16 -3.41 5.15 -6.61
N GLU B 17 -3.52 4.95 -7.93
CA GLU B 17 -4.51 4.03 -8.48
C GLU B 17 -4.15 2.57 -8.19
N LEU B 18 -2.84 2.27 -8.22
CA LEU B 18 -2.37 0.92 -7.94
C LEU B 18 -2.69 0.53 -6.49
N LEU B 19 -2.51 1.51 -5.59
CA LEU B 19 -2.80 1.33 -4.17
C LEU B 19 -4.31 1.16 -3.95
N ARG B 20 -5.11 1.85 -4.77
CA ARG B 20 -6.57 1.79 -4.66
C ARG B 20 -7.08 0.39 -4.97
N ARG B 21 -6.82 -0.11 -6.19
CA ARG B 21 -7.27 -1.44 -6.60
C ARG B 21 -6.89 -2.51 -5.58
N LYS B 22 -5.68 -2.41 -5.01
CA LYS B 22 -5.20 -3.37 -4.03
C LYS B 22 -6.22 -3.53 -2.89
N ASP B 23 -6.65 -2.40 -2.33
CA ASP B 23 -7.63 -2.41 -1.23
C ASP B 23 -9.01 -2.88 -1.70
N THR B 24 -9.27 -2.83 -3.00
CA THR B 24 -10.55 -3.27 -3.56
C THR B 24 -10.51 -4.77 -3.92
N HIS B 25 -9.31 -5.27 -4.23
CA HIS B 25 -9.13 -6.68 -4.57
C HIS B 25 -9.23 -7.53 -3.30
N ILE B 26 -8.63 -7.04 -2.21
CA ILE B 26 -8.68 -7.73 -0.92
C ILE B 26 -10.10 -7.72 -0.34
N ARG B 27 -10.94 -6.81 -0.84
CA ARG B 27 -12.32 -6.71 -0.42
C ARG B 27 -13.22 -7.58 -1.31
N GLU B 28 -12.89 -7.62 -2.60
CA GLU B 28 -13.62 -8.43 -3.57
C GLU B 28 -13.47 -9.91 -3.24
N LEU B 29 -12.22 -10.34 -3.03
CA LEU B 29 -11.93 -11.72 -2.68
C LEU B 29 -12.49 -12.08 -1.30
N GLU B 30 -12.86 -11.06 -0.53
CA GLU B 30 -13.47 -11.27 0.78
C GLU B 30 -14.88 -11.82 0.58
N ASP B 31 -15.71 -11.05 -0.14
CA ASP B 31 -17.07 -11.46 -0.45
C ASP B 31 -17.09 -12.80 -1.20
N TYR B 32 -16.00 -13.08 -1.92
CA TYR B 32 -15.88 -14.34 -2.66
C TYR B 32 -15.74 -15.51 -1.70
N ILE B 33 -14.91 -15.35 -0.67
CA ILE B 33 -14.69 -16.38 0.34
C ILE B 33 -15.83 -16.40 1.39
N ASP B 34 -16.75 -15.44 1.28
CA ASP B 34 -17.89 -15.36 2.20
C ASP B 34 -18.86 -16.51 1.95
N ASN B 35 -18.95 -16.95 0.69
CA ASN B 35 -19.84 -18.06 0.30
C ASN B 35 -19.76 -19.20 1.31
N LEU B 36 -18.56 -19.47 1.82
CA LEU B 36 -18.35 -20.52 2.81
C LEU B 36 -19.04 -20.16 4.13
N LEU B 37 -18.84 -18.92 4.58
CA LEU B 37 -19.44 -18.44 5.82
C LEU B 37 -20.33 -17.22 5.55
N VAL B 38 -21.36 -17.42 4.72
CA VAL B 38 -22.29 -16.35 4.37
C VAL B 38 -22.80 -15.63 5.62
N ARG B 39 -23.22 -14.37 5.45
CA ARG B 39 -23.71 -13.54 6.56
C ARG B 39 -24.77 -14.27 7.40
N VAL B 40 -24.30 -15.06 8.36
CA VAL B 40 -25.18 -15.82 9.26
C VAL B 40 -24.50 -16.05 10.61
N MET B 41 -24.19 -14.95 11.30
CA MET B 41 -23.53 -15.02 12.60
C MET B 41 -24.42 -14.46 13.71
N GLY A 1 5.12 28.70 -7.94
CA GLY A 1 5.94 28.58 -6.70
C GLY A 1 6.21 27.13 -6.31
N SER A 2 5.28 26.55 -5.53
CA SER A 2 5.42 25.16 -5.08
C SER A 2 4.66 24.21 -5.98
N LEU A 3 3.51 24.66 -6.51
CA LEU A 3 2.70 23.82 -7.42
C LEU A 3 3.49 23.65 -8.72
N THR A 4 4.45 22.73 -8.68
CA THR A 4 5.36 22.48 -9.81
C THR A 4 5.90 21.04 -9.79
N TYR A 5 7.06 20.87 -10.43
CA TYR A 5 7.76 19.58 -10.43
C TYR A 5 8.53 19.42 -9.11
N GLU A 6 9.55 20.27 -8.93
CA GLU A 6 10.41 20.26 -7.74
C GLU A 6 9.62 19.88 -6.47
N GLU A 7 8.34 20.25 -6.44
CA GLU A 7 7.49 19.93 -5.28
C GLU A 7 6.93 18.52 -5.38
N VAL A 8 6.35 18.18 -6.55
CA VAL A 8 5.78 16.85 -6.77
C VAL A 8 6.81 15.74 -6.54
N LEU A 9 8.09 16.05 -6.80
CA LEU A 9 9.18 15.09 -6.64
C LEU A 9 9.10 14.41 -5.27
N GLN A 10 8.91 15.20 -4.21
CA GLN A 10 8.82 14.67 -2.84
C GLN A 10 7.62 13.74 -2.65
N GLU A 11 6.64 13.80 -3.54
CA GLU A 11 5.46 12.94 -3.46
C GLU A 11 5.80 11.51 -3.88
N LEU A 12 6.78 11.37 -4.79
CA LEU A 12 7.22 10.06 -5.26
C LEU A 12 7.98 9.33 -4.15
N VAL A 13 8.93 10.04 -3.53
CA VAL A 13 9.73 9.48 -2.45
C VAL A 13 8.89 9.26 -1.17
N LYS A 14 7.75 9.95 -1.09
CA LYS A 14 6.86 9.82 0.06
C LYS A 14 5.95 8.60 -0.10
N HIS A 15 5.31 8.50 -1.27
CA HIS A 15 4.42 7.39 -1.58
C HIS A 15 5.19 6.06 -1.58
N LYS A 16 6.44 6.11 -2.06
CA LYS A 16 7.29 4.93 -2.11
C LYS A 16 7.69 4.46 -0.72
N GLU A 17 8.15 5.40 0.12
CA GLU A 17 8.55 5.08 1.49
C GLU A 17 7.34 4.67 2.34
N LEU A 18 6.20 5.33 2.11
CA LEU A 18 4.98 5.01 2.85
C LEU A 18 4.58 3.57 2.60
N LEU A 19 4.66 3.14 1.33
CA LEU A 19 4.32 1.77 0.96
C LEU A 19 5.26 0.78 1.63
N ARG A 20 6.53 1.18 1.81
CA ARG A 20 7.54 0.33 2.44
C ARG A 20 7.13 0.01 3.88
N ARG A 21 7.02 1.06 4.73
CA ARG A 21 6.64 0.87 6.13
C ARG A 21 5.45 -0.06 6.29
N LYS A 22 4.42 0.12 5.45
CA LYS A 22 3.22 -0.73 5.52
C LYS A 22 3.62 -2.19 5.72
N ASP A 23 4.56 -2.67 4.89
CA ASP A 23 5.05 -4.04 4.98
C ASP A 23 5.91 -4.22 6.23
N THR A 24 6.96 -3.40 6.33
CA THR A 24 7.89 -3.47 7.45
C THR A 24 7.14 -3.54 8.80
N HIS A 25 6.10 -2.73 8.95
CA HIS A 25 5.30 -2.69 10.18
C HIS A 25 4.55 -3.99 10.42
N ILE A 26 3.99 -4.59 9.37
CA ILE A 26 3.26 -5.85 9.53
C ILE A 26 4.23 -7.02 9.79
N ARG A 27 5.49 -6.85 9.38
CA ARG A 27 6.53 -7.85 9.62
C ARG A 27 7.06 -7.76 11.06
N GLU A 28 7.29 -6.53 11.55
CA GLU A 28 7.79 -6.35 12.92
C GLU A 28 6.74 -6.84 13.92
N LEU A 29 5.50 -6.36 13.76
CA LEU A 29 4.40 -6.77 14.65
C LEU A 29 4.13 -8.27 14.57
N GLU A 30 4.67 -8.93 13.54
CA GLU A 30 4.51 -10.37 13.37
C GLU A 30 5.31 -11.13 14.40
N ASP A 31 6.54 -10.66 14.66
CA ASP A 31 7.39 -11.26 15.68
C ASP A 31 6.81 -11.07 17.09
N TYR A 32 6.05 -9.98 17.26
CA TYR A 32 5.40 -9.71 18.55
C TYR A 32 4.33 -10.76 18.83
N ILE A 33 3.57 -11.11 17.78
CA ILE A 33 2.52 -12.13 17.90
C ILE A 33 3.13 -13.54 17.91
N ASP A 34 4.40 -13.65 17.49
CA ASP A 34 5.09 -14.93 17.45
C ASP A 34 5.28 -15.51 18.86
N ASN A 35 5.51 -14.63 19.84
CA ASN A 35 5.70 -15.04 21.23
C ASN A 35 4.67 -16.09 21.65
N LEU A 36 3.42 -15.92 21.20
CA LEU A 36 2.35 -16.85 21.51
C LEU A 36 2.66 -18.23 20.91
N LEU A 37 3.08 -18.24 19.64
CA LEU A 37 3.43 -19.48 18.95
C LEU A 37 4.89 -19.45 18.47
N VAL A 38 5.81 -19.29 19.42
CA VAL A 38 7.25 -19.25 19.15
C VAL A 38 8.06 -19.53 20.42
N ARG A 39 9.39 -19.50 20.32
CA ARG A 39 10.25 -19.74 21.49
C ARG A 39 10.19 -18.55 22.45
N VAL A 40 9.68 -18.78 23.65
CA VAL A 40 9.57 -17.73 24.66
C VAL A 40 10.81 -17.71 25.56
N MET A 41 11.12 -16.52 26.09
CA MET A 41 12.27 -16.35 26.98
C MET A 41 11.85 -15.70 28.29
N GLY B 1 13.33 12.37 -24.09
CA GLY B 1 12.11 12.91 -24.78
C GLY B 1 11.14 13.56 -23.80
N SER B 2 10.51 12.74 -22.96
CA SER B 2 9.55 13.24 -21.98
C SER B 2 10.03 13.00 -20.55
N LEU B 3 11.30 12.61 -20.37
CA LEU B 3 11.85 12.41 -19.04
C LEU B 3 11.91 13.75 -18.32
N THR B 4 10.75 14.18 -17.84
CA THR B 4 10.61 15.47 -17.15
C THR B 4 9.40 15.40 -16.20
N TYR B 5 8.86 16.56 -15.85
CA TYR B 5 7.72 16.64 -14.94
C TYR B 5 6.51 15.98 -15.60
N GLU B 6 6.08 16.59 -16.70
CA GLU B 6 4.94 16.11 -17.48
C GLU B 6 4.87 14.58 -17.52
N GLU B 7 6.05 13.92 -17.45
CA GLU B 7 6.10 12.46 -17.45
C GLU B 7 5.89 11.90 -16.03
N VAL B 8 6.62 12.44 -15.05
CA VAL B 8 6.51 11.99 -13.67
C VAL B 8 5.07 12.12 -13.14
N LEU B 9 4.33 13.10 -13.69
CA LEU B 9 2.94 13.33 -13.28
C LEU B 9 2.13 12.03 -13.30
N GLN B 10 2.26 11.26 -14.39
CA GLN B 10 1.54 9.99 -14.54
C GLN B 10 1.94 8.96 -13.48
N GLU B 11 3.09 9.15 -12.83
CA GLU B 11 3.56 8.24 -11.78
C GLU B 11 2.75 8.43 -10.49
N LEU B 12 2.27 9.66 -10.27
CA LEU B 12 1.47 9.96 -9.09
C LEU B 12 0.09 9.33 -9.21
N VAL B 13 -0.54 9.51 -10.37
CA VAL B 13 -1.87 8.94 -10.63
C VAL B 13 -1.81 7.42 -10.78
N LYS B 14 -0.61 6.88 -11.05
CA LYS B 14 -0.43 5.44 -11.19
C LYS B 14 -0.26 4.79 -9.81
N HIS B 15 0.64 5.36 -9.01
CA HIS B 15 0.91 4.86 -7.66
C HIS B 15 -0.33 4.97 -6.78
N LYS B 16 -1.10 6.04 -6.99
CA LYS B 16 -2.33 6.27 -6.23
C LYS B 16 -3.40 5.26 -6.60
N GLU B 17 -3.63 5.06 -7.90
CA GLU B 17 -4.63 4.10 -8.36
C GLU B 17 -4.21 2.66 -8.04
N LEU B 18 -2.92 2.37 -8.15
CA LEU B 18 -2.41 1.04 -7.85
C LEU B 18 -2.70 0.67 -6.39
N LEU B 19 -2.49 1.63 -5.49
CA LEU B 19 -2.74 1.44 -4.07
C LEU B 19 -4.24 1.19 -3.83
N ARG B 20 -5.09 1.83 -4.63
CA ARG B 20 -6.54 1.66 -4.50
C ARG B 20 -6.93 0.22 -4.77
N ARG B 21 -6.66 -0.28 -5.99
CA ARG B 21 -7.01 -1.66 -6.37
C ARG B 21 -6.60 -2.66 -5.29
N LYS B 22 -5.38 -2.51 -4.75
CA LYS B 22 -4.89 -3.41 -3.70
C LYS B 22 -5.98 -3.70 -2.67
N ASP B 23 -6.63 -2.64 -2.20
CA ASP B 23 -7.72 -2.76 -1.23
C ASP B 23 -8.97 -3.33 -1.90
N THR B 24 -9.43 -2.65 -2.95
CA THR B 24 -10.63 -3.07 -3.70
C THR B 24 -10.60 -4.58 -4.01
N HIS B 25 -9.44 -5.07 -4.46
CA HIS B 25 -9.29 -6.48 -4.81
C HIS B 25 -9.43 -7.40 -3.59
N ILE B 26 -8.87 -7.00 -2.45
CA ILE B 26 -8.98 -7.83 -1.25
C ILE B 26 -10.44 -7.83 -0.78
N ARG B 27 -11.17 -6.73 -1.04
CA ARG B 27 -12.55 -6.59 -0.60
C ARG B 27 -13.48 -7.43 -1.48
N GLU B 28 -13.25 -7.41 -2.81
CA GLU B 28 -14.08 -8.18 -3.72
C GLU B 28 -13.89 -9.68 -3.45
N LEU B 29 -12.62 -10.12 -3.40
CA LEU B 29 -12.30 -11.53 -3.13
C LEU B 29 -12.79 -11.97 -1.74
N GLU B 30 -13.15 -11.00 -0.89
CA GLU B 30 -13.66 -11.29 0.44
C GLU B 30 -15.06 -11.92 0.31
N ASP B 31 -15.89 -11.30 -0.54
CA ASP B 31 -17.25 -11.77 -0.75
C ASP B 31 -17.24 -13.18 -1.36
N TYR B 32 -16.19 -13.49 -2.12
CA TYR B 32 -16.05 -14.81 -2.73
C TYR B 32 -15.83 -15.87 -1.65
N ILE B 33 -15.02 -15.53 -0.65
CA ILE B 33 -14.74 -16.43 0.46
C ILE B 33 -15.90 -16.43 1.47
N ASP B 34 -16.79 -15.43 1.36
CA ASP B 34 -17.94 -15.32 2.24
C ASP B 34 -18.91 -16.48 2.03
N ASN B 35 -19.04 -16.94 0.78
CA ASN B 35 -19.94 -18.06 0.44
C ASN B 35 -19.81 -19.20 1.45
N LEU B 36 -18.57 -19.48 1.87
CA LEU B 36 -18.33 -20.53 2.85
C LEU B 36 -19.01 -20.21 4.18
N LEU B 37 -18.84 -18.97 4.64
CA LEU B 37 -19.45 -18.50 5.88
C LEU B 37 -20.39 -17.33 5.63
N VAL B 38 -21.42 -17.55 4.80
CA VAL B 38 -22.39 -16.51 4.46
C VAL B 38 -22.91 -15.82 5.73
N ARG B 39 -23.35 -14.56 5.58
CA ARG B 39 -23.84 -13.77 6.71
C ARG B 39 -24.87 -14.53 7.56
N VAL B 40 -24.38 -15.32 8.50
CA VAL B 40 -25.22 -16.10 9.40
C VAL B 40 -24.53 -16.26 10.76
N MET B 41 -24.25 -15.13 11.41
CA MET B 41 -23.58 -15.13 12.70
C MET B 41 -24.56 -14.78 13.83
N GLY A 1 5.63 29.39 -6.87
CA GLY A 1 5.70 28.99 -5.44
C GLY A 1 6.24 27.59 -5.25
N SER A 2 5.46 26.73 -4.58
CA SER A 2 5.87 25.35 -4.34
C SER A 2 5.16 24.37 -5.27
N LEU A 3 3.93 24.70 -5.68
CA LEU A 3 3.19 23.83 -6.61
C LEU A 3 3.91 23.80 -7.95
N THR A 4 5.02 23.08 -7.97
CA THR A 4 5.89 22.98 -9.14
C THR A 4 6.39 21.56 -9.37
N TYR A 5 7.51 21.45 -10.07
CA TYR A 5 8.10 20.14 -10.39
C TYR A 5 8.82 19.54 -9.17
N GLU A 6 9.48 20.40 -8.38
CA GLU A 6 10.20 19.95 -7.18
C GLU A 6 9.23 19.52 -6.07
N GLU A 7 7.95 19.86 -6.22
CA GLU A 7 6.94 19.50 -5.22
C GLU A 7 6.39 18.11 -5.49
N VAL A 8 6.23 17.76 -6.77
CA VAL A 8 5.71 16.45 -7.16
C VAL A 8 6.68 15.35 -6.71
N LEU A 9 7.98 15.64 -6.77
CA LEU A 9 9.01 14.68 -6.38
C LEU A 9 8.73 14.13 -4.98
N GLN A 10 8.54 15.03 -4.00
CA GLN A 10 8.26 14.64 -2.62
C GLN A 10 7.03 13.73 -2.51
N GLU A 11 6.12 13.80 -3.49
CA GLU A 11 4.92 12.95 -3.48
C GLU A 11 5.27 11.51 -3.85
N LEU A 12 6.30 11.35 -4.68
CA LEU A 12 6.75 10.02 -5.10
C LEU A 12 7.59 9.37 -4.01
N VAL A 13 8.47 10.15 -3.39
CA VAL A 13 9.33 9.66 -2.31
C VAL A 13 8.52 9.38 -1.03
N LYS A 14 7.30 9.96 -0.96
CA LYS A 14 6.43 9.76 0.19
C LYS A 14 5.65 8.47 0.02
N HIS A 15 5.07 8.28 -1.17
CA HIS A 15 4.30 7.08 -1.47
C HIS A 15 5.19 5.84 -1.43
N LYS A 16 6.45 6.00 -1.86
CA LYS A 16 7.42 4.91 -1.86
C LYS A 16 7.75 4.46 -0.44
N GLU A 17 8.17 5.40 0.41
CA GLU A 17 8.51 5.09 1.80
C GLU A 17 7.27 4.65 2.59
N LEU A 18 6.12 5.26 2.29
CA LEU A 18 4.87 4.91 2.97
C LEU A 18 4.56 3.43 2.74
N LEU A 19 4.69 2.99 1.49
CA LEU A 19 4.44 1.60 1.14
C LEU A 19 5.45 0.67 1.81
N ARG A 20 6.68 1.16 1.99
CA ARG A 20 7.73 0.36 2.62
C ARG A 20 7.40 0.07 4.09
N ARG A 21 7.27 1.12 4.91
CA ARG A 21 6.96 0.95 6.34
C ARG A 21 5.75 0.03 6.55
N LYS A 22 4.70 0.23 5.76
CA LYS A 22 3.50 -0.59 5.87
C LYS A 22 3.84 -2.08 5.84
N ASP A 23 4.56 -2.49 4.78
CA ASP A 23 4.96 -3.87 4.60
C ASP A 23 5.94 -4.34 5.70
N THR A 24 6.61 -3.40 6.37
CA THR A 24 7.56 -3.76 7.43
C THR A 24 6.85 -3.81 8.80
N HIS A 25 5.80 -3.00 8.96
CA HIS A 25 5.05 -2.97 10.21
C HIS A 25 4.24 -4.25 10.37
N ILE A 26 3.59 -4.67 9.28
CA ILE A 26 2.80 -5.90 9.28
C ILE A 26 3.70 -7.13 9.46
N ARG A 27 5.00 -6.96 9.17
CA ARG A 27 5.97 -8.03 9.31
C ARG A 27 6.52 -8.07 10.75
N GLU A 28 6.84 -6.89 11.29
CA GLU A 28 7.37 -6.79 12.65
C GLU A 28 6.30 -7.22 13.65
N LEU A 29 5.07 -6.70 13.48
CA LEU A 29 3.95 -7.04 14.36
C LEU A 29 3.57 -8.52 14.25
N GLU A 30 4.08 -9.19 13.21
CA GLU A 30 3.81 -10.61 13.00
C GLU A 30 4.68 -11.48 13.91
N ASP A 31 5.87 -11.00 14.25
CA ASP A 31 6.79 -11.72 15.13
C ASP A 31 6.54 -11.35 16.60
N TYR A 32 6.19 -10.08 16.83
CA TYR A 32 5.92 -9.60 18.18
C TYR A 32 4.70 -10.32 18.78
N ILE A 33 3.66 -10.48 17.97
CA ILE A 33 2.44 -11.16 18.40
C ILE A 33 2.67 -12.67 18.50
N ASP A 34 3.51 -13.20 17.60
CA ASP A 34 3.81 -14.64 17.56
C ASP A 34 4.34 -15.18 18.91
N ASN A 35 4.73 -14.28 19.83
CA ASN A 35 5.25 -14.66 21.14
C ASN A 35 4.53 -15.88 21.71
N LEU A 36 3.21 -15.94 21.51
CA LEU A 36 2.40 -17.06 21.99
C LEU A 36 3.05 -18.39 21.59
N LEU A 37 3.32 -18.55 20.28
CA LEU A 37 3.97 -19.76 19.78
C LEU A 37 5.28 -19.41 19.08
N VAL A 38 6.21 -18.79 19.81
CA VAL A 38 7.51 -18.41 19.27
C VAL A 38 8.64 -18.72 20.28
N ARG A 39 9.88 -18.41 19.88
CA ARG A 39 11.03 -18.63 20.74
C ARG A 39 10.98 -17.70 21.95
N VAL A 40 10.83 -18.29 23.14
CA VAL A 40 10.75 -17.53 24.39
C VAL A 40 12.06 -17.62 25.18
N MET A 41 12.28 -16.63 26.05
CA MET A 41 13.48 -16.60 26.88
C MET A 41 13.11 -16.44 28.35
N GLY B 1 13.66 12.68 -23.92
CA GLY B 1 12.38 12.80 -24.68
C GLY B 1 11.18 12.98 -23.76
N SER B 2 10.84 11.92 -23.02
CA SER B 2 9.71 11.96 -22.11
C SER B 2 10.14 12.14 -20.65
N LEU B 3 11.45 12.02 -20.38
CA LEU B 3 11.95 12.21 -19.02
C LEU B 3 11.81 13.69 -18.64
N THR B 4 10.57 14.08 -18.38
CA THR B 4 10.24 15.47 -18.08
C THR B 4 9.26 15.57 -16.90
N TYR B 5 8.55 16.71 -16.85
CA TYR B 5 7.56 16.98 -15.79
C TYR B 5 6.25 16.25 -16.05
N GLU B 6 5.86 16.15 -17.33
CA GLU B 6 4.62 15.47 -17.72
C GLU B 6 4.74 13.94 -17.55
N GLU B 7 5.96 13.45 -17.36
CA GLU B 7 6.19 12.01 -17.17
C GLU B 7 6.04 11.63 -15.70
N VAL B 8 6.48 12.51 -14.80
CA VAL B 8 6.37 12.25 -13.37
C VAL B 8 4.90 12.16 -12.94
N LEU B 9 4.05 12.97 -13.58
CA LEU B 9 2.62 12.98 -13.27
C LEU B 9 2.04 11.57 -13.34
N GLN B 10 2.27 10.88 -14.46
CA GLN B 10 1.76 9.52 -14.66
C GLN B 10 2.23 8.57 -13.55
N GLU B 11 3.34 8.89 -12.89
CA GLU B 11 3.86 8.05 -11.81
C GLU B 11 3.02 8.21 -10.54
N LEU B 12 2.45 9.40 -10.36
CA LEU B 12 1.60 9.68 -9.21
C LEU B 12 0.21 9.09 -9.41
N VAL B 13 -0.34 9.26 -10.63
CA VAL B 13 -1.66 8.72 -10.96
C VAL B 13 -1.65 7.19 -11.05
N LYS B 14 -0.44 6.61 -11.17
CA LYS B 14 -0.29 5.16 -11.23
C LYS B 14 -0.26 4.57 -9.83
N HIS B 15 0.55 5.19 -8.96
CA HIS B 15 0.68 4.76 -7.58
C HIS B 15 -0.65 4.93 -6.84
N LYS B 16 -1.39 5.99 -7.19
CA LYS B 16 -2.69 6.26 -6.57
C LYS B 16 -3.71 5.18 -6.93
N GLU B 17 -3.89 4.92 -8.23
CA GLU B 17 -4.84 3.91 -8.68
C GLU B 17 -4.39 2.51 -8.28
N LEU B 18 -3.08 2.27 -8.29
CA LEU B 18 -2.53 0.98 -7.90
C LEU B 18 -2.93 0.65 -6.46
N LEU B 19 -2.79 1.64 -5.58
CA LEU B 19 -3.14 1.48 -4.18
C LEU B 19 -4.65 1.27 -4.02
N ARG B 20 -5.44 1.90 -4.89
CA ARG B 20 -6.89 1.77 -4.84
C ARG B 20 -7.32 0.33 -5.13
N ARG B 21 -7.02 -0.17 -6.34
CA ARG B 21 -7.40 -1.53 -6.73
C ARG B 21 -7.00 -2.56 -5.68
N LYS B 22 -5.78 -2.44 -5.15
CA LYS B 22 -5.29 -3.37 -4.14
C LYS B 22 -6.28 -3.48 -2.98
N ASP B 23 -6.64 -2.34 -2.40
CA ASP B 23 -7.58 -2.29 -1.28
C ASP B 23 -8.98 -2.76 -1.67
N THR B 24 -9.31 -2.73 -2.98
CA THR B 24 -10.62 -3.17 -3.45
C THR B 24 -10.61 -4.67 -3.80
N HIS B 25 -9.46 -5.18 -4.20
CA HIS B 25 -9.33 -6.59 -4.56
C HIS B 25 -9.38 -7.45 -3.29
N ILE B 26 -8.68 -7.01 -2.25
CA ILE B 26 -8.67 -7.71 -0.97
C ILE B 26 -10.05 -7.65 -0.30
N ARG B 27 -10.87 -6.67 -0.72
CA ARG B 27 -12.22 -6.51 -0.19
C ARG B 27 -13.21 -7.38 -0.97
N GLU B 28 -13.08 -7.38 -2.30
CA GLU B 28 -13.96 -8.19 -3.17
C GLU B 28 -13.72 -9.68 -2.90
N LEU B 29 -12.44 -10.07 -2.88
CA LEU B 29 -12.07 -11.47 -2.62
C LEU B 29 -12.46 -11.92 -1.21
N GLU B 30 -12.80 -10.94 -0.35
CA GLU B 30 -13.21 -11.25 1.02
C GLU B 30 -14.66 -11.72 1.08
N ASP B 31 -15.48 -11.24 0.14
CA ASP B 31 -16.89 -11.62 0.07
C ASP B 31 -17.08 -12.86 -0.81
N TYR B 32 -16.26 -12.95 -1.87
CA TYR B 32 -16.32 -14.09 -2.79
C TYR B 32 -15.96 -15.39 -2.06
N ILE B 33 -14.91 -15.33 -1.25
CA ILE B 33 -14.46 -16.50 -0.47
C ILE B 33 -15.43 -16.79 0.68
N ASP B 34 -16.01 -15.73 1.26
CA ASP B 34 -16.94 -15.87 2.39
C ASP B 34 -18.12 -16.78 2.07
N ASN B 35 -18.34 -17.12 0.78
CA ASN B 35 -19.43 -18.00 0.36
C ASN B 35 -19.69 -19.12 1.36
N LEU B 36 -18.61 -19.68 1.92
CA LEU B 36 -18.71 -20.76 2.91
C LEU B 36 -19.73 -20.38 3.99
N LEU B 37 -19.52 -19.22 4.61
CA LEU B 37 -20.42 -18.73 5.64
C LEU B 37 -21.02 -17.37 5.26
N VAL B 38 -21.74 -17.33 4.14
CA VAL B 38 -22.40 -16.12 3.67
C VAL B 38 -23.85 -16.15 4.14
N ARG B 39 -24.00 -16.01 5.45
CA ARG B 39 -25.29 -16.00 6.12
C ARG B 39 -25.05 -16.09 7.63
N VAL B 40 -24.24 -15.13 8.10
CA VAL B 40 -23.86 -15.03 9.53
C VAL B 40 -22.76 -13.98 9.70
N MET B 41 -22.97 -13.04 10.62
CA MET B 41 -21.99 -11.99 10.87
C MET B 41 -21.63 -11.92 12.35
N GLY A 1 5.19 28.87 -7.72
CA GLY A 1 6.31 28.78 -6.74
C GLY A 1 6.82 27.36 -6.55
N SER A 2 6.44 26.75 -5.43
CA SER A 2 6.86 25.37 -5.12
C SER A 2 5.86 24.34 -5.64
N LEU A 3 4.64 24.77 -5.93
CA LEU A 3 3.61 23.87 -6.46
C LEU A 3 3.89 23.60 -7.94
N THR A 4 5.03 22.95 -8.19
CA THR A 4 5.48 22.62 -9.53
C THR A 4 6.28 21.31 -9.49
N TYR A 5 7.13 21.08 -10.49
CA TYR A 5 7.93 19.86 -10.59
C TYR A 5 8.52 19.39 -9.25
N GLU A 6 8.99 20.31 -8.41
CA GLU A 6 9.58 19.94 -7.12
C GLU A 6 8.51 19.48 -6.12
N GLU A 7 7.25 19.82 -6.39
CA GLU A 7 6.14 19.43 -5.51
C GLU A 7 5.80 17.96 -5.72
N VAL A 8 5.66 17.56 -6.99
CA VAL A 8 5.34 16.18 -7.33
C VAL A 8 6.53 15.26 -7.06
N LEU A 9 7.74 15.78 -7.25
CA LEU A 9 8.96 15.01 -7.02
C LEU A 9 8.95 14.39 -5.62
N GLN A 10 8.79 15.24 -4.59
CA GLN A 10 8.77 14.78 -3.21
C GLN A 10 7.57 13.86 -2.92
N GLU A 11 6.54 13.92 -3.77
CA GLU A 11 5.36 13.09 -3.59
C GLU A 11 5.70 11.61 -3.79
N LEU A 12 6.32 11.30 -4.94
CA LEU A 12 6.69 9.92 -5.26
C LEU A 12 7.62 9.32 -4.18
N VAL A 13 8.52 10.13 -3.62
CA VAL A 13 9.43 9.65 -2.57
C VAL A 13 8.69 9.50 -1.23
N LYS A 14 7.53 10.16 -1.12
CA LYS A 14 6.72 10.07 0.09
C LYS A 14 5.88 8.79 0.04
N HIS A 15 5.18 8.61 -1.08
CA HIS A 15 4.36 7.42 -1.30
C HIS A 15 5.19 6.16 -1.13
N LYS A 16 6.21 6.01 -1.98
CA LYS A 16 7.10 4.84 -1.95
C LYS A 16 7.52 4.45 -0.53
N GLU A 17 7.95 5.43 0.28
CA GLU A 17 8.37 5.15 1.64
C GLU A 17 7.19 4.74 2.51
N LEU A 18 6.03 5.34 2.27
CA LEU A 18 4.81 5.01 3.00
C LEU A 18 4.44 3.55 2.77
N LEU A 19 4.62 3.09 1.53
CA LEU A 19 4.34 1.71 1.16
C LEU A 19 5.34 0.76 1.85
N ARG A 20 6.58 1.24 2.02
CA ARG A 20 7.61 0.43 2.67
C ARG A 20 7.18 0.07 4.08
N ARG A 21 6.94 1.08 4.92
CA ARG A 21 6.50 0.87 6.29
C ARG A 21 5.33 -0.11 6.35
N LYS A 22 4.39 0.01 5.41
CA LYS A 22 3.22 -0.88 5.35
C LYS A 22 3.64 -2.36 5.36
N ASP A 23 4.89 -2.63 4.94
CA ASP A 23 5.43 -3.98 4.98
C ASP A 23 6.19 -4.19 6.30
N THR A 24 7.24 -3.37 6.48
CA THR A 24 8.08 -3.43 7.68
C THR A 24 7.24 -3.49 8.96
N HIS A 25 6.16 -2.70 9.02
CA HIS A 25 5.28 -2.66 10.19
C HIS A 25 4.55 -3.98 10.42
N ILE A 26 4.00 -4.58 9.35
CA ILE A 26 3.30 -5.87 9.50
C ILE A 26 4.31 -6.94 9.90
N ARG A 27 5.47 -6.95 9.22
CA ARG A 27 6.52 -7.92 9.50
C ARG A 27 7.01 -7.82 10.95
N GLU A 28 7.18 -6.59 11.45
CA GLU A 28 7.64 -6.39 12.82
C GLU A 28 6.56 -6.90 13.80
N LEU A 29 5.31 -6.48 13.59
CA LEU A 29 4.19 -6.89 14.44
C LEU A 29 3.99 -8.41 14.40
N GLU A 30 4.63 -9.09 13.44
CA GLU A 30 4.53 -10.54 13.33
C GLU A 30 5.35 -11.17 14.45
N ASP A 31 6.64 -10.82 14.52
CA ASP A 31 7.53 -11.34 15.56
C ASP A 31 6.95 -11.10 16.95
N TYR A 32 6.20 -9.99 17.11
CA TYR A 32 5.58 -9.67 18.38
C TYR A 32 4.53 -10.72 18.75
N ILE A 33 3.70 -11.07 17.77
CA ILE A 33 2.65 -12.08 17.96
C ILE A 33 3.24 -13.49 17.99
N ASP A 34 4.53 -13.62 17.60
CA ASP A 34 5.20 -14.91 17.58
C ASP A 34 5.37 -15.46 19.01
N ASN A 35 5.60 -14.56 19.97
CA ASN A 35 5.78 -14.94 21.37
C ASN A 35 4.75 -15.99 21.79
N LEU A 36 3.51 -15.83 21.32
CA LEU A 36 2.44 -16.78 21.63
C LEU A 36 2.73 -18.14 21.00
N LEU A 37 3.14 -18.13 19.73
CA LEU A 37 3.47 -19.35 19.00
C LEU A 37 4.92 -19.35 18.53
N VAL A 38 5.85 -19.22 19.50
CA VAL A 38 7.29 -19.18 19.24
C VAL A 38 8.06 -19.50 20.53
N ARG A 39 9.40 -19.48 20.48
CA ARG A 39 10.20 -19.76 21.66
C ARG A 39 10.17 -18.57 22.62
N VAL A 40 9.69 -18.81 23.84
CA VAL A 40 9.59 -17.76 24.85
C VAL A 40 10.79 -17.79 25.81
N MET A 41 11.23 -16.60 26.22
CA MET A 41 12.37 -16.48 27.14
C MET A 41 11.93 -15.90 28.48
N GLY B 1 13.23 12.76 -24.13
CA GLY B 1 11.98 13.24 -24.79
C GLY B 1 10.96 13.77 -23.80
N SER B 2 10.27 12.85 -23.12
CA SER B 2 9.27 13.23 -22.13
C SER B 2 9.70 12.86 -20.71
N LEU B 3 11.01 12.69 -20.52
CA LEU B 3 11.55 12.39 -19.19
C LEU B 3 11.68 13.68 -18.38
N THR B 4 10.53 14.31 -18.13
CA THR B 4 10.47 15.57 -17.39
C THR B 4 9.19 15.62 -16.56
N TYR B 5 8.77 16.83 -16.18
CA TYR B 5 7.58 17.05 -15.34
C TYR B 5 6.39 16.17 -15.73
N GLU B 6 6.14 15.96 -17.03
CA GLU B 6 5.01 15.13 -17.47
C GLU B 6 5.24 13.64 -17.21
N GLU B 7 6.50 13.27 -16.97
CA GLU B 7 6.85 11.87 -16.70
C GLU B 7 6.48 11.51 -15.26
N VAL B 8 6.88 12.38 -14.32
CA VAL B 8 6.59 12.16 -12.90
C VAL B 8 5.09 12.36 -12.62
N LEU B 9 4.47 13.29 -13.35
CA LEU B 9 3.04 13.57 -13.18
C LEU B 9 2.22 12.28 -13.28
N GLN B 10 2.37 11.58 -14.40
CA GLN B 10 1.64 10.32 -14.63
C GLN B 10 2.02 9.24 -13.62
N GLU B 11 3.18 9.39 -12.97
CA GLU B 11 3.64 8.41 -11.98
C GLU B 11 2.71 8.43 -10.77
N LEU B 12 2.51 9.61 -10.17
CA LEU B 12 1.66 9.75 -9.00
C LEU B 12 0.24 9.23 -9.25
N VAL B 13 -0.29 9.45 -10.46
CA VAL B 13 -1.63 8.97 -10.81
C VAL B 13 -1.64 7.46 -11.06
N LYS B 14 -0.45 6.89 -11.29
CA LYS B 14 -0.30 5.45 -11.50
C LYS B 14 -0.26 4.76 -10.16
N HIS B 15 0.63 5.25 -9.28
CA HIS B 15 0.78 4.70 -7.94
C HIS B 15 -0.57 4.73 -7.21
N LYS B 16 -1.11 5.93 -7.01
CA LYS B 16 -2.40 6.10 -6.32
C LYS B 16 -3.45 5.08 -6.76
N GLU B 17 -3.62 4.89 -8.07
CA GLU B 17 -4.61 3.94 -8.59
C GLU B 17 -4.20 2.50 -8.25
N LEU B 18 -2.90 2.22 -8.29
CA LEU B 18 -2.39 0.89 -7.97
C LEU B 18 -2.74 0.55 -6.51
N LEU B 19 -2.62 1.54 -5.63
CA LEU B 19 -2.94 1.36 -4.22
C LEU B 19 -4.45 1.14 -4.04
N ARG B 20 -5.25 1.76 -4.90
CA ARG B 20 -6.71 1.61 -4.84
C ARG B 20 -7.09 0.14 -5.03
N ARG B 21 -6.72 -0.44 -6.18
CA ARG B 21 -7.00 -1.84 -6.48
C ARG B 21 -6.58 -2.73 -5.31
N LYS B 22 -5.42 -2.44 -4.71
CA LYS B 22 -4.92 -3.22 -3.57
C LYS B 22 -5.97 -3.35 -2.45
N ASP B 23 -6.93 -2.42 -2.43
CA ASP B 23 -8.04 -2.45 -1.49
C ASP B 23 -9.23 -3.17 -2.13
N THR B 24 -9.71 -2.58 -3.22
CA THR B 24 -10.86 -3.11 -3.97
C THR B 24 -10.72 -4.61 -4.23
N HIS B 25 -9.51 -5.05 -4.58
CA HIS B 25 -9.24 -6.47 -4.86
C HIS B 25 -9.40 -7.35 -3.63
N ILE B 26 -8.86 -6.92 -2.48
CA ILE B 26 -9.00 -7.72 -1.26
C ILE B 26 -10.47 -7.75 -0.84
N ARG B 27 -11.12 -6.58 -0.88
CA ARG B 27 -12.53 -6.46 -0.53
C ARG B 27 -13.41 -7.36 -1.40
N GLU B 28 -13.14 -7.38 -2.72
CA GLU B 28 -13.92 -8.22 -3.63
C GLU B 28 -13.69 -9.70 -3.31
N LEU B 29 -12.42 -10.10 -3.19
CA LEU B 29 -12.06 -11.48 -2.87
C LEU B 29 -12.63 -11.91 -1.51
N GLU B 30 -13.11 -10.95 -0.72
CA GLU B 30 -13.70 -11.25 0.58
C GLU B 30 -15.07 -11.87 0.37
N ASP B 31 -15.95 -11.15 -0.36
CA ASP B 31 -17.29 -11.64 -0.66
C ASP B 31 -17.25 -13.02 -1.31
N TYR B 32 -16.18 -13.29 -2.07
CA TYR B 32 -16.01 -14.59 -2.73
C TYR B 32 -15.84 -15.69 -1.68
N ILE B 33 -14.99 -15.43 -0.69
CA ILE B 33 -14.74 -16.37 0.39
C ILE B 33 -15.90 -16.40 1.40
N ASP B 34 -16.82 -15.43 1.28
CA ASP B 34 -17.98 -15.36 2.16
C ASP B 34 -18.93 -16.54 1.92
N ASN B 35 -19.02 -17.00 0.67
CA ASN B 35 -19.88 -18.13 0.31
C ASN B 35 -19.74 -19.27 1.33
N LEU B 36 -18.52 -19.51 1.79
CA LEU B 36 -18.26 -20.56 2.78
C LEU B 36 -18.91 -20.21 4.11
N LEU B 37 -18.75 -18.95 4.54
CA LEU B 37 -19.33 -18.48 5.79
C LEU B 37 -20.30 -17.30 5.55
N VAL B 38 -21.34 -17.56 4.75
CA VAL B 38 -22.33 -16.52 4.43
C VAL B 38 -22.81 -15.82 5.70
N ARG B 39 -23.19 -14.55 5.55
CA ARG B 39 -23.64 -13.71 6.67
C ARG B 39 -24.73 -14.41 7.50
N VAL B 40 -24.29 -15.24 8.45
CA VAL B 40 -25.19 -15.98 9.33
C VAL B 40 -24.54 -16.19 10.70
N MET B 41 -24.20 -15.09 11.37
CA MET B 41 -23.56 -15.14 12.69
C MET B 41 -24.58 -14.87 13.81
N GLY A 1 5.13 28.79 -7.71
CA GLY A 1 6.24 28.71 -6.73
C GLY A 1 6.72 27.28 -6.51
N SER A 2 6.28 26.66 -5.42
CA SER A 2 6.67 25.29 -5.11
C SER A 2 5.65 24.28 -5.66
N LEU A 3 4.47 24.76 -6.05
CA LEU A 3 3.43 23.86 -6.61
C LEU A 3 3.76 23.56 -8.07
N THR A 4 4.91 22.90 -8.26
CA THR A 4 5.40 22.55 -9.58
C THR A 4 6.22 21.25 -9.50
N TYR A 5 7.11 21.03 -10.47
CA TYR A 5 7.92 19.81 -10.52
C TYR A 5 8.44 19.36 -9.16
N GLU A 6 8.91 20.29 -8.31
CA GLU A 6 9.44 19.94 -6.99
C GLU A 6 8.33 19.49 -6.03
N GLU A 7 7.08 19.80 -6.36
CA GLU A 7 5.95 19.41 -5.51
C GLU A 7 5.61 17.94 -5.72
N VAL A 8 5.54 17.52 -6.98
CA VAL A 8 5.24 16.13 -7.31
C VAL A 8 6.44 15.22 -7.03
N LEU A 9 7.66 15.75 -7.24
CA LEU A 9 8.88 14.99 -7.01
C LEU A 9 8.91 14.43 -5.58
N GLN A 10 8.81 15.32 -4.59
CA GLN A 10 8.82 14.90 -3.18
C GLN A 10 7.61 14.02 -2.84
N GLU A 11 6.56 14.12 -3.66
CA GLU A 11 5.35 13.33 -3.46
C GLU A 11 5.57 11.88 -3.93
N LEU A 12 6.56 11.69 -4.80
CA LEU A 12 6.89 10.36 -5.32
C LEU A 12 7.55 9.51 -4.25
N VAL A 13 8.64 10.04 -3.67
CA VAL A 13 9.37 9.31 -2.62
C VAL A 13 8.43 8.93 -1.47
N LYS A 14 7.78 9.93 -0.86
CA LYS A 14 6.86 9.68 0.26
C LYS A 14 5.90 8.53 -0.02
N HIS A 15 5.39 8.45 -1.26
CA HIS A 15 4.46 7.39 -1.65
C HIS A 15 5.15 6.03 -1.62
N LYS A 16 6.41 6.00 -2.06
CA LYS A 16 7.19 4.77 -2.10
C LYS A 16 7.57 4.34 -0.68
N GLU A 17 8.03 5.29 0.15
CA GLU A 17 8.41 5.01 1.52
C GLU A 17 7.20 4.62 2.37
N LEU A 18 6.04 5.24 2.09
CA LEU A 18 4.81 4.93 2.80
C LEU A 18 4.43 3.47 2.58
N LEU A 19 4.53 3.02 1.33
CA LEU A 19 4.21 1.65 0.97
C LEU A 19 5.21 0.68 1.61
N ARG A 20 6.48 1.11 1.73
CA ARG A 20 7.53 0.29 2.32
C ARG A 20 7.23 0.00 3.78
N ARG A 21 7.12 1.04 4.61
CA ARG A 21 6.84 0.87 6.04
C ARG A 21 5.60 -0.02 6.25
N LYS A 22 4.56 0.18 5.41
CA LYS A 22 3.35 -0.62 5.51
C LYS A 22 3.69 -2.10 5.73
N ASP A 23 4.64 -2.60 4.94
CA ASP A 23 5.10 -3.98 5.05
C ASP A 23 5.92 -4.17 6.32
N THR A 24 7.01 -3.41 6.44
CA THR A 24 7.90 -3.49 7.61
C THR A 24 7.12 -3.50 8.92
N HIS A 25 6.05 -2.69 9.00
CA HIS A 25 5.23 -2.59 10.21
C HIS A 25 4.51 -3.91 10.48
N ILE A 26 3.78 -4.43 9.49
CA ILE A 26 3.09 -5.70 9.69
C ILE A 26 4.09 -6.80 10.03
N ARG A 27 5.20 -6.84 9.29
CA ARG A 27 6.27 -7.82 9.53
C ARG A 27 6.79 -7.74 10.96
N GLU A 28 7.01 -6.51 11.47
CA GLU A 28 7.48 -6.33 12.84
C GLU A 28 6.43 -6.86 13.82
N LEU A 29 5.16 -6.52 13.58
CA LEU A 29 4.06 -6.97 14.43
C LEU A 29 3.88 -8.49 14.37
N GLU A 30 4.55 -9.14 13.40
CA GLU A 30 4.47 -10.59 13.26
C GLU A 30 5.33 -11.23 14.35
N ASP A 31 6.62 -10.88 14.36
CA ASP A 31 7.55 -11.40 15.36
C ASP A 31 7.06 -11.10 16.77
N TYR A 32 6.29 -10.01 16.92
CA TYR A 32 5.72 -9.65 18.21
C TYR A 32 4.63 -10.63 18.63
N ILE A 33 3.84 -11.07 17.64
CA ILE A 33 2.76 -12.03 17.87
C ILE A 33 3.32 -13.47 17.89
N ASP A 34 4.60 -13.62 17.53
CA ASP A 34 5.25 -14.94 17.52
C ASP A 34 5.43 -15.46 18.94
N ASN A 35 5.65 -14.55 19.89
CA ASN A 35 5.83 -14.91 21.29
C ASN A 35 4.81 -15.95 21.74
N LEU A 36 3.57 -15.82 21.24
CA LEU A 36 2.50 -16.76 21.57
C LEU A 36 2.81 -18.14 20.97
N LEU A 37 3.22 -18.15 19.70
CA LEU A 37 3.56 -19.39 19.01
C LEU A 37 5.02 -19.37 18.53
N VAL A 38 5.94 -19.22 19.51
CA VAL A 38 7.37 -19.18 19.24
C VAL A 38 8.16 -19.51 20.52
N ARG A 39 9.49 -19.47 20.47
CA ARG A 39 10.31 -19.74 21.63
C ARG A 39 10.25 -18.57 22.61
N VAL A 40 9.64 -18.80 23.78
CA VAL A 40 9.51 -17.76 24.80
C VAL A 40 10.73 -17.73 25.72
N MET A 41 11.02 -16.55 26.27
CA MET A 41 12.15 -16.38 27.18
C MET A 41 11.71 -15.70 28.47
N GLY B 1 13.28 12.37 -23.99
CA GLY B 1 12.09 12.93 -24.69
C GLY B 1 11.09 13.54 -23.72
N SER B 2 10.37 12.69 -22.99
CA SER B 2 9.37 13.15 -22.01
C SER B 2 9.77 12.75 -20.58
N LEU B 3 11.08 12.64 -20.33
CA LEU B 3 11.58 12.30 -19.01
C LEU B 3 11.70 13.58 -18.18
N THR B 4 10.58 14.28 -18.03
CA THR B 4 10.50 15.54 -17.29
C THR B 4 9.21 15.59 -16.49
N TYR B 5 8.76 16.79 -16.12
CA TYR B 5 7.55 16.99 -15.32
C TYR B 5 6.39 16.06 -15.71
N GLU B 6 6.15 15.85 -17.01
CA GLU B 6 5.07 14.98 -17.47
C GLU B 6 5.35 13.50 -17.19
N GLU B 7 6.61 13.16 -16.92
CA GLU B 7 6.98 11.78 -16.62
C GLU B 7 6.61 11.42 -15.18
N VAL B 8 6.95 12.31 -14.25
CA VAL B 8 6.64 12.10 -12.84
C VAL B 8 5.14 12.30 -12.58
N LEU B 9 4.53 13.24 -13.29
CA LEU B 9 3.10 13.53 -13.13
C LEU B 9 2.26 12.27 -13.30
N GLN B 10 2.38 11.61 -14.47
CA GLN B 10 1.64 10.38 -14.75
C GLN B 10 2.04 9.25 -13.79
N GLU B 11 3.23 9.37 -13.19
CA GLU B 11 3.70 8.37 -12.24
C GLU B 11 3.01 8.53 -10.88
N LEU B 12 2.47 9.73 -10.63
CA LEU B 12 1.77 10.02 -9.39
C LEU B 12 0.42 9.31 -9.35
N VAL B 13 -0.41 9.55 -10.38
CA VAL B 13 -1.72 8.92 -10.46
C VAL B 13 -1.62 7.39 -10.36
N LYS B 14 -0.85 6.78 -11.27
CA LYS B 14 -0.68 5.33 -11.29
C LYS B 14 -0.37 4.77 -9.90
N HIS B 15 0.46 5.47 -9.13
CA HIS B 15 0.82 5.03 -7.78
C HIS B 15 -0.39 5.07 -6.85
N LYS B 16 -1.23 6.10 -7.01
CA LYS B 16 -2.43 6.26 -6.22
C LYS B 16 -3.48 5.21 -6.59
N GLU B 17 -3.68 5.02 -7.90
CA GLU B 17 -4.65 4.04 -8.40
C GLU B 17 -4.20 2.61 -8.08
N LEU B 18 -2.89 2.37 -8.12
CA LEU B 18 -2.35 1.04 -7.80
C LEU B 18 -2.68 0.67 -6.36
N LEU B 19 -2.49 1.64 -5.45
CA LEU B 19 -2.78 1.44 -4.03
C LEU B 19 -4.29 1.24 -3.81
N ARG B 20 -5.11 1.92 -4.62
CA ARG B 20 -6.56 1.81 -4.52
C ARG B 20 -7.03 0.39 -4.83
N ARG B 21 -6.75 -0.08 -6.05
CA ARG B 21 -7.15 -1.43 -6.45
C ARG B 21 -6.70 -2.47 -5.42
N LYS B 22 -5.47 -2.31 -4.90
CA LYS B 22 -4.94 -3.24 -3.89
C LYS B 22 -6.00 -3.57 -2.85
N ASP B 23 -6.70 -2.53 -2.38
CA ASP B 23 -7.77 -2.70 -1.39
C ASP B 23 -9.00 -3.34 -2.06
N THR B 24 -9.53 -2.66 -3.08
CA THR B 24 -10.71 -3.15 -3.81
C THR B 24 -10.61 -4.65 -4.16
N HIS B 25 -9.40 -5.08 -4.54
CA HIS B 25 -9.17 -6.48 -4.91
C HIS B 25 -9.35 -7.40 -3.71
N ILE B 26 -8.66 -7.11 -2.59
CA ILE B 26 -8.80 -7.94 -1.41
C ILE B 26 -10.27 -7.94 -0.95
N ARG B 27 -10.88 -6.75 -0.92
CA ARG B 27 -12.28 -6.60 -0.53
C ARG B 27 -13.19 -7.46 -1.40
N GLU B 28 -12.96 -7.46 -2.72
CA GLU B 28 -13.77 -8.28 -3.63
C GLU B 28 -13.57 -9.77 -3.30
N LEU B 29 -12.31 -10.17 -3.09
CA LEU B 29 -12.00 -11.56 -2.76
C LEU B 29 -12.58 -11.95 -1.39
N GLU B 30 -13.04 -10.96 -0.61
CA GLU B 30 -13.64 -11.23 0.69
C GLU B 30 -15.04 -11.79 0.49
N ASP B 31 -15.89 -11.03 -0.21
CA ASP B 31 -17.25 -11.46 -0.51
C ASP B 31 -17.26 -12.81 -1.25
N TYR B 32 -16.18 -13.08 -1.98
CA TYR B 32 -16.05 -14.34 -2.71
C TYR B 32 -15.82 -15.50 -1.72
N ILE B 33 -15.04 -15.23 -0.67
CA ILE B 33 -14.76 -16.23 0.37
C ILE B 33 -15.90 -16.28 1.40
N ASP B 34 -16.85 -15.32 1.30
CA ASP B 34 -17.99 -15.28 2.21
C ASP B 34 -18.93 -16.45 1.96
N ASN B 35 -19.02 -16.89 0.70
CA ASN B 35 -19.87 -18.02 0.31
C ASN B 35 -19.75 -19.17 1.31
N LEU B 36 -18.52 -19.41 1.80
CA LEU B 36 -18.27 -20.46 2.77
C LEU B 36 -18.94 -20.14 4.10
N LEU B 37 -18.80 -18.89 4.55
CA LEU B 37 -19.40 -18.43 5.80
C LEU B 37 -20.35 -17.26 5.55
N VAL B 38 -21.38 -17.51 4.73
CA VAL B 38 -22.38 -16.49 4.40
C VAL B 38 -22.92 -15.82 5.67
N ARG B 39 -23.46 -14.60 5.51
CA ARG B 39 -23.99 -13.83 6.64
C ARG B 39 -24.97 -14.65 7.50
N VAL B 40 -24.41 -15.41 8.44
CA VAL B 40 -25.21 -16.24 9.34
C VAL B 40 -24.47 -16.41 10.68
N MET B 41 -24.20 -15.29 11.33
CA MET B 41 -23.49 -15.31 12.61
C MET B 41 -24.44 -14.95 13.77
N GLY A 1 5.27 28.84 -7.61
CA GLY A 1 6.42 28.90 -6.66
C GLY A 1 6.96 27.54 -6.30
N SER A 2 6.34 26.90 -5.30
CA SER A 2 6.76 25.58 -4.85
C SER A 2 5.89 24.47 -5.47
N LEU A 3 4.63 24.79 -5.79
CA LEU A 3 3.74 23.82 -6.43
C LEU A 3 4.22 23.56 -7.85
N THR A 4 5.35 22.88 -7.94
CA THR A 4 5.98 22.58 -9.23
C THR A 4 6.86 21.32 -9.15
N TYR A 5 7.77 21.20 -10.13
CA TYR A 5 8.68 20.04 -10.23
C TYR A 5 9.34 19.71 -8.89
N GLU A 6 10.00 20.68 -8.28
CA GLU A 6 10.69 20.48 -6.99
C GLU A 6 9.76 19.91 -5.91
N GLU A 7 8.44 19.96 -6.15
CA GLU A 7 7.46 19.44 -5.21
C GLU A 7 6.94 18.07 -5.65
N VAL A 8 6.57 17.96 -6.93
CA VAL A 8 6.03 16.72 -7.48
C VAL A 8 6.75 15.47 -6.98
N LEU A 9 8.08 15.43 -7.07
CA LEU A 9 8.85 14.25 -6.62
C LEU A 9 8.73 14.02 -5.12
N GLN A 10 8.65 15.09 -4.33
CA GLN A 10 8.52 14.98 -2.88
C GLN A 10 7.32 14.10 -2.53
N GLU A 11 6.19 14.35 -3.20
CA GLU A 11 4.97 13.58 -2.97
C GLU A 11 5.12 12.13 -3.43
N LEU A 12 6.01 11.89 -4.41
CA LEU A 12 6.24 10.53 -4.91
C LEU A 12 6.84 9.65 -3.81
N VAL A 13 8.12 9.89 -3.46
CA VAL A 13 8.79 9.09 -2.43
C VAL A 13 7.88 8.84 -1.22
N LYS A 14 7.11 9.86 -0.81
CA LYS A 14 6.19 9.72 0.32
C LYS A 14 5.38 8.43 0.13
N HIS A 15 4.76 8.28 -1.04
CA HIS A 15 3.98 7.08 -1.37
C HIS A 15 4.90 5.86 -1.37
N LYS A 16 6.00 5.99 -2.09
CA LYS A 16 7.01 4.92 -2.21
C LYS A 16 7.34 4.32 -0.83
N GLU A 17 7.81 5.17 0.09
CA GLU A 17 8.16 4.73 1.45
C GLU A 17 6.92 4.34 2.26
N LEU A 18 5.75 4.86 1.86
CA LEU A 18 4.50 4.56 2.57
C LEU A 18 4.14 3.07 2.40
N LEU A 19 4.53 2.49 1.26
CA LEU A 19 4.28 1.08 0.98
C LEU A 19 5.38 0.22 1.61
N ARG A 20 6.58 0.78 1.73
CA ARG A 20 7.71 0.07 2.34
C ARG A 20 7.43 -0.16 3.82
N ARG A 21 7.27 0.95 4.56
CA ARG A 21 6.98 0.88 5.99
C ARG A 21 5.77 0.00 6.26
N LYS A 22 4.74 0.11 5.42
CA LYS A 22 3.52 -0.68 5.56
C LYS A 22 3.83 -2.16 5.77
N ASP A 23 4.82 -2.68 5.06
CA ASP A 23 5.22 -4.08 5.19
C ASP A 23 6.07 -4.29 6.44
N THR A 24 6.93 -3.31 6.73
CA THR A 24 7.79 -3.37 7.91
C THR A 24 6.97 -3.24 9.21
N HIS A 25 5.75 -2.73 9.09
CA HIS A 25 4.85 -2.57 10.24
C HIS A 25 4.22 -3.91 10.60
N ILE A 26 3.79 -4.66 9.57
CA ILE A 26 3.19 -5.98 9.80
C ILE A 26 4.29 -6.99 10.12
N ARG A 27 5.48 -6.75 9.55
CA ARG A 27 6.64 -7.60 9.77
C ARG A 27 7.18 -7.41 11.19
N GLU A 28 7.25 -6.15 11.63
CA GLU A 28 7.73 -5.83 12.98
C GLU A 28 6.77 -6.37 14.04
N LEU A 29 5.47 -6.43 13.68
CA LEU A 29 4.44 -6.93 14.59
C LEU A 29 4.55 -8.46 14.71
N GLU A 30 4.58 -9.13 13.55
CA GLU A 30 4.68 -10.60 13.49
C GLU A 30 5.67 -11.15 14.53
N ASP A 31 6.76 -10.41 14.77
CA ASP A 31 7.77 -10.83 15.75
C ASP A 31 7.16 -10.87 17.14
N TYR A 32 6.59 -9.74 17.57
CA TYR A 32 5.96 -9.63 18.89
C TYR A 32 4.85 -10.66 19.07
N ILE A 33 4.12 -10.97 18.00
CA ILE A 33 3.03 -11.94 18.08
C ILE A 33 3.51 -13.38 17.91
N ASP A 34 4.76 -13.58 17.47
CA ASP A 34 5.31 -14.91 17.29
C ASP A 34 5.54 -15.63 18.63
N ASN A 35 5.82 -14.85 19.68
CA ASN A 35 6.04 -15.41 21.02
C ASN A 35 4.87 -16.30 21.42
N LEU A 36 3.66 -15.89 21.04
CA LEU A 36 2.46 -16.68 21.34
C LEU A 36 2.56 -18.04 20.66
N LEU A 37 3.05 -18.03 19.41
CA LEU A 37 3.22 -19.26 18.64
C LEU A 37 4.70 -19.45 18.26
N VAL A 38 5.54 -19.50 19.30
CA VAL A 38 6.99 -19.68 19.19
C VAL A 38 7.61 -19.61 20.58
N ARG A 39 8.90 -19.93 20.73
CA ARG A 39 9.55 -19.89 22.04
C ARG A 39 9.54 -18.47 22.62
N VAL A 40 9.10 -18.35 23.86
CA VAL A 40 9.04 -17.06 24.55
C VAL A 40 10.24 -16.88 25.48
N MET A 41 10.41 -15.65 25.97
CA MET A 41 11.52 -15.35 26.88
C MET A 41 11.08 -14.32 27.93
N GLY B 1 13.52 12.64 -24.09
CA GLY B 1 12.24 12.75 -24.84
C GLY B 1 11.09 13.28 -23.99
N SER B 2 10.52 12.42 -23.16
CA SER B 2 9.41 12.80 -22.29
C SER B 2 9.67 12.38 -20.84
N LEU B 3 10.89 12.61 -20.38
CA LEU B 3 11.27 12.30 -19.01
C LEU B 3 11.26 13.59 -18.20
N THR B 4 10.15 14.32 -18.30
CA THR B 4 10.01 15.62 -17.63
C THR B 4 8.68 15.73 -16.87
N TYR B 5 8.28 16.98 -16.60
CA TYR B 5 7.06 17.29 -15.85
C TYR B 5 5.86 16.50 -16.37
N GLU B 6 5.58 16.60 -17.67
CA GLU B 6 4.45 15.89 -18.29
C GLU B 6 4.47 14.37 -18.02
N GLU B 7 5.62 13.87 -17.56
CA GLU B 7 5.77 12.45 -17.26
C GLU B 7 5.68 12.19 -15.75
N VAL B 8 6.41 12.99 -14.97
CA VAL B 8 6.45 12.84 -13.52
C VAL B 8 5.08 12.53 -12.90
N LEU B 9 4.04 13.32 -13.23
CA LEU B 9 2.71 13.10 -12.68
C LEU B 9 2.10 11.77 -13.12
N GLN B 10 2.38 11.36 -14.36
CA GLN B 10 1.86 10.10 -14.88
C GLN B 10 2.24 8.94 -13.95
N GLU B 11 3.50 8.92 -13.52
CA GLU B 11 4.00 7.88 -12.62
C GLU B 11 3.34 7.99 -11.23
N LEU B 12 2.92 9.20 -10.85
CA LEU B 12 2.27 9.41 -9.55
C LEU B 12 0.95 8.65 -9.49
N VAL B 13 -0.08 9.12 -10.22
CA VAL B 13 -1.39 8.47 -10.21
C VAL B 13 -1.27 6.94 -10.29
N LYS B 14 -0.33 6.44 -11.10
CA LYS B 14 -0.11 5.00 -11.21
C LYS B 14 -0.03 4.38 -9.82
N HIS B 15 0.84 4.95 -8.97
CA HIS B 15 0.99 4.50 -7.58
C HIS B 15 -0.32 4.71 -6.83
N LYS B 16 -0.85 5.93 -6.93
CA LYS B 16 -2.10 6.32 -6.29
C LYS B 16 -3.19 5.26 -6.50
N GLU B 17 -3.51 4.97 -7.78
CA GLU B 17 -4.52 3.97 -8.11
C GLU B 17 -4.05 2.55 -7.80
N LEU B 18 -2.73 2.34 -7.71
CA LEU B 18 -2.17 1.03 -7.39
C LEU B 18 -2.53 0.62 -5.97
N LEU B 19 -2.69 1.61 -5.08
CA LEU B 19 -3.07 1.34 -3.69
C LEU B 19 -4.60 1.24 -3.57
N ARG B 20 -5.31 1.94 -4.47
CA ARG B 20 -6.77 1.89 -4.47
C ARG B 20 -7.24 0.49 -4.87
N ARG B 21 -6.87 0.08 -6.09
CA ARG B 21 -7.24 -1.25 -6.60
C ARG B 21 -6.82 -2.34 -5.61
N LYS B 22 -5.63 -2.19 -5.02
CA LYS B 22 -5.11 -3.16 -4.05
C LYS B 22 -6.15 -3.53 -3.00
N ASP B 23 -6.91 -2.53 -2.54
CA ASP B 23 -7.95 -2.76 -1.54
C ASP B 23 -9.21 -3.34 -2.19
N THR B 24 -9.52 -2.87 -3.40
CA THR B 24 -10.69 -3.36 -4.14
C THR B 24 -10.48 -4.82 -4.60
N HIS B 25 -9.22 -5.27 -4.61
CA HIS B 25 -8.89 -6.64 -4.99
C HIS B 25 -9.18 -7.60 -3.84
N ILE B 26 -8.82 -7.20 -2.62
CA ILE B 26 -9.08 -8.01 -1.43
C ILE B 26 -10.56 -7.91 -1.06
N ARG B 27 -11.15 -6.75 -1.35
CA ARG B 27 -12.56 -6.50 -1.08
C ARG B 27 -13.43 -7.29 -2.05
N GLU B 28 -13.05 -7.31 -3.33
CA GLU B 28 -13.80 -8.05 -4.35
C GLU B 28 -13.71 -9.56 -4.09
N LEU B 29 -12.59 -9.99 -3.50
CA LEU B 29 -12.39 -11.40 -3.18
C LEU B 29 -13.26 -11.80 -1.99
N GLU B 30 -13.16 -11.02 -0.90
CA GLU B 30 -13.92 -11.27 0.33
C GLU B 30 -15.37 -11.69 0.03
N ASP B 31 -15.96 -11.11 -1.02
CA ASP B 31 -17.32 -11.44 -1.41
C ASP B 31 -17.42 -12.91 -1.83
N TYR B 32 -16.58 -13.29 -2.81
CA TYR B 32 -16.56 -14.66 -3.31
C TYR B 32 -16.26 -15.67 -2.21
N ILE B 33 -15.43 -15.27 -1.24
CA ILE B 33 -15.07 -16.17 -0.13
C ILE B 33 -16.09 -16.12 1.02
N ASP B 34 -16.99 -15.13 1.01
CA ASP B 34 -18.00 -15.00 2.06
C ASP B 34 -19.04 -16.11 1.98
N ASN B 35 -19.29 -16.63 0.77
CA ASN B 35 -20.26 -17.71 0.56
C ASN B 35 -19.94 -18.89 1.48
N LEU B 36 -18.64 -19.15 1.66
CA LEU B 36 -18.20 -20.23 2.54
C LEU B 36 -18.67 -19.96 3.97
N LEU B 37 -18.57 -18.69 4.38
CA LEU B 37 -19.00 -18.27 5.70
C LEU B 37 -20.09 -17.19 5.61
N VAL B 38 -21.22 -17.50 4.97
CA VAL B 38 -22.34 -16.54 4.85
C VAL B 38 -22.66 -15.93 6.22
N ARG B 39 -23.56 -14.94 6.31
CA ARG B 39 -23.88 -14.34 7.60
C ARG B 39 -24.62 -15.30 8.52
N VAL B 40 -23.85 -16.06 9.29
CA VAL B 40 -24.40 -17.03 10.24
C VAL B 40 -23.51 -17.13 11.48
N MET B 41 -23.34 -16.00 12.18
CA MET B 41 -22.50 -15.93 13.37
C MET B 41 -23.33 -15.69 14.63
N GLY A 1 4.98 28.92 -7.73
CA GLY A 1 5.80 28.93 -6.50
C GLY A 1 6.49 27.61 -6.23
N SER A 2 6.09 26.94 -5.15
CA SER A 2 6.68 25.65 -4.79
C SER A 2 5.84 24.49 -5.33
N LEU A 3 4.51 24.68 -5.39
CA LEU A 3 3.62 23.65 -5.92
C LEU A 3 3.88 23.48 -7.42
N THR A 4 5.01 22.87 -7.73
CA THR A 4 5.45 22.66 -9.10
C THR A 4 6.36 21.43 -9.18
N TYR A 5 7.19 21.36 -10.23
CA TYR A 5 8.11 20.23 -10.45
C TYR A 5 8.71 19.70 -9.14
N GLU A 6 9.39 20.57 -8.40
CA GLU A 6 10.02 20.19 -7.13
C GLU A 6 9.02 19.61 -6.12
N GLU A 7 7.77 20.06 -6.19
CA GLU A 7 6.73 19.58 -5.27
C GLU A 7 6.26 18.16 -5.63
N VAL A 8 6.54 17.73 -6.87
CA VAL A 8 6.15 16.40 -7.31
C VAL A 8 7.22 15.35 -6.96
N LEU A 9 8.49 15.80 -6.89
CA LEU A 9 9.60 14.91 -6.54
C LEU A 9 9.33 14.25 -5.19
N GLN A 10 9.20 15.08 -4.15
CA GLN A 10 8.91 14.58 -2.80
C GLN A 10 7.65 13.71 -2.82
N GLU A 11 6.60 14.23 -3.47
CA GLU A 11 5.33 13.51 -3.58
C GLU A 11 5.51 12.06 -4.01
N LEU A 12 6.47 11.80 -4.91
CA LEU A 12 6.69 10.43 -5.38
C LEU A 12 7.29 9.57 -4.26
N VAL A 13 8.57 9.80 -3.92
CA VAL A 13 9.25 9.02 -2.87
C VAL A 13 8.37 8.80 -1.65
N LYS A 14 7.63 9.84 -1.24
CA LYS A 14 6.74 9.72 -0.08
C LYS A 14 5.77 8.56 -0.26
N HIS A 15 5.00 8.61 -1.34
CA HIS A 15 4.01 7.58 -1.66
C HIS A 15 4.57 6.17 -1.51
N LYS A 16 5.81 5.93 -1.98
CA LYS A 16 6.41 4.60 -1.90
C LYS A 16 6.90 4.28 -0.49
N GLU A 17 7.55 5.25 0.17
CA GLU A 17 8.06 5.05 1.53
C GLU A 17 6.93 4.62 2.48
N LEU A 18 5.71 5.11 2.22
CA LEU A 18 4.55 4.74 3.03
C LEU A 18 4.14 3.30 2.77
N LEU A 19 4.45 2.81 1.56
CA LEU A 19 4.15 1.43 1.18
C LEU A 19 5.21 0.48 1.73
N ARG A 20 6.44 0.97 1.84
CA ARG A 20 7.55 0.18 2.38
C ARG A 20 7.34 -0.07 3.86
N ARG A 21 7.28 1.03 4.63
CA ARG A 21 7.06 0.95 6.08
C ARG A 21 5.84 0.07 6.39
N LYS A 22 4.75 0.28 5.64
CA LYS A 22 3.51 -0.50 5.83
C LYS A 22 3.79 -2.00 5.92
N ASP A 23 4.72 -2.48 5.10
CA ASP A 23 5.09 -3.90 5.10
C ASP A 23 6.05 -4.21 6.25
N THR A 24 6.99 -3.29 6.51
CA THR A 24 7.96 -3.45 7.60
C THR A 24 7.26 -3.46 8.96
N HIS A 25 6.10 -2.81 9.04
CA HIS A 25 5.33 -2.76 10.28
C HIS A 25 4.65 -4.09 10.56
N ILE A 26 3.97 -4.64 9.56
CA ILE A 26 3.32 -5.94 9.71
C ILE A 26 4.39 -7.04 9.85
N ARG A 27 5.57 -6.77 9.30
CA ARG A 27 6.70 -7.70 9.36
C ARG A 27 7.33 -7.69 10.76
N GLU A 28 7.52 -6.49 11.32
CA GLU A 28 8.11 -6.35 12.65
C GLU A 28 7.10 -6.73 13.73
N LEU A 29 5.84 -6.30 13.56
CA LEU A 29 4.78 -6.61 14.52
C LEU A 29 4.54 -8.11 14.58
N GLU A 30 4.84 -8.82 13.49
CA GLU A 30 4.66 -10.26 13.42
C GLU A 30 5.43 -10.96 14.54
N ASP A 31 6.75 -10.76 14.57
CA ASP A 31 7.62 -11.37 15.58
C ASP A 31 7.02 -11.30 16.98
N TYR A 32 6.39 -10.18 17.32
CA TYR A 32 5.77 -10.01 18.64
C TYR A 32 4.62 -11.01 18.83
N ILE A 33 3.85 -11.23 17.78
CA ILE A 33 2.73 -12.16 17.81
C ILE A 33 3.21 -13.61 17.94
N ASP A 34 4.42 -13.89 17.44
CA ASP A 34 4.98 -15.25 17.51
C ASP A 34 5.16 -15.71 18.95
N ASN A 35 5.46 -14.79 19.86
CA ASN A 35 5.66 -15.10 21.28
C ASN A 35 4.67 -16.16 21.77
N LEU A 36 3.41 -16.03 21.36
CA LEU A 36 2.37 -16.99 21.74
C LEU A 36 2.71 -18.38 21.18
N LEU A 37 3.04 -18.41 19.88
CA LEU A 37 3.41 -19.65 19.20
C LEU A 37 4.87 -19.58 18.74
N VAL A 38 5.78 -19.43 19.70
CA VAL A 38 7.21 -19.36 19.44
C VAL A 38 8.01 -19.36 20.75
N ARG A 39 9.30 -19.73 20.68
CA ARG A 39 10.15 -19.77 21.88
C ARG A 39 10.06 -18.47 22.67
N VAL A 40 9.74 -18.59 23.96
CA VAL A 40 9.63 -17.43 24.84
C VAL A 40 10.84 -17.35 25.78
N MET A 41 11.13 -16.13 26.25
CA MET A 41 12.26 -15.91 27.15
C MET A 41 11.83 -15.12 28.38
N GLY B 1 13.54 12.63 -23.92
CA GLY B 1 12.35 13.00 -24.75
C GLY B 1 11.20 13.53 -23.91
N SER B 2 10.46 12.62 -23.28
CA SER B 2 9.32 13.01 -22.44
C SER B 2 9.58 12.72 -20.96
N LEU B 3 10.78 12.21 -20.63
CA LEU B 3 11.12 11.93 -19.23
C LEU B 3 11.35 13.25 -18.49
N THR B 4 10.25 13.96 -18.25
CA THR B 4 10.28 15.26 -17.60
C THR B 4 8.98 15.50 -16.81
N TYR B 5 8.68 16.78 -16.54
CA TYR B 5 7.47 17.18 -15.80
C TYR B 5 6.26 16.30 -16.12
N GLU B 6 5.88 16.26 -17.39
CA GLU B 6 4.72 15.45 -17.84
C GLU B 6 4.86 13.97 -17.48
N GLU B 7 6.09 13.48 -17.44
CA GLU B 7 6.34 12.07 -17.10
C GLU B 7 6.14 11.79 -15.61
N VAL B 8 6.16 12.84 -14.78
CA VAL B 8 5.98 12.68 -13.35
C VAL B 8 4.49 12.73 -12.98
N LEU B 9 3.68 13.43 -13.78
CA LEU B 9 2.24 13.52 -13.54
C LEU B 9 1.63 12.12 -13.50
N GLN B 10 1.76 11.39 -14.62
CA GLN B 10 1.24 10.03 -14.71
C GLN B 10 1.82 9.17 -13.57
N GLU B 11 3.14 9.28 -13.38
CA GLU B 11 3.83 8.53 -12.33
C GLU B 11 3.13 8.64 -10.98
N LEU B 12 2.58 9.81 -10.66
CA LEU B 12 1.89 10.00 -9.38
C LEU B 12 0.59 9.20 -9.34
N VAL B 13 -0.43 9.65 -10.09
CA VAL B 13 -1.73 8.97 -10.12
C VAL B 13 -1.60 7.45 -10.20
N LYS B 14 -0.65 6.96 -11.01
CA LYS B 14 -0.43 5.52 -11.16
C LYS B 14 -0.17 4.90 -9.79
N HIS B 15 0.86 5.39 -9.10
CA HIS B 15 1.25 4.88 -7.79
C HIS B 15 0.06 4.73 -6.85
N LYS B 16 -0.86 5.70 -6.83
CA LYS B 16 -2.03 5.65 -5.94
C LYS B 16 -3.09 4.67 -6.46
N GLU B 17 -3.36 4.70 -7.76
CA GLU B 17 -4.36 3.81 -8.36
C GLU B 17 -4.03 2.34 -8.06
N LEU B 18 -2.73 2.03 -7.97
CA LEU B 18 -2.29 0.67 -7.67
C LEU B 18 -2.59 0.33 -6.20
N LEU B 19 -2.63 1.36 -5.35
CA LEU B 19 -2.93 1.19 -3.93
C LEU B 19 -4.44 1.08 -3.72
N ARG B 20 -5.22 1.76 -4.58
CA ARG B 20 -6.67 1.73 -4.50
C ARG B 20 -7.17 0.33 -4.89
N ARG B 21 -6.87 -0.08 -6.11
CA ARG B 21 -7.26 -1.39 -6.62
C ARG B 21 -6.85 -2.49 -5.64
N LYS B 22 -5.61 -2.40 -5.14
CA LYS B 22 -5.09 -3.38 -4.18
C LYS B 22 -6.08 -3.67 -3.05
N ASP B 23 -6.76 -2.62 -2.58
CA ASP B 23 -7.74 -2.76 -1.51
C ASP B 23 -9.08 -3.27 -2.06
N THR B 24 -9.46 -2.77 -3.24
CA THR B 24 -10.71 -3.18 -3.89
C THR B 24 -10.66 -4.67 -4.28
N HIS B 25 -9.45 -5.20 -4.48
CA HIS B 25 -9.27 -6.61 -4.84
C HIS B 25 -9.50 -7.50 -3.62
N ILE B 26 -8.86 -7.16 -2.50
CA ILE B 26 -9.04 -7.93 -1.27
C ILE B 26 -10.47 -7.75 -0.75
N ARG B 27 -11.08 -6.60 -1.11
CA ARG B 27 -12.45 -6.28 -0.72
C ARG B 27 -13.45 -7.09 -1.55
N GLU B 28 -13.22 -7.17 -2.86
CA GLU B 28 -14.10 -7.92 -3.75
C GLU B 28 -13.89 -9.42 -3.60
N LEU B 29 -12.63 -9.84 -3.48
CA LEU B 29 -12.29 -11.25 -3.31
C LEU B 29 -12.86 -11.78 -1.99
N GLU B 30 -13.05 -10.89 -1.02
CA GLU B 30 -13.60 -11.27 0.28
C GLU B 30 -14.95 -11.94 0.11
N ASP B 31 -15.91 -11.22 -0.48
CA ASP B 31 -17.27 -11.73 -0.69
C ASP B 31 -17.28 -13.19 -1.18
N TYR B 32 -16.35 -13.54 -2.07
CA TYR B 32 -16.27 -14.90 -2.59
C TYR B 32 -15.93 -15.89 -1.49
N ILE B 33 -15.03 -15.48 -0.58
CA ILE B 33 -14.62 -16.32 0.53
C ILE B 33 -15.76 -16.51 1.54
N ASP B 34 -16.67 -15.54 1.62
CA ASP B 34 -17.81 -15.61 2.54
C ASP B 34 -18.71 -16.80 2.24
N ASN B 35 -18.82 -17.17 0.96
CA ASN B 35 -19.66 -18.30 0.54
C ASN B 35 -19.57 -19.47 1.51
N LEU B 36 -18.36 -19.77 2.00
CA LEU B 36 -18.16 -20.85 2.96
C LEU B 36 -18.90 -20.53 4.26
N LEU B 37 -18.70 -19.31 4.76
CA LEU B 37 -19.36 -18.85 5.98
C LEU B 37 -20.30 -17.68 5.66
N VAL B 38 -21.31 -17.95 4.82
CA VAL B 38 -22.25 -16.93 4.37
C VAL B 38 -22.75 -16.08 5.54
N ARG B 39 -22.34 -14.81 5.49
CA ARG B 39 -22.63 -13.84 6.55
C ARG B 39 -24.08 -13.90 7.02
N VAL B 40 -24.31 -14.81 7.97
CA VAL B 40 -25.61 -15.01 8.60
C VAL B 40 -25.41 -15.30 10.09
N MET B 41 -24.79 -14.35 10.78
CA MET B 41 -24.49 -14.50 12.21
C MET B 41 -25.21 -13.43 13.04
N GLY A 1 5.17 29.06 -7.80
CA GLY A 1 6.18 29.08 -6.69
C GLY A 1 6.79 27.72 -6.43
N SER A 2 6.21 26.99 -5.47
CA SER A 2 6.69 25.65 -5.12
C SER A 2 5.76 24.56 -5.64
N LEU A 3 4.68 24.95 -6.33
CA LEU A 3 3.75 23.97 -6.90
C LEU A 3 4.23 23.57 -8.29
N THR A 4 5.46 23.06 -8.34
CA THR A 4 6.10 22.65 -9.59
C THR A 4 6.87 21.35 -9.37
N TYR A 5 7.84 21.07 -10.24
CA TYR A 5 8.64 19.84 -10.18
C TYR A 5 9.09 19.46 -8.77
N GLU A 6 9.43 20.45 -7.94
CA GLU A 6 9.87 20.18 -6.56
C GLU A 6 8.70 19.75 -5.66
N GLU A 7 7.47 20.00 -6.11
CA GLU A 7 6.28 19.63 -5.35
C GLU A 7 5.93 18.16 -5.54
N VAL A 8 5.89 17.71 -6.81
CA VAL A 8 5.55 16.33 -7.13
C VAL A 8 6.65 15.37 -6.67
N LEU A 9 7.91 15.81 -6.76
CA LEU A 9 9.05 14.98 -6.35
C LEU A 9 8.87 14.47 -4.93
N GLN A 10 8.51 15.37 -4.01
CA GLN A 10 8.30 15.01 -2.61
C GLN A 10 7.07 14.11 -2.44
N GLU A 11 6.16 14.14 -3.40
CA GLU A 11 4.95 13.32 -3.36
C GLU A 11 5.25 11.91 -3.87
N LEU A 12 6.21 11.82 -4.80
CA LEU A 12 6.62 10.54 -5.36
C LEU A 12 7.29 9.69 -4.28
N VAL A 13 8.37 10.23 -3.70
CA VAL A 13 9.10 9.53 -2.65
C VAL A 13 8.17 9.14 -1.50
N LYS A 14 7.46 10.12 -0.93
CA LYS A 14 6.53 9.88 0.19
C LYS A 14 5.71 8.61 -0.02
N HIS A 15 5.22 8.41 -1.24
CA HIS A 15 4.43 7.22 -1.55
C HIS A 15 5.26 5.96 -1.31
N LYS A 16 6.29 5.78 -2.14
CA LYS A 16 7.17 4.61 -2.03
C LYS A 16 7.60 4.33 -0.59
N GLU A 17 7.93 5.39 0.17
CA GLU A 17 8.37 5.23 1.55
C GLU A 17 7.21 4.79 2.45
N LEU A 18 6.00 5.26 2.14
CA LEU A 18 4.82 4.89 2.90
C LEU A 18 4.52 3.40 2.71
N LEU A 19 4.71 2.94 1.47
CA LEU A 19 4.51 1.52 1.14
C LEU A 19 5.59 0.67 1.79
N ARG A 20 6.81 1.22 1.88
CA ARG A 20 7.92 0.52 2.48
C ARG A 20 7.66 0.22 3.95
N ARG A 21 7.45 1.27 4.75
CA ARG A 21 7.17 1.12 6.18
C ARG A 21 5.97 0.21 6.42
N LYS A 22 4.95 0.30 5.55
CA LYS A 22 3.75 -0.52 5.68
C LYS A 22 4.11 -2.01 5.75
N ASP A 23 4.96 -2.45 4.82
CA ASP A 23 5.40 -3.85 4.77
C ASP A 23 6.32 -4.20 5.94
N THR A 24 6.94 -3.17 6.54
CA THR A 24 7.84 -3.38 7.68
C THR A 24 7.07 -3.30 9.00
N HIS A 25 5.93 -2.60 8.99
CA HIS A 25 5.09 -2.47 10.19
C HIS A 25 4.35 -3.77 10.45
N ILE A 26 3.84 -4.38 9.37
CA ILE A 26 3.13 -5.64 9.45
C ILE A 26 4.10 -6.79 9.76
N ARG A 27 5.41 -6.53 9.56
CA ARG A 27 6.45 -7.52 9.82
C ARG A 27 6.92 -7.42 11.26
N GLU A 28 7.03 -6.19 11.78
CA GLU A 28 7.45 -5.98 13.17
C GLU A 28 6.38 -6.47 14.13
N LEU A 29 5.11 -6.20 13.79
CA LEU A 29 3.98 -6.64 14.62
C LEU A 29 3.78 -8.16 14.49
N GLU A 30 4.45 -8.75 13.48
CA GLU A 30 4.37 -10.19 13.27
C GLU A 30 5.30 -10.91 14.26
N ASP A 31 6.38 -10.23 14.66
CA ASP A 31 7.35 -10.79 15.59
C ASP A 31 6.66 -11.16 16.92
N TYR A 32 6.17 -10.15 17.64
CA TYR A 32 5.50 -10.37 18.94
C TYR A 32 4.38 -11.41 18.82
N ILE A 33 3.62 -11.37 17.72
CA ILE A 33 2.53 -12.33 17.51
C ILE A 33 3.06 -13.77 17.50
N ASP A 34 4.36 -13.93 17.22
CA ASP A 34 4.99 -15.24 17.19
C ASP A 34 5.26 -15.73 18.61
N ASN A 35 5.59 -14.80 19.51
CA ASN A 35 5.87 -15.12 20.93
C ASN A 35 4.87 -16.15 21.46
N LEU A 36 3.59 -16.00 21.08
CA LEU A 36 2.55 -16.93 21.51
C LEU A 36 2.83 -18.33 20.96
N LEU A 37 3.18 -18.40 19.67
CA LEU A 37 3.51 -19.65 19.01
C LEU A 37 4.97 -19.61 18.51
N VAL A 38 5.89 -19.44 19.47
CA VAL A 38 7.33 -19.37 19.19
C VAL A 38 8.13 -19.71 20.46
N ARG A 39 9.45 -19.63 20.38
CA ARG A 39 10.30 -19.89 21.55
C ARG A 39 10.27 -18.69 22.51
N VAL A 40 9.72 -18.91 23.70
CA VAL A 40 9.62 -17.85 24.70
C VAL A 40 10.85 -17.84 25.62
N MET A 41 11.20 -16.66 26.11
CA MET A 41 12.35 -16.50 27.01
C MET A 41 11.94 -15.87 28.33
N GLY B 1 13.27 12.60 -24.13
CA GLY B 1 12.01 12.85 -24.89
C GLY B 1 10.93 13.48 -24.04
N SER B 2 10.44 12.72 -23.06
CA SER B 2 9.38 13.21 -22.16
C SER B 2 9.67 12.82 -20.72
N LEU B 3 10.95 12.88 -20.32
CA LEU B 3 11.34 12.57 -18.96
C LEU B 3 11.33 13.85 -18.12
N THR B 4 10.22 14.57 -18.21
CA THR B 4 10.02 15.83 -17.50
C THR B 4 8.70 15.79 -16.74
N TYR B 5 8.15 16.95 -16.40
CA TYR B 5 6.89 17.06 -15.64
C TYR B 5 5.82 16.05 -16.09
N GLU B 6 5.72 15.80 -17.40
CA GLU B 6 4.73 14.86 -17.94
C GLU B 6 5.09 13.40 -17.62
N GLU B 7 6.35 13.16 -17.23
CA GLU B 7 6.81 11.82 -16.90
C GLU B 7 6.43 11.45 -15.47
N VAL B 8 6.73 12.34 -14.52
CA VAL B 8 6.43 12.10 -13.12
C VAL B 8 4.93 12.09 -12.85
N LEU B 9 4.19 12.94 -13.56
CA LEU B 9 2.74 13.04 -13.40
C LEU B 9 2.09 11.66 -13.56
N GLN B 10 2.46 10.94 -14.62
CA GLN B 10 1.92 9.61 -14.88
C GLN B 10 2.38 8.59 -13.82
N GLU B 11 3.48 8.90 -13.13
CA GLU B 11 4.01 8.02 -12.08
C GLU B 11 3.26 8.26 -10.77
N LEU B 12 2.83 9.51 -10.57
CA LEU B 12 2.08 9.88 -9.37
C LEU B 12 0.73 9.18 -9.35
N VAL B 13 -0.07 9.41 -10.39
CA VAL B 13 -1.39 8.80 -10.51
C VAL B 13 -1.28 7.27 -10.40
N LYS B 14 -0.46 6.65 -11.26
CA LYS B 14 -0.27 5.19 -11.28
C LYS B 14 -0.18 4.62 -9.86
N HIS B 15 0.58 5.29 -8.99
CA HIS B 15 0.73 4.84 -7.62
C HIS B 15 -0.63 4.80 -6.93
N LYS B 16 -1.22 5.99 -6.71
CA LYS B 16 -2.52 6.09 -6.05
C LYS B 16 -3.54 5.10 -6.60
N GLU B 17 -3.57 4.91 -7.93
CA GLU B 17 -4.52 3.99 -8.55
C GLU B 17 -4.16 2.53 -8.24
N LEU B 18 -2.87 2.25 -8.11
CA LEU B 18 -2.41 0.90 -7.77
C LEU B 18 -2.83 0.56 -6.34
N LEU B 19 -2.74 1.55 -5.45
CA LEU B 19 -3.14 1.38 -4.06
C LEU B 19 -4.66 1.24 -3.97
N ARG B 20 -5.38 1.94 -4.85
CA ARG B 20 -6.84 1.90 -4.87
C ARG B 20 -7.32 0.49 -5.20
N ARG B 21 -6.94 -0.03 -6.38
CA ARG B 21 -7.34 -1.36 -6.80
C ARG B 21 -6.94 -2.42 -5.77
N LYS B 22 -5.78 -2.25 -5.16
CA LYS B 22 -5.28 -3.19 -4.15
C LYS B 22 -6.33 -3.39 -3.04
N ASP B 23 -6.84 -2.29 -2.51
CA ASP B 23 -7.87 -2.34 -1.45
C ASP B 23 -9.20 -2.87 -1.97
N THR B 24 -9.41 -2.79 -3.28
CA THR B 24 -10.65 -3.27 -3.90
C THR B 24 -10.52 -4.74 -4.33
N HIS B 25 -9.28 -5.19 -4.55
CA HIS B 25 -9.00 -6.57 -4.94
C HIS B 25 -9.16 -7.48 -3.73
N ILE B 26 -8.64 -7.02 -2.59
CA ILE B 26 -8.75 -7.78 -1.34
C ILE B 26 -10.19 -7.76 -0.82
N ARG B 27 -11.00 -6.83 -1.35
CA ARG B 27 -12.40 -6.72 -0.96
C ARG B 27 -13.28 -7.62 -1.83
N GLU B 28 -12.95 -7.69 -3.14
CA GLU B 28 -13.70 -8.53 -4.07
C GLU B 28 -13.47 -10.01 -3.75
N LEU B 29 -12.22 -10.36 -3.43
CA LEU B 29 -11.86 -11.73 -3.08
C LEU B 29 -12.39 -12.08 -1.68
N GLU B 30 -12.83 -11.05 -0.94
CA GLU B 30 -13.40 -11.25 0.39
C GLU B 30 -14.85 -11.73 0.27
N ASP B 31 -15.52 -11.30 -0.82
CA ASP B 31 -16.90 -11.68 -1.07
C ASP B 31 -17.05 -13.20 -1.15
N TYR B 32 -16.44 -13.83 -2.16
CA TYR B 32 -16.51 -15.28 -2.35
C TYR B 32 -16.11 -16.03 -1.07
N ILE B 33 -15.08 -15.54 -0.39
CA ILE B 33 -14.61 -16.18 0.85
C ILE B 33 -15.73 -16.22 1.91
N ASP B 34 -16.71 -15.33 1.76
CA ASP B 34 -17.85 -15.28 2.68
C ASP B 34 -18.84 -16.40 2.37
N ASN B 35 -18.99 -16.73 1.08
CA ASN B 35 -19.89 -17.80 0.64
C ASN B 35 -19.82 -19.01 1.57
N LEU B 36 -18.60 -19.36 2.00
CA LEU B 36 -18.39 -20.49 2.91
C LEU B 36 -19.10 -20.22 4.24
N LEU B 37 -18.91 -19.00 4.77
CA LEU B 37 -19.54 -18.58 6.02
C LEU B 37 -20.47 -17.39 5.77
N VAL B 38 -21.49 -17.61 4.92
CA VAL B 38 -22.44 -16.56 4.57
C VAL B 38 -22.96 -15.83 5.80
N ARG B 39 -23.40 -14.58 5.59
CA ARG B 39 -23.91 -13.71 6.65
C ARG B 39 -24.96 -14.42 7.51
N VAL B 40 -24.48 -15.20 8.48
CA VAL B 40 -25.35 -15.94 9.41
C VAL B 40 -24.64 -16.10 10.76
N MET B 41 -24.33 -14.97 11.39
CA MET B 41 -23.66 -14.97 12.68
C MET B 41 -24.58 -14.50 13.80
N GLY A 1 5.42 28.81 -7.40
CA GLY A 1 6.19 28.74 -6.13
C GLY A 1 6.76 27.35 -5.87
N SER A 2 6.18 26.66 -4.88
CA SER A 2 6.63 25.32 -4.52
C SER A 2 5.74 24.25 -5.12
N LEU A 3 4.44 24.57 -5.28
CA LEU A 3 3.49 23.62 -5.89
C LEU A 3 3.79 23.49 -7.38
N THR A 4 4.92 22.85 -7.66
CA THR A 4 5.41 22.66 -9.02
C THR A 4 6.29 21.40 -9.11
N TYR A 5 7.13 21.34 -10.14
CA TYR A 5 8.04 20.20 -10.36
C TYR A 5 8.65 19.69 -9.04
N GLU A 6 9.32 20.58 -8.30
CA GLU A 6 9.96 20.21 -7.04
C GLU A 6 8.98 19.56 -6.05
N GLU A 7 7.69 19.87 -6.20
CA GLU A 7 6.65 19.32 -5.31
C GLU A 7 6.31 17.89 -5.69
N VAL A 8 5.97 17.67 -6.96
CA VAL A 8 5.61 16.34 -7.45
C VAL A 8 6.74 15.32 -7.25
N LEU A 9 7.99 15.79 -7.24
CA LEU A 9 9.14 14.91 -7.04
C LEU A 9 9.04 14.22 -5.68
N GLN A 10 9.03 15.04 -4.61
CA GLN A 10 8.93 14.51 -3.24
C GLN A 10 7.74 13.57 -3.10
N GLU A 11 6.64 13.88 -3.80
CA GLU A 11 5.42 13.06 -3.76
C GLU A 11 5.66 11.62 -4.23
N LEU A 12 6.71 11.41 -5.04
CA LEU A 12 7.02 10.06 -5.54
C LEU A 12 7.81 9.25 -4.52
N VAL A 13 8.77 9.90 -3.84
CA VAL A 13 9.57 9.21 -2.83
C VAL A 13 8.73 8.94 -1.59
N LYS A 14 7.98 9.96 -1.16
CA LYS A 14 7.11 9.83 0.01
C LYS A 14 6.13 8.67 -0.16
N HIS A 15 5.36 8.71 -1.25
CA HIS A 15 4.37 7.67 -1.55
C HIS A 15 4.93 6.26 -1.37
N LYS A 16 6.16 6.02 -1.84
CA LYS A 16 6.78 4.70 -1.71
C LYS A 16 7.17 4.40 -0.27
N GLU A 17 7.72 5.40 0.43
CA GLU A 17 8.15 5.23 1.82
C GLU A 17 6.98 4.73 2.68
N LEU A 18 5.77 5.16 2.35
CA LEU A 18 4.56 4.75 3.08
C LEU A 18 4.20 3.30 2.75
N LEU A 19 4.57 2.85 1.54
CA LEU A 19 4.31 1.48 1.10
C LEU A 19 5.35 0.53 1.70
N ARG A 20 6.55 1.05 1.94
CA ARG A 20 7.63 0.27 2.53
C ARG A 20 7.35 0.04 4.01
N ARG A 21 7.23 1.15 4.75
CA ARG A 21 6.95 1.09 6.19
C ARG A 21 5.74 0.20 6.46
N LYS A 22 4.66 0.39 5.68
CA LYS A 22 3.44 -0.39 5.84
C LYS A 22 3.73 -1.90 5.91
N ASP A 23 4.68 -2.36 5.09
CA ASP A 23 5.05 -3.77 5.07
C ASP A 23 5.97 -4.12 6.24
N THR A 24 6.89 -3.20 6.56
CA THR A 24 7.81 -3.40 7.67
C THR A 24 7.08 -3.41 9.02
N HIS A 25 5.89 -2.80 9.06
CA HIS A 25 5.07 -2.76 10.27
C HIS A 25 4.42 -4.11 10.52
N ILE A 26 3.68 -4.62 9.53
CA ILE A 26 3.03 -5.92 9.65
C ILE A 26 4.09 -7.02 9.78
N ARG A 27 5.26 -6.77 9.18
CA ARG A 27 6.39 -7.71 9.23
C ARG A 27 7.00 -7.72 10.63
N GLU A 28 7.15 -6.54 11.24
CA GLU A 28 7.72 -6.44 12.58
C GLU A 28 6.72 -6.94 13.63
N LEU A 29 5.42 -6.68 13.41
CA LEU A 29 4.37 -7.11 14.31
C LEU A 29 4.25 -8.63 14.35
N GLU A 30 4.68 -9.29 13.28
CA GLU A 30 4.63 -10.75 13.20
C GLU A 30 5.60 -11.37 14.20
N ASP A 31 6.71 -10.67 14.46
CA ASP A 31 7.73 -11.13 15.40
C ASP A 31 7.21 -10.98 16.83
N TYR A 32 6.53 -9.87 17.09
CA TYR A 32 5.97 -9.61 18.42
C TYR A 32 4.82 -10.58 18.72
N ILE A 33 3.99 -10.83 17.71
CA ILE A 33 2.85 -11.73 17.85
C ILE A 33 3.30 -13.20 17.92
N ASP A 34 4.49 -13.50 17.38
CA ASP A 34 5.01 -14.87 17.38
C ASP A 34 5.19 -15.40 18.81
N ASN A 35 5.49 -14.50 19.76
CA ASN A 35 5.69 -14.89 21.16
C ASN A 35 4.70 -15.96 21.60
N LEU A 36 3.44 -15.82 21.18
CA LEU A 36 2.39 -16.80 21.51
C LEU A 36 2.74 -18.16 20.92
N LEU A 37 3.09 -18.16 19.64
CA LEU A 37 3.48 -19.38 18.93
C LEU A 37 4.95 -19.31 18.50
N VAL A 38 5.83 -19.16 19.49
CA VAL A 38 7.28 -19.09 19.28
C VAL A 38 8.01 -19.18 20.61
N ARG A 39 9.30 -19.54 20.59
CA ARG A 39 10.09 -19.67 21.82
C ARG A 39 9.96 -18.42 22.69
N VAL A 40 9.58 -18.64 23.95
CA VAL A 40 9.42 -17.55 24.91
C VAL A 40 10.63 -17.46 25.86
N MET A 41 11.04 -16.23 26.17
CA MET A 41 12.17 -16.00 27.05
C MET A 41 11.76 -15.18 28.27
N GLY B 1 13.04 11.94 -24.05
CA GLY B 1 11.91 12.60 -24.79
C GLY B 1 10.85 13.15 -23.84
N SER B 2 10.11 12.25 -23.20
CA SER B 2 9.06 12.65 -22.27
C SER B 2 9.44 12.38 -20.81
N LEU B 3 10.73 12.10 -20.57
CA LEU B 3 11.21 11.85 -19.21
C LEU B 3 11.38 13.18 -18.50
N THR B 4 10.26 13.85 -18.24
CA THR B 4 10.25 15.16 -17.60
C THR B 4 8.98 15.38 -16.77
N TYR B 5 8.66 16.65 -16.52
CA TYR B 5 7.48 17.03 -15.73
C TYR B 5 6.26 16.16 -16.07
N GLU B 6 5.87 16.14 -17.35
CA GLU B 6 4.71 15.36 -17.80
C GLU B 6 4.80 13.88 -17.39
N GLU B 7 6.03 13.38 -17.21
CA GLU B 7 6.24 11.98 -16.82
C GLU B 7 5.96 11.76 -15.34
N VAL B 8 6.60 12.57 -14.49
CA VAL B 8 6.42 12.46 -13.04
C VAL B 8 4.96 12.66 -12.62
N LEU B 9 4.20 13.43 -13.39
CA LEU B 9 2.78 13.67 -13.09
C LEU B 9 2.02 12.35 -13.09
N GLN B 10 2.02 11.66 -14.24
CA GLN B 10 1.33 10.38 -14.39
C GLN B 10 1.76 9.40 -13.29
N GLU B 11 3.05 9.46 -12.91
CA GLU B 11 3.59 8.58 -11.88
C GLU B 11 2.88 8.74 -10.52
N LEU B 12 2.25 9.91 -10.29
CA LEU B 12 1.54 10.17 -9.04
C LEU B 12 0.13 9.57 -9.05
N VAL B 13 -0.55 9.68 -10.19
CA VAL B 13 -1.90 9.12 -10.31
C VAL B 13 -1.84 7.60 -10.38
N LYS B 14 -0.92 7.08 -11.20
CA LYS B 14 -0.74 5.65 -11.35
C LYS B 14 -0.46 4.99 -10.00
N HIS B 15 0.58 5.48 -9.31
CA HIS B 15 0.97 4.94 -8.00
C HIS B 15 -0.22 4.75 -7.06
N LYS B 16 -1.13 5.74 -7.03
CA LYS B 16 -2.31 5.65 -6.16
C LYS B 16 -3.32 4.62 -6.67
N GLU B 17 -3.52 4.59 -7.99
CA GLU B 17 -4.46 3.64 -8.61
C GLU B 17 -4.11 2.20 -8.21
N LEU B 18 -2.81 1.93 -8.06
CA LEU B 18 -2.34 0.60 -7.67
C LEU B 18 -2.63 0.33 -6.19
N LEU B 19 -2.69 1.40 -5.39
CA LEU B 19 -2.99 1.28 -3.96
C LEU B 19 -4.50 1.12 -3.74
N ARG B 20 -5.28 1.70 -4.66
CA ARG B 20 -6.74 1.61 -4.58
C ARG B 20 -7.17 0.21 -4.98
N ARG B 21 -6.82 -0.19 -6.20
CA ARG B 21 -7.17 -1.52 -6.71
C ARG B 21 -6.75 -2.61 -5.71
N LYS B 22 -5.52 -2.50 -5.20
CA LYS B 22 -4.99 -3.47 -4.24
C LYS B 22 -5.97 -3.72 -3.09
N ASP B 23 -6.64 -2.67 -2.62
CA ASP B 23 -7.61 -2.78 -1.54
C ASP B 23 -8.94 -3.33 -2.05
N THR B 24 -9.35 -2.88 -3.25
CA THR B 24 -10.60 -3.33 -3.86
C THR B 24 -10.52 -4.83 -4.23
N HIS B 25 -9.30 -5.34 -4.40
CA HIS B 25 -9.10 -6.76 -4.72
C HIS B 25 -9.34 -7.63 -3.50
N ILE B 26 -8.62 -7.34 -2.41
CA ILE B 26 -8.79 -8.10 -1.16
C ILE B 26 -10.21 -7.90 -0.62
N ARG B 27 -10.79 -6.72 -0.92
CA ARG B 27 -12.14 -6.39 -0.49
C ARG B 27 -13.17 -7.20 -1.29
N GLU B 28 -12.94 -7.34 -2.61
CA GLU B 28 -13.84 -8.10 -3.46
C GLU B 28 -13.69 -9.60 -3.21
N LEU B 29 -12.46 -10.04 -2.93
CA LEU B 29 -12.18 -11.45 -2.66
C LEU B 29 -12.83 -11.91 -1.35
N GLU B 30 -13.08 -10.96 -0.44
CA GLU B 30 -13.72 -11.27 0.83
C GLU B 30 -15.17 -11.71 0.61
N ASP B 31 -15.81 -11.16 -0.43
CA ASP B 31 -17.19 -11.49 -0.78
C ASP B 31 -17.25 -12.89 -1.39
N TYR B 32 -16.27 -13.21 -2.23
CA TYR B 32 -16.19 -14.52 -2.88
C TYR B 32 -15.87 -15.61 -1.85
N ILE B 33 -14.96 -15.29 -0.93
CA ILE B 33 -14.56 -16.23 0.12
C ILE B 33 -15.65 -16.39 1.19
N ASP B 34 -16.52 -15.38 1.32
CA ASP B 34 -17.61 -15.44 2.31
C ASP B 34 -18.54 -16.62 2.07
N ASN B 35 -18.70 -17.03 0.80
CA ASN B 35 -19.57 -18.14 0.43
C ASN B 35 -19.47 -19.29 1.45
N LEU B 36 -18.25 -19.60 1.89
CA LEU B 36 -18.04 -20.65 2.88
C LEU B 36 -18.75 -20.31 4.19
N LEU B 37 -18.54 -19.08 4.66
CA LEU B 37 -19.17 -18.59 5.89
C LEU B 37 -20.12 -17.43 5.57
N VAL B 38 -21.12 -17.71 4.72
CA VAL B 38 -22.09 -16.70 4.29
C VAL B 38 -22.63 -15.91 5.47
N ARG B 39 -22.25 -14.63 5.50
CA ARG B 39 -22.59 -13.73 6.61
C ARG B 39 -24.06 -13.85 7.03
N VAL B 40 -24.28 -14.79 7.95
CA VAL B 40 -25.60 -15.06 8.52
C VAL B 40 -25.44 -15.49 9.98
N MET B 41 -24.87 -14.60 10.78
CA MET B 41 -24.63 -14.87 12.20
C MET B 41 -25.76 -14.30 13.06
N GLY A 1 5.29 28.83 -8.08
CA GLY A 1 6.29 28.78 -6.98
C GLY A 1 6.75 27.37 -6.66
N SER A 2 6.16 26.79 -5.60
CA SER A 2 6.51 25.43 -5.19
C SER A 2 5.52 24.40 -5.72
N LEU A 3 4.41 24.86 -6.32
CA LEU A 3 3.41 23.95 -6.89
C LEU A 3 3.84 23.58 -8.30
N THR A 4 5.02 22.99 -8.40
CA THR A 4 5.60 22.59 -9.69
C THR A 4 6.40 21.30 -9.52
N TYR A 5 7.32 21.05 -10.46
CA TYR A 5 8.15 19.84 -10.47
C TYR A 5 8.70 19.46 -9.09
N GLU A 6 9.06 20.45 -8.26
CA GLU A 6 9.60 20.17 -6.93
C GLU A 6 8.51 19.71 -5.96
N GLU A 7 7.25 19.93 -6.31
CA GLU A 7 6.13 19.52 -5.47
C GLU A 7 5.83 18.04 -5.64
N VAL A 8 5.82 17.59 -6.90
CA VAL A 8 5.56 16.19 -7.22
C VAL A 8 6.78 15.32 -6.89
N LEU A 9 7.98 15.88 -7.09
CA LEU A 9 9.22 15.15 -6.80
C LEU A 9 9.20 14.60 -5.38
N GLN A 10 9.02 15.49 -4.41
CA GLN A 10 8.97 15.10 -3.00
C GLN A 10 7.74 14.24 -2.71
N GLU A 11 6.74 14.30 -3.60
CA GLU A 11 5.51 13.52 -3.43
C GLU A 11 5.77 12.04 -3.71
N LEU A 12 6.29 11.71 -4.91
CA LEU A 12 6.56 10.33 -5.31
C LEU A 12 7.32 9.55 -4.22
N VAL A 13 8.39 10.15 -3.68
CA VAL A 13 9.17 9.47 -2.63
C VAL A 13 8.24 9.07 -1.47
N LYS A 14 7.54 10.04 -0.89
CA LYS A 14 6.63 9.78 0.22
C LYS A 14 5.69 8.61 -0.07
N HIS A 15 5.23 8.50 -1.33
CA HIS A 15 4.33 7.41 -1.73
C HIS A 15 5.07 6.08 -1.72
N LYS A 16 6.33 6.10 -2.17
CA LYS A 16 7.15 4.89 -2.22
C LYS A 16 7.56 4.47 -0.80
N GLU A 17 8.00 5.45 0.01
CA GLU A 17 8.42 5.17 1.38
C GLU A 17 7.25 4.60 2.17
N LEU A 18 6.16 5.37 2.30
CA LEU A 18 4.98 4.96 3.03
C LEU A 18 4.60 3.51 2.74
N LEU A 19 4.69 3.11 1.46
CA LEU A 19 4.38 1.73 1.06
C LEU A 19 5.32 0.73 1.72
N ARG A 20 6.59 1.10 1.85
CA ARG A 20 7.59 0.23 2.45
C ARG A 20 7.28 -0.04 3.92
N ARG A 21 7.20 1.03 4.73
CA ARG A 21 6.91 0.90 6.17
C ARG A 21 5.72 -0.02 6.43
N LYS A 22 4.68 0.10 5.61
CA LYS A 22 3.47 -0.72 5.75
C LYS A 22 3.84 -2.20 5.80
N ASP A 23 4.66 -2.64 4.85
CA ASP A 23 5.09 -4.04 4.77
C ASP A 23 6.09 -4.39 5.89
N THR A 24 6.72 -3.37 6.49
CA THR A 24 7.67 -3.59 7.59
C THR A 24 6.97 -3.58 8.94
N HIS A 25 5.81 -2.91 9.02
CA HIS A 25 5.04 -2.84 10.26
C HIS A 25 4.28 -4.14 10.47
N ILE A 26 3.76 -4.71 9.38
CA ILE A 26 3.04 -5.97 9.44
C ILE A 26 4.03 -7.13 9.62
N ARG A 27 5.31 -6.87 9.32
CA ARG A 27 6.36 -7.88 9.47
C ARG A 27 6.95 -7.87 10.88
N GLU A 28 7.10 -6.66 11.45
CA GLU A 28 7.64 -6.53 12.81
C GLU A 28 6.62 -7.04 13.83
N LEU A 29 5.34 -6.74 13.59
CA LEU A 29 4.25 -7.18 14.47
C LEU A 29 4.04 -8.70 14.37
N GLU A 30 4.72 -9.34 13.40
CA GLU A 30 4.63 -10.79 13.22
C GLU A 30 5.49 -11.49 14.27
N ASP A 31 6.55 -10.83 14.71
CA ASP A 31 7.44 -11.37 15.73
C ASP A 31 6.88 -11.06 17.13
N TYR A 32 6.10 -9.97 17.21
CA TYR A 32 5.47 -9.56 18.46
C TYR A 32 4.39 -10.56 18.86
N ILE A 33 3.66 -11.07 17.86
CA ILE A 33 2.61 -12.04 18.09
C ILE A 33 3.21 -13.44 18.31
N ASP A 34 4.21 -13.78 17.50
CA ASP A 34 4.89 -15.08 17.57
C ASP A 34 5.11 -15.55 19.00
N ASN A 35 5.38 -14.62 19.93
CA ASN A 35 5.60 -14.95 21.34
C ASN A 35 4.64 -16.03 21.82
N LEU A 36 3.37 -15.93 21.39
CA LEU A 36 2.36 -16.91 21.74
C LEU A 36 2.66 -18.25 21.07
N LEU A 37 2.93 -18.21 19.76
CA LEU A 37 3.26 -19.40 18.99
C LEU A 37 4.73 -19.37 18.54
N VAL A 38 5.62 -19.29 19.53
CA VAL A 38 7.06 -19.25 19.30
C VAL A 38 7.80 -19.61 20.61
N ARG A 39 9.13 -19.58 20.59
CA ARG A 39 9.91 -19.88 21.78
C ARG A 39 10.01 -18.64 22.67
N VAL A 40 9.62 -18.78 23.93
CA VAL A 40 9.65 -17.66 24.89
C VAL A 40 10.87 -17.76 25.80
N MET A 41 11.48 -16.60 26.07
CA MET A 41 12.66 -16.55 26.94
C MET A 41 12.29 -16.04 28.33
N GLY B 1 13.46 12.86 -24.21
CA GLY B 1 12.06 12.81 -24.75
C GLY B 1 11.05 13.48 -23.83
N SER B 2 10.45 12.68 -22.94
CA SER B 2 9.46 13.19 -21.99
C SER B 2 9.82 12.80 -20.56
N LEU B 3 11.11 12.79 -20.25
CA LEU B 3 11.59 12.47 -18.91
C LEU B 3 11.65 13.74 -18.07
N THR B 4 10.52 14.46 -18.05
CA THR B 4 10.39 15.71 -17.32
C THR B 4 9.08 15.73 -16.55
N TYR B 5 8.60 16.92 -16.19
CA TYR B 5 7.37 17.09 -15.42
C TYR B 5 6.23 16.18 -15.89
N GLU B 6 6.10 15.95 -17.21
CA GLU B 6 5.03 15.09 -17.73
C GLU B 6 5.29 13.60 -17.45
N GLU B 7 6.53 13.27 -17.09
CA GLU B 7 6.90 11.88 -16.78
C GLU B 7 6.46 11.52 -15.35
N VAL B 8 6.73 12.42 -14.41
CA VAL B 8 6.38 12.22 -13.01
C VAL B 8 4.87 12.40 -12.80
N LEU B 9 4.28 13.34 -13.55
CA LEU B 9 2.84 13.61 -13.45
C LEU B 9 2.03 12.32 -13.62
N GLN B 10 2.26 11.64 -14.75
CA GLN B 10 1.56 10.38 -15.03
C GLN B 10 1.99 9.28 -14.06
N GLU B 11 3.14 9.47 -13.40
CA GLU B 11 3.66 8.50 -12.44
C GLU B 11 2.84 8.51 -11.15
N LEU B 12 2.74 9.70 -10.51
CA LEU B 12 1.99 9.83 -9.26
C LEU B 12 0.62 9.18 -9.32
N VAL B 13 -0.15 9.46 -10.39
CA VAL B 13 -1.49 8.87 -10.52
C VAL B 13 -1.40 7.35 -10.42
N LYS B 14 -0.60 6.71 -11.29
CA LYS B 14 -0.43 5.26 -11.29
C LYS B 14 -0.16 4.73 -9.88
N HIS B 15 0.62 5.47 -9.09
CA HIS B 15 0.95 5.06 -7.72
C HIS B 15 -0.28 5.13 -6.83
N LYS B 16 -1.09 6.18 -7.03
CA LYS B 16 -2.31 6.37 -6.24
C LYS B 16 -3.38 5.36 -6.65
N GLU B 17 -3.56 5.17 -7.96
CA GLU B 17 -4.53 4.21 -8.48
C GLU B 17 -4.19 2.80 -7.99
N LEU B 18 -3.01 2.31 -8.37
CA LEU B 18 -2.57 0.96 -7.99
C LEU B 18 -2.87 0.66 -6.52
N LEU B 19 -2.66 1.65 -5.64
CA LEU B 19 -2.92 1.49 -4.20
C LEU B 19 -4.40 1.23 -3.94
N ARG B 20 -5.27 1.90 -4.71
CA ARG B 20 -6.71 1.74 -4.55
C ARG B 20 -7.15 0.32 -4.90
N ARG B 21 -6.88 -0.13 -6.13
CA ARG B 21 -7.26 -1.47 -6.57
C ARG B 21 -6.87 -2.54 -5.55
N LYS B 22 -5.68 -2.40 -4.97
CA LYS B 22 -5.20 -3.37 -3.97
C LYS B 22 -6.23 -3.56 -2.85
N ASP B 23 -6.73 -2.45 -2.32
CA ASP B 23 -7.72 -2.49 -1.24
C ASP B 23 -9.10 -2.93 -1.75
N THR B 24 -9.32 -2.85 -3.07
CA THR B 24 -10.60 -3.27 -3.66
C THR B 24 -10.56 -4.74 -4.07
N HIS B 25 -9.35 -5.27 -4.32
CA HIS B 25 -9.18 -6.68 -4.69
C HIS B 25 -9.30 -7.56 -3.46
N ILE B 26 -8.76 -7.08 -2.34
CA ILE B 26 -8.84 -7.81 -1.07
C ILE B 26 -10.25 -7.70 -0.49
N ARG B 27 -11.02 -6.71 -0.96
CA ARG B 27 -12.39 -6.50 -0.50
C ARG B 27 -13.37 -7.33 -1.33
N GLU B 28 -13.13 -7.41 -2.64
CA GLU B 28 -13.99 -8.20 -3.52
C GLU B 28 -13.83 -9.69 -3.25
N LEU B 29 -12.58 -10.11 -2.99
CA LEU B 29 -12.30 -11.51 -2.69
C LEU B 29 -12.83 -11.90 -1.29
N GLU B 30 -13.31 -10.91 -0.53
CA GLU B 30 -13.88 -11.15 0.78
C GLU B 30 -15.30 -11.70 0.65
N ASP B 31 -15.98 -11.33 -0.44
CA ASP B 31 -17.32 -11.81 -0.71
C ASP B 31 -17.26 -13.16 -1.42
N TYR B 32 -16.15 -13.39 -2.13
CA TYR B 32 -15.94 -14.64 -2.85
C TYR B 32 -15.72 -15.78 -1.86
N ILE B 33 -15.02 -15.49 -0.75
CA ILE B 33 -14.76 -16.48 0.28
C ILE B 33 -16.00 -16.66 1.18
N ASP B 34 -16.64 -15.54 1.52
CA ASP B 34 -17.84 -15.54 2.37
C ASP B 34 -18.79 -16.69 2.06
N ASN B 35 -18.89 -17.06 0.78
CA ASN B 35 -19.77 -18.17 0.35
C ASN B 35 -19.71 -19.32 1.35
N LEU B 36 -18.51 -19.64 1.84
CA LEU B 36 -18.33 -20.70 2.82
C LEU B 36 -18.97 -20.31 4.16
N LEU B 37 -18.65 -19.10 4.62
CA LEU B 37 -19.21 -18.57 5.87
C LEU B 37 -20.16 -17.41 5.59
N VAL B 38 -21.21 -17.67 4.82
CA VAL B 38 -22.19 -16.63 4.47
C VAL B 38 -22.65 -15.87 5.71
N ARG B 39 -23.01 -14.59 5.53
CA ARG B 39 -23.44 -13.71 6.61
C ARG B 39 -24.53 -14.34 7.47
N VAL B 40 -24.11 -15.16 8.44
CA VAL B 40 -25.02 -15.84 9.36
C VAL B 40 -24.33 -16.09 10.70
N MET B 41 -23.92 -15.02 11.37
CA MET B 41 -23.23 -15.13 12.66
C MET B 41 -24.20 -14.90 13.82
N GLY A 1 5.39 29.10 -7.87
CA GLY A 1 6.29 29.03 -6.68
C GLY A 1 6.84 27.64 -6.45
N SER A 2 6.19 26.89 -5.56
CA SER A 2 6.62 25.53 -5.24
C SER A 2 5.65 24.48 -5.79
N LEU A 3 4.49 24.92 -6.29
CA LEU A 3 3.51 23.98 -6.86
C LEU A 3 3.94 23.63 -8.28
N THR A 4 5.12 23.01 -8.39
CA THR A 4 5.68 22.62 -9.68
C THR A 4 6.47 21.32 -9.55
N TYR A 5 7.37 21.07 -10.50
CA TYR A 5 8.18 19.85 -10.53
C TYR A 5 8.80 19.47 -9.18
N GLU A 6 9.22 20.46 -8.38
CA GLU A 6 9.82 20.17 -7.08
C GLU A 6 8.78 19.70 -6.07
N GLU A 7 7.50 19.92 -6.38
CA GLU A 7 6.41 19.52 -5.49
C GLU A 7 6.09 18.04 -5.66
N VAL A 8 5.95 17.60 -6.92
CA VAL A 8 5.64 16.21 -7.22
C VAL A 8 6.79 15.28 -6.82
N LEU A 9 8.04 15.77 -6.96
CA LEU A 9 9.22 14.98 -6.60
C LEU A 9 9.10 14.44 -5.18
N GLN A 10 8.86 15.33 -4.22
CA GLN A 10 8.72 14.94 -2.81
C GLN A 10 7.47 14.07 -2.59
N GLU A 11 6.51 14.15 -3.53
CA GLU A 11 5.28 13.36 -3.41
C GLU A 11 5.57 11.88 -3.64
N LEU A 12 6.14 11.55 -4.80
CA LEU A 12 6.47 10.16 -5.16
C LEU A 12 7.22 9.43 -4.05
N VAL A 13 8.26 10.05 -3.49
CA VAL A 13 9.04 9.41 -2.43
C VAL A 13 8.13 8.96 -1.28
N LYS A 14 7.37 9.90 -0.69
CA LYS A 14 6.46 9.57 0.41
C LYS A 14 5.57 8.37 0.09
N HIS A 15 5.16 8.26 -1.17
CA HIS A 15 4.31 7.14 -1.61
C HIS A 15 5.07 5.82 -1.57
N LYS A 16 6.34 5.87 -1.99
CA LYS A 16 7.18 4.68 -2.01
C LYS A 16 7.60 4.28 -0.60
N GLU A 17 7.96 5.27 0.22
CA GLU A 17 8.37 5.04 1.60
C GLU A 17 7.19 4.59 2.47
N LEU A 18 5.99 5.10 2.16
CA LEU A 18 4.79 4.73 2.91
C LEU A 18 4.42 3.28 2.65
N LEU A 19 4.53 2.86 1.38
CA LEU A 19 4.23 1.49 0.99
C LEU A 19 5.24 0.53 1.61
N ARG A 20 6.49 0.98 1.71
CA ARG A 20 7.56 0.17 2.30
C ARG A 20 7.25 -0.14 3.76
N ARG A 21 7.11 0.91 4.59
CA ARG A 21 6.82 0.75 6.01
C ARG A 21 5.61 -0.17 6.23
N LYS A 22 4.58 -0.02 5.38
CA LYS A 22 3.37 -0.84 5.48
C LYS A 22 3.72 -2.31 5.71
N ASP A 23 4.70 -2.80 4.96
CA ASP A 23 5.16 -4.19 5.10
C ASP A 23 5.98 -4.34 6.37
N THR A 24 7.04 -3.53 6.47
CA THR A 24 7.93 -3.55 7.64
C THR A 24 7.14 -3.55 8.96
N HIS A 25 6.02 -2.84 8.99
CA HIS A 25 5.18 -2.76 10.19
C HIS A 25 4.43 -4.07 10.43
N ILE A 26 3.78 -4.61 9.39
CA ILE A 26 3.07 -5.87 9.53
C ILE A 26 4.05 -7.03 9.70
N ARG A 27 5.34 -6.77 9.38
CA ARG A 27 6.39 -7.77 9.51
C ARG A 27 6.98 -7.74 10.94
N GLU A 28 7.19 -6.54 11.48
CA GLU A 28 7.74 -6.39 12.83
C GLU A 28 6.71 -6.86 13.85
N LEU A 29 5.43 -6.51 13.63
CA LEU A 29 4.35 -6.92 14.52
C LEU A 29 4.09 -8.43 14.41
N GLU A 30 4.73 -9.09 13.44
CA GLU A 30 4.59 -10.52 13.25
C GLU A 30 5.42 -11.26 14.30
N ASP A 31 6.51 -10.64 14.76
CA ASP A 31 7.37 -11.22 15.78
C ASP A 31 6.76 -10.99 17.18
N TYR A 32 5.89 -9.97 17.26
CA TYR A 32 5.21 -9.65 18.51
C TYR A 32 4.12 -10.70 18.79
N ILE A 33 3.42 -11.11 17.73
CA ILE A 33 2.39 -12.13 17.84
C ILE A 33 3.01 -13.54 17.85
N ASP A 34 4.30 -13.63 17.47
CA ASP A 34 5.01 -14.90 17.44
C ASP A 34 5.26 -15.41 18.85
N ASN A 35 5.50 -14.48 19.79
CA ASN A 35 5.76 -14.82 21.20
C ASN A 35 4.78 -15.88 21.69
N LEU A 36 3.52 -15.80 21.23
CA LEU A 36 2.50 -16.77 21.62
C LEU A 36 2.84 -18.15 21.03
N LEU A 37 3.20 -18.17 19.74
CA LEU A 37 3.57 -19.40 19.06
C LEU A 37 5.01 -19.34 18.55
N VAL A 38 5.95 -19.14 19.49
CA VAL A 38 7.38 -19.06 19.18
C VAL A 38 8.21 -19.40 20.43
N ARG A 39 9.53 -19.33 20.33
CA ARG A 39 10.41 -19.63 21.47
C ARG A 39 10.37 -18.48 22.48
N VAL A 40 9.75 -18.73 23.64
CA VAL A 40 9.64 -17.72 24.68
C VAL A 40 10.89 -17.68 25.56
N MET A 41 11.13 -16.52 26.18
CA MET A 41 12.30 -16.34 27.05
C MET A 41 11.89 -15.69 28.37
N GLY B 1 13.30 12.63 -24.14
CA GLY B 1 12.10 13.11 -24.88
C GLY B 1 11.04 13.72 -23.98
N SER B 2 10.46 12.88 -23.11
CA SER B 2 9.42 13.33 -22.18
C SER B 2 9.76 12.91 -20.75
N LEU B 3 11.05 12.86 -20.43
CA LEU B 3 11.50 12.52 -19.08
C LEU B 3 11.57 13.79 -18.24
N THR B 4 10.45 14.50 -18.18
CA THR B 4 10.34 15.75 -17.45
C THR B 4 9.05 15.77 -16.62
N TYR B 5 8.60 16.98 -16.24
CA TYR B 5 7.40 17.15 -15.43
C TYR B 5 6.19 16.31 -15.91
N GLU B 6 6.03 16.13 -17.21
CA GLU B 6 4.91 15.35 -17.73
C GLU B 6 5.11 13.85 -17.51
N GLU B 7 6.35 13.45 -17.17
CA GLU B 7 6.66 12.06 -16.90
C GLU B 7 6.26 11.66 -15.48
N VAL B 8 6.65 12.50 -14.51
CA VAL B 8 6.34 12.24 -13.11
C VAL B 8 4.84 12.33 -12.84
N LEU B 9 4.15 13.23 -13.55
CA LEU B 9 2.70 13.41 -13.39
C LEU B 9 1.98 12.06 -13.54
N GLN B 10 2.23 11.37 -14.66
CA GLN B 10 1.60 10.07 -14.91
C GLN B 10 2.08 9.02 -13.91
N GLU B 11 3.23 9.25 -13.28
CA GLU B 11 3.77 8.30 -12.30
C GLU B 11 2.91 8.29 -11.03
N LEU B 12 2.76 9.47 -10.40
CA LEU B 12 1.99 9.60 -9.17
C LEU B 12 0.61 8.94 -9.27
N VAL B 13 -0.13 9.21 -10.34
CA VAL B 13 -1.46 8.63 -10.50
C VAL B 13 -1.41 7.10 -10.38
N LYS B 14 -0.60 6.44 -11.21
CA LYS B 14 -0.48 4.98 -11.16
C LYS B 14 -0.23 4.47 -9.75
N HIS B 15 0.53 5.23 -8.95
CA HIS B 15 0.85 4.85 -7.58
C HIS B 15 -0.40 4.93 -6.70
N LYS B 16 -1.21 5.96 -6.92
CA LYS B 16 -2.44 6.15 -6.15
C LYS B 16 -3.52 5.14 -6.59
N GLU B 17 -3.64 4.92 -7.90
CA GLU B 17 -4.62 3.98 -8.43
C GLU B 17 -4.24 2.54 -8.10
N LEU B 18 -2.94 2.25 -8.04
CA LEU B 18 -2.47 0.90 -7.71
C LEU B 18 -2.76 0.58 -6.26
N LEU B 19 -2.56 1.55 -5.37
CA LEU B 19 -2.83 1.37 -3.94
C LEU B 19 -4.33 1.20 -3.71
N ARG B 20 -5.14 1.91 -4.51
CA ARG B 20 -6.59 1.83 -4.40
C ARG B 20 -7.07 0.40 -4.70
N ARG B 21 -6.78 -0.08 -5.92
CA ARG B 21 -7.18 -1.42 -6.33
C ARG B 21 -6.76 -2.48 -5.30
N LYS B 22 -5.54 -2.32 -4.74
CA LYS B 22 -5.03 -3.26 -3.75
C LYS B 22 -6.09 -3.60 -2.70
N ASP B 23 -6.81 -2.58 -2.24
CA ASP B 23 -7.89 -2.77 -1.27
C ASP B 23 -9.11 -3.37 -1.95
N THR B 24 -9.59 -2.69 -2.99
CA THR B 24 -10.76 -3.15 -3.76
C THR B 24 -10.66 -4.64 -4.13
N HIS B 25 -9.44 -5.11 -4.41
CA HIS B 25 -9.22 -6.51 -4.76
C HIS B 25 -9.35 -7.42 -3.55
N ILE B 26 -8.69 -7.07 -2.44
CA ILE B 26 -8.79 -7.87 -1.22
C ILE B 26 -10.19 -7.74 -0.60
N ARG B 27 -10.96 -6.73 -1.06
CA ARG B 27 -12.31 -6.51 -0.59
C ARG B 27 -13.32 -7.31 -1.42
N GLU B 28 -13.11 -7.34 -2.75
CA GLU B 28 -14.00 -8.10 -3.63
C GLU B 28 -13.82 -9.60 -3.40
N LEU B 29 -12.56 -10.03 -3.22
CA LEU B 29 -12.26 -11.43 -2.95
C LEU B 29 -12.73 -11.85 -1.55
N GLU B 30 -13.18 -10.86 -0.76
CA GLU B 30 -13.68 -11.13 0.58
C GLU B 30 -15.10 -11.70 0.50
N ASP B 31 -15.83 -11.32 -0.55
CA ASP B 31 -17.19 -11.82 -0.78
C ASP B 31 -17.14 -13.22 -1.42
N TYR B 32 -16.00 -13.52 -2.06
CA TYR B 32 -15.79 -14.82 -2.69
C TYR B 32 -15.57 -15.89 -1.62
N ILE B 33 -14.80 -15.51 -0.58
CA ILE B 33 -14.52 -16.40 0.54
C ILE B 33 -15.68 -16.39 1.54
N ASP B 34 -16.59 -15.42 1.40
CA ASP B 34 -17.76 -15.31 2.28
C ASP B 34 -18.75 -16.43 1.99
N ASN B 35 -18.84 -16.83 0.72
CA ASN B 35 -19.76 -17.90 0.30
C ASN B 35 -19.71 -19.08 1.27
N LEU B 36 -18.50 -19.39 1.77
CA LEU B 36 -18.33 -20.48 2.72
C LEU B 36 -19.01 -20.16 4.04
N LEU B 37 -18.80 -18.93 4.53
CA LEU B 37 -19.42 -18.47 5.77
C LEU B 37 -20.31 -17.25 5.52
N VAL B 38 -21.33 -17.44 4.67
CA VAL B 38 -22.26 -16.36 4.31
C VAL B 38 -22.79 -15.66 5.56
N ARG B 39 -23.28 -14.43 5.37
CA ARG B 39 -23.81 -13.60 6.47
C ARG B 39 -24.81 -14.37 7.35
N VAL B 40 -24.27 -15.13 8.30
CA VAL B 40 -25.08 -15.92 9.23
C VAL B 40 -24.32 -16.12 10.55
N MET B 41 -24.23 -15.06 11.35
CA MET B 41 -23.51 -15.11 12.62
C MET B 41 -24.44 -14.70 13.77
N GLY A 1 5.13 28.60 -7.61
CA GLY A 1 6.26 28.63 -6.64
C GLY A 1 6.81 27.24 -6.35
N SER A 2 6.34 26.64 -5.26
CA SER A 2 6.78 25.30 -4.87
C SER A 2 5.82 24.23 -5.36
N LEU A 3 4.54 24.58 -5.52
CA LEU A 3 3.53 23.63 -6.01
C LEU A 3 3.75 23.41 -7.50
N THR A 4 4.86 22.75 -7.82
CA THR A 4 5.25 22.48 -9.19
C THR A 4 6.15 21.23 -9.25
N TYR A 5 6.93 21.11 -10.33
CA TYR A 5 7.84 19.97 -10.52
C TYR A 5 8.49 19.51 -9.20
N GLU A 6 9.17 20.43 -8.53
CA GLU A 6 9.85 20.12 -7.26
C GLU A 6 8.90 19.49 -6.22
N GLU A 7 7.60 19.82 -6.33
CA GLU A 7 6.60 19.29 -5.41
C GLU A 7 6.22 17.86 -5.78
N VAL A 8 5.83 17.65 -7.04
CA VAL A 8 5.44 16.33 -7.52
C VAL A 8 6.55 15.29 -7.30
N LEU A 9 7.81 15.73 -7.31
CA LEU A 9 8.94 14.84 -7.08
C LEU A 9 8.84 14.21 -5.70
N GLN A 10 8.83 15.06 -4.67
CA GLN A 10 8.73 14.60 -3.28
C GLN A 10 7.52 13.67 -3.10
N GLU A 11 6.42 13.99 -3.77
CA GLU A 11 5.20 13.18 -3.68
C GLU A 11 5.46 11.70 -3.98
N LEU A 12 6.46 11.42 -4.81
CA LEU A 12 6.82 10.05 -5.14
C LEU A 12 7.44 9.39 -3.91
N VAL A 13 8.60 9.91 -3.47
CA VAL A 13 9.31 9.35 -2.32
C VAL A 13 8.38 9.11 -1.13
N LYS A 14 7.34 9.95 -1.04
CA LYS A 14 6.34 9.82 0.03
C LYS A 14 5.64 8.47 -0.07
N HIS A 15 4.97 8.25 -1.21
CA HIS A 15 4.27 6.99 -1.45
C HIS A 15 5.24 5.80 -1.42
N LYS A 16 6.40 5.99 -2.05
CA LYS A 16 7.43 4.95 -2.10
C LYS A 16 7.73 4.44 -0.68
N GLU A 17 8.20 5.34 0.18
CA GLU A 17 8.51 4.98 1.57
C GLU A 17 7.27 4.49 2.31
N LEU A 18 6.10 5.02 1.97
CA LEU A 18 4.85 4.63 2.60
C LEU A 18 4.55 3.14 2.35
N LEU A 19 4.96 2.65 1.17
CA LEU A 19 4.74 1.24 0.81
C LEU A 19 5.72 0.33 1.55
N ARG A 20 6.88 0.90 1.94
CA ARG A 20 7.89 0.15 2.68
C ARG A 20 7.48 0.01 4.13
N ARG A 21 7.20 1.14 4.78
CA ARG A 21 6.78 1.16 6.20
C ARG A 21 5.59 0.22 6.41
N LYS A 22 4.54 0.38 5.60
CA LYS A 22 3.33 -0.44 5.70
C LYS A 22 3.66 -1.94 5.80
N ASP A 23 4.67 -2.38 5.03
CA ASP A 23 5.08 -3.79 5.04
C ASP A 23 5.96 -4.08 6.26
N THR A 24 6.84 -3.14 6.60
CA THR A 24 7.73 -3.29 7.75
C THR A 24 6.94 -3.36 9.04
N HIS A 25 5.78 -2.69 9.08
CA HIS A 25 4.92 -2.68 10.27
C HIS A 25 4.32 -4.07 10.51
N ILE A 26 3.60 -4.58 9.51
CA ILE A 26 2.99 -5.92 9.61
C ILE A 26 4.07 -6.99 9.78
N ARG A 27 5.24 -6.74 9.18
CA ARG A 27 6.37 -7.66 9.27
C ARG A 27 6.93 -7.67 10.69
N GLU A 28 6.97 -6.49 11.32
CA GLU A 28 7.47 -6.34 12.68
C GLU A 28 6.44 -6.89 13.69
N LEU A 29 5.17 -6.61 13.44
CA LEU A 29 4.07 -7.07 14.31
C LEU A 29 4.02 -8.60 14.39
N GLU A 30 4.50 -9.27 13.33
CA GLU A 30 4.50 -10.73 13.29
C GLU A 30 5.50 -11.31 14.29
N ASP A 31 6.60 -10.59 14.54
CA ASP A 31 7.62 -11.03 15.48
C ASP A 31 7.07 -11.04 16.90
N TYR A 32 6.47 -9.93 17.32
CA TYR A 32 5.88 -9.80 18.66
C TYR A 32 4.72 -10.77 18.83
N ILE A 33 3.95 -10.98 17.75
CA ILE A 33 2.82 -11.90 17.78
C ILE A 33 3.27 -13.36 17.88
N ASP A 34 4.47 -13.66 17.35
CA ASP A 34 4.99 -15.02 17.39
C ASP A 34 5.20 -15.53 18.82
N ASN A 35 5.52 -14.62 19.74
CA ASN A 35 5.76 -14.97 21.14
C ASN A 35 4.76 -16.03 21.64
N LEU A 36 3.49 -15.87 21.26
CA LEU A 36 2.45 -16.82 21.64
C LEU A 36 2.76 -18.20 21.07
N LEU A 37 3.08 -18.22 19.76
CA LEU A 37 3.41 -19.46 19.07
C LEU A 37 4.87 -19.42 18.59
N VAL A 38 5.78 -19.28 19.56
CA VAL A 38 7.22 -19.24 19.30
C VAL A 38 8.00 -19.30 20.63
N ARG A 39 9.29 -19.65 20.56
CA ARG A 39 10.12 -19.74 21.77
C ARG A 39 9.99 -18.49 22.63
N VAL A 40 9.66 -18.69 23.91
CA VAL A 40 9.51 -17.58 24.85
C VAL A 40 10.74 -17.47 25.76
N MET A 41 11.22 -16.24 25.95
CA MET A 41 12.39 -15.99 26.80
C MET A 41 11.98 -15.31 28.09
N GLY B 1 13.30 12.56 -23.98
CA GLY B 1 12.05 12.88 -24.71
C GLY B 1 10.96 13.45 -23.80
N SER B 2 10.28 12.56 -23.08
CA SER B 2 9.21 12.97 -22.17
C SER B 2 9.55 12.59 -20.72
N LEU B 3 10.81 12.26 -20.45
CA LEU B 3 11.24 11.92 -19.09
C LEU B 3 11.45 13.22 -18.31
N THR B 4 10.35 13.93 -18.05
CA THR B 4 10.38 15.21 -17.35
C THR B 4 9.09 15.43 -16.56
N TYR B 5 8.80 16.69 -16.24
CA TYR B 5 7.60 17.07 -15.46
C TYR B 5 6.38 16.23 -15.86
N GLU B 6 6.02 16.27 -17.14
CA GLU B 6 4.85 15.53 -17.66
C GLU B 6 4.91 14.04 -17.30
N GLU B 7 6.12 13.51 -17.15
CA GLU B 7 6.32 12.09 -16.80
C GLU B 7 6.06 11.85 -15.32
N VAL B 8 6.74 12.62 -14.46
CA VAL B 8 6.59 12.48 -13.01
C VAL B 8 5.13 12.65 -12.57
N LEU B 9 4.36 13.44 -13.33
CA LEU B 9 2.94 13.65 -13.01
C LEU B 9 2.20 12.31 -13.07
N GLN B 10 2.22 11.67 -14.25
CA GLN B 10 1.56 10.39 -14.45
C GLN B 10 1.98 9.38 -13.39
N GLU B 11 3.26 9.41 -13.02
CA GLU B 11 3.81 8.49 -12.01
C GLU B 11 2.99 8.51 -10.72
N LEU B 12 2.36 9.65 -10.41
CA LEU B 12 1.55 9.79 -9.20
C LEU B 12 0.21 9.04 -9.32
N VAL B 13 -0.57 9.38 -10.36
CA VAL B 13 -1.83 8.70 -10.63
C VAL B 13 -1.64 7.17 -10.68
N LYS B 14 -0.46 6.73 -11.11
CA LYS B 14 -0.14 5.31 -11.19
C LYS B 14 -0.19 4.69 -9.79
N HIS B 15 0.65 5.20 -8.88
CA HIS B 15 0.70 4.71 -7.50
C HIS B 15 -0.66 4.93 -6.82
N LYS B 16 -1.25 6.11 -7.05
CA LYS B 16 -2.54 6.45 -6.46
C LYS B 16 -3.55 5.34 -6.75
N GLU B 17 -3.82 5.10 -8.04
CA GLU B 17 -4.77 4.07 -8.46
C GLU B 17 -4.32 2.68 -7.99
N LEU B 18 -3.00 2.46 -7.94
CA LEU B 18 -2.44 1.18 -7.51
C LEU B 18 -2.82 0.87 -6.05
N LEU B 19 -2.95 1.92 -5.23
CA LEU B 19 -3.32 1.78 -3.83
C LEU B 19 -4.82 1.48 -3.70
N ARG B 20 -5.60 1.92 -4.68
CA ARG B 20 -7.04 1.68 -4.69
C ARG B 20 -7.33 0.24 -5.10
N ARG B 21 -6.82 -0.16 -6.26
CA ARG B 21 -7.01 -1.52 -6.77
C ARG B 21 -6.62 -2.56 -5.73
N LYS B 22 -5.40 -2.43 -5.18
CA LYS B 22 -4.88 -3.35 -4.17
C LYS B 22 -5.90 -3.60 -3.05
N ASP B 23 -6.62 -2.55 -2.64
CA ASP B 23 -7.63 -2.68 -1.59
C ASP B 23 -8.92 -3.26 -2.15
N THR B 24 -9.29 -2.84 -3.36
CA THR B 24 -10.50 -3.33 -4.01
C THR B 24 -10.41 -4.82 -4.30
N HIS B 25 -9.19 -5.31 -4.53
CA HIS B 25 -8.95 -6.73 -4.81
C HIS B 25 -9.24 -7.58 -3.57
N ILE B 26 -8.55 -7.28 -2.46
CA ILE B 26 -8.75 -8.01 -1.21
C ILE B 26 -10.19 -7.81 -0.70
N ARG B 27 -10.76 -6.65 -1.00
CA ARG B 27 -12.13 -6.33 -0.61
C ARG B 27 -13.11 -7.19 -1.40
N GLU B 28 -12.81 -7.39 -2.69
CA GLU B 28 -13.64 -8.20 -3.57
C GLU B 28 -13.50 -9.69 -3.25
N LEU B 29 -12.25 -10.10 -2.99
CA LEU B 29 -11.94 -11.49 -2.66
C LEU B 29 -12.65 -11.95 -1.39
N GLU B 30 -12.97 -11.00 -0.50
CA GLU B 30 -13.67 -11.32 0.75
C GLU B 30 -15.11 -11.74 0.49
N ASP B 31 -15.73 -11.17 -0.56
CA ASP B 31 -17.11 -11.50 -0.92
C ASP B 31 -17.21 -12.95 -1.37
N TYR B 32 -16.35 -13.33 -2.33
CA TYR B 32 -16.34 -14.70 -2.85
C TYR B 32 -15.96 -15.69 -1.75
N ILE B 33 -15.05 -15.29 -0.87
CA ILE B 33 -14.60 -16.14 0.23
C ILE B 33 -15.71 -16.32 1.28
N ASP B 34 -16.60 -15.33 1.40
CA ASP B 34 -17.69 -15.40 2.38
C ASP B 34 -18.64 -16.56 2.10
N ASN B 35 -18.80 -16.92 0.82
CA ASN B 35 -19.69 -18.02 0.43
C ASN B 35 -19.60 -19.19 1.39
N LEU B 36 -18.37 -19.53 1.81
CA LEU B 36 -18.17 -20.64 2.76
C LEU B 36 -18.86 -20.33 4.08
N LEU B 37 -18.62 -19.12 4.59
CA LEU B 37 -19.23 -18.67 5.84
C LEU B 37 -20.17 -17.48 5.59
N VAL B 38 -21.21 -17.70 4.75
CA VAL B 38 -22.16 -16.63 4.42
C VAL B 38 -22.61 -15.91 5.68
N ARG B 39 -22.12 -14.67 5.83
CA ARG B 39 -22.36 -13.85 7.03
C ARG B 39 -23.83 -13.86 7.46
N VAL B 40 -24.16 -14.87 8.26
CA VAL B 40 -25.51 -15.05 8.81
C VAL B 40 -25.39 -15.55 10.27
N MET B 41 -24.74 -14.74 11.11
CA MET B 41 -24.53 -15.08 12.51
C MET B 41 -25.35 -14.18 13.43
N GLY A 1 5.48 29.16 -7.43
CA GLY A 1 6.24 29.01 -6.16
C GLY A 1 6.79 27.61 -5.97
N SER A 2 6.17 26.85 -5.06
CA SER A 2 6.59 25.48 -4.78
C SER A 2 5.72 24.46 -5.51
N LEU A 3 4.53 24.87 -5.95
CA LEU A 3 3.64 23.98 -6.70
C LEU A 3 4.22 23.76 -8.09
N THR A 4 5.33 23.01 -8.14
CA THR A 4 6.03 22.71 -9.37
C THR A 4 6.85 21.42 -9.20
N TYR A 5 7.84 21.21 -10.07
CA TYR A 5 8.68 20.00 -10.04
C TYR A 5 9.05 19.53 -8.63
N GLU A 6 9.44 20.45 -7.76
CA GLU A 6 9.85 20.08 -6.39
C GLU A 6 8.66 19.62 -5.54
N GLU A 7 7.44 19.94 -5.95
CA GLU A 7 6.24 19.54 -5.22
C GLU A 7 5.90 18.08 -5.48
N VAL A 8 5.90 17.67 -6.75
CA VAL A 8 5.58 16.28 -7.11
C VAL A 8 6.69 15.32 -6.68
N LEU A 9 7.94 15.78 -6.77
CA LEU A 9 9.09 14.95 -6.39
C LEU A 9 8.91 14.37 -4.99
N GLN A 10 8.68 15.26 -4.01
CA GLN A 10 8.50 14.84 -2.61
C GLN A 10 7.29 13.93 -2.43
N GLU A 11 6.33 14.00 -3.37
CA GLU A 11 5.13 13.16 -3.32
C GLU A 11 5.45 11.74 -3.76
N LEU A 12 6.42 11.60 -4.68
CA LEU A 12 6.83 10.29 -5.18
C LEU A 12 7.64 9.56 -4.11
N VAL A 13 8.64 10.26 -3.55
CA VAL A 13 9.48 9.69 -2.49
C VAL A 13 8.71 9.51 -1.17
N LYS A 14 7.50 10.10 -1.11
CA LYS A 14 6.66 9.98 0.08
C LYS A 14 5.83 8.70 0.00
N HIS A 15 5.16 8.51 -1.15
CA HIS A 15 4.35 7.33 -1.37
C HIS A 15 5.19 6.07 -1.19
N LYS A 16 6.21 5.90 -2.05
CA LYS A 16 7.09 4.74 -2.01
C LYS A 16 7.52 4.38 -0.58
N GLU A 17 7.92 5.37 0.22
CA GLU A 17 8.35 5.12 1.59
C GLU A 17 7.17 4.69 2.47
N LEU A 18 5.99 5.27 2.21
CA LEU A 18 4.79 4.93 2.96
C LEU A 18 4.43 3.47 2.73
N LEU A 19 4.58 3.02 1.48
CA LEU A 19 4.30 1.63 1.13
C LEU A 19 5.33 0.69 1.75
N ARG A 20 6.58 1.17 1.85
CA ARG A 20 7.65 0.38 2.45
C ARG A 20 7.36 0.10 3.92
N ARG A 21 7.24 1.15 4.74
CA ARG A 21 6.96 0.98 6.16
C ARG A 21 5.76 0.07 6.40
N LYS A 22 4.71 0.24 5.59
CA LYS A 22 3.50 -0.58 5.71
C LYS A 22 3.88 -2.06 5.88
N ASP A 23 4.80 -2.52 5.03
CA ASP A 23 5.27 -3.90 5.08
C ASP A 23 6.11 -4.12 6.34
N THR A 24 7.20 -3.36 6.45
CA THR A 24 8.12 -3.45 7.59
C THR A 24 7.34 -3.48 8.93
N HIS A 25 6.26 -2.69 9.01
CA HIS A 25 5.46 -2.62 10.24
C HIS A 25 4.68 -3.90 10.49
N ILE A 26 4.08 -4.49 9.45
CA ILE A 26 3.34 -5.74 9.63
C ILE A 26 4.33 -6.84 10.01
N ARG A 27 5.46 -6.89 9.30
CA ARG A 27 6.51 -7.88 9.56
C ARG A 27 7.04 -7.79 10.99
N GLU A 28 7.33 -6.56 11.46
CA GLU A 28 7.83 -6.39 12.83
C GLU A 28 6.76 -6.81 13.84
N LEU A 29 5.52 -6.34 13.64
CA LEU A 29 4.42 -6.69 14.53
C LEU A 29 4.08 -8.20 14.46
N GLU A 30 4.68 -8.90 13.50
CA GLU A 30 4.46 -10.33 13.34
C GLU A 30 5.31 -11.12 14.34
N ASP A 31 6.44 -10.52 14.76
CA ASP A 31 7.33 -11.14 15.75
C ASP A 31 6.78 -10.95 17.17
N TYR A 32 5.90 -9.96 17.32
CA TYR A 32 5.28 -9.67 18.61
C TYR A 32 4.19 -10.69 18.90
N ILE A 33 3.45 -11.08 17.85
CA ILE A 33 2.39 -12.07 17.97
C ILE A 33 2.97 -13.49 17.95
N ASP A 34 4.24 -13.61 17.53
CA ASP A 34 4.90 -14.91 17.47
C ASP A 34 5.19 -15.45 18.87
N ASN A 35 5.41 -14.54 19.83
CA ASN A 35 5.69 -14.92 21.22
C ASN A 35 4.69 -15.97 21.70
N LEU A 36 3.44 -15.84 21.28
CA LEU A 36 2.39 -16.80 21.65
C LEU A 36 2.69 -18.16 21.04
N LEU A 37 3.08 -18.16 19.75
CA LEU A 37 3.41 -19.39 19.04
C LEU A 37 4.87 -19.37 18.55
N VAL A 38 5.79 -19.23 19.51
CA VAL A 38 7.24 -19.21 19.24
C VAL A 38 8.01 -19.60 20.50
N ARG A 39 9.34 -19.61 20.42
CA ARG A 39 10.18 -19.95 21.58
C ARG A 39 10.34 -18.74 22.49
N VAL A 40 9.58 -18.70 23.58
CA VAL A 40 9.63 -17.60 24.54
C VAL A 40 10.87 -17.68 25.42
N MET A 41 11.31 -16.53 25.93
CA MET A 41 12.48 -16.46 26.79
C MET A 41 12.12 -15.88 28.17
N GLY B 1 13.55 12.87 -24.07
CA GLY B 1 12.25 12.92 -24.78
C GLY B 1 11.13 13.46 -23.90
N SER B 2 10.41 12.57 -23.25
CA SER B 2 9.31 12.94 -22.36
C SER B 2 9.65 12.74 -20.89
N LEU B 3 10.95 12.59 -20.60
CA LEU B 3 11.40 12.43 -19.22
C LEU B 3 11.41 13.79 -18.55
N THR B 4 10.21 14.33 -18.33
CA THR B 4 10.03 15.64 -17.73
C THR B 4 8.70 15.65 -16.97
N TYR B 5 8.15 16.84 -16.72
CA TYR B 5 6.89 17.00 -15.97
C TYR B 5 5.83 15.95 -16.32
N GLU B 6 5.64 15.67 -17.61
CA GLU B 6 4.62 14.68 -18.04
C GLU B 6 4.99 13.24 -17.65
N GLU B 7 6.28 13.01 -17.36
CA GLU B 7 6.74 11.67 -16.98
C GLU B 7 6.39 11.35 -15.52
N VAL B 8 6.67 12.29 -14.62
CA VAL B 8 6.39 12.10 -13.20
C VAL B 8 4.88 12.12 -12.92
N LEU B 9 4.15 12.97 -13.65
CA LEU B 9 2.70 13.09 -13.48
C LEU B 9 2.03 11.73 -13.56
N GLN B 10 2.26 11.02 -14.68
CA GLN B 10 1.67 9.69 -14.89
C GLN B 10 2.11 8.68 -13.82
N GLU B 11 3.25 8.95 -13.17
CA GLU B 11 3.76 8.07 -12.12
C GLU B 11 2.98 8.27 -10.82
N LEU B 12 2.51 9.50 -10.60
CA LEU B 12 1.72 9.83 -9.40
C LEU B 12 0.33 9.22 -9.51
N VAL B 13 -0.33 9.46 -10.65
CA VAL B 13 -1.67 8.94 -10.91
C VAL B 13 -1.64 7.41 -11.11
N LYS B 14 -0.44 6.84 -11.26
CA LYS B 14 -0.28 5.39 -11.43
C LYS B 14 -0.23 4.73 -10.06
N HIS B 15 0.63 5.25 -9.19
CA HIS B 15 0.78 4.72 -7.83
C HIS B 15 -0.57 4.74 -7.11
N LYS B 16 -1.11 5.94 -6.91
CA LYS B 16 -2.40 6.12 -6.22
C LYS B 16 -3.46 5.11 -6.68
N GLU B 17 -3.59 4.91 -8.00
CA GLU B 17 -4.57 3.96 -8.52
C GLU B 17 -4.18 2.51 -8.19
N LEU B 18 -2.89 2.23 -8.21
CA LEU B 18 -2.39 0.89 -7.88
C LEU B 18 -2.74 0.54 -6.44
N LEU B 19 -2.60 1.53 -5.55
CA LEU B 19 -2.92 1.36 -4.13
C LEU B 19 -4.43 1.20 -3.94
N ARG B 20 -5.21 1.88 -4.78
CA ARG B 20 -6.67 1.81 -4.71
C ARG B 20 -7.15 0.39 -5.02
N ARG B 21 -6.85 -0.10 -6.24
CA ARG B 21 -7.26 -1.45 -6.65
C ARG B 21 -6.85 -2.49 -5.62
N LYS B 22 -5.63 -2.36 -5.07
CA LYS B 22 -5.14 -3.30 -4.07
C LYS B 22 -6.21 -3.58 -3.01
N ASP B 23 -6.84 -2.51 -2.53
CA ASP B 23 -7.91 -2.61 -1.54
C ASP B 23 -9.16 -3.23 -2.17
N THR B 24 -9.68 -2.54 -3.19
CA THR B 24 -10.87 -3.01 -3.92
C THR B 24 -10.80 -4.50 -4.26
N HIS B 25 -9.60 -4.98 -4.61
CA HIS B 25 -9.39 -6.38 -4.97
C HIS B 25 -9.50 -7.30 -3.75
N ILE B 26 -8.93 -6.92 -2.61
CA ILE B 26 -9.04 -7.75 -1.42
C ILE B 26 -10.49 -7.79 -0.97
N ARG B 27 -11.14 -6.61 -0.96
CA ARG B 27 -12.53 -6.49 -0.56
C ARG B 27 -13.44 -7.35 -1.44
N GLU B 28 -13.26 -7.29 -2.76
CA GLU B 28 -14.08 -8.08 -3.69
C GLU B 28 -13.84 -9.57 -3.45
N LEU B 29 -12.56 -9.97 -3.36
CA LEU B 29 -12.21 -11.37 -3.12
C LEU B 29 -12.65 -11.84 -1.73
N GLU B 30 -13.10 -10.89 -0.89
CA GLU B 30 -13.58 -11.22 0.46
C GLU B 30 -15.01 -11.74 0.41
N ASP B 31 -15.75 -11.35 -0.63
CA ASP B 31 -17.13 -11.81 -0.82
C ASP B 31 -17.15 -13.21 -1.45
N TYR B 32 -16.03 -13.58 -2.09
CA TYR B 32 -15.90 -14.90 -2.70
C TYR B 32 -15.65 -15.96 -1.62
N ILE B 33 -14.86 -15.59 -0.61
CA ILE B 33 -14.56 -16.49 0.49
C ILE B 33 -15.70 -16.48 1.53
N ASP B 34 -16.59 -15.50 1.43
CA ASP B 34 -17.73 -15.38 2.33
C ASP B 34 -18.76 -16.49 2.07
N ASN B 35 -18.84 -16.93 0.82
CA ASN B 35 -19.77 -18.00 0.43
C ASN B 35 -19.71 -19.17 1.41
N LEU B 36 -18.50 -19.48 1.87
CA LEU B 36 -18.28 -20.56 2.83
C LEU B 36 -18.95 -20.21 4.17
N LEU B 37 -18.77 -18.97 4.61
CA LEU B 37 -19.35 -18.48 5.86
C LEU B 37 -20.28 -17.29 5.62
N VAL B 38 -21.31 -17.52 4.79
CA VAL B 38 -22.28 -16.46 4.46
C VAL B 38 -22.77 -15.75 5.72
N ARG B 39 -23.18 -14.49 5.57
CA ARG B 39 -23.66 -13.66 6.70
C ARG B 39 -24.73 -14.38 7.53
N VAL B 40 -24.27 -15.20 8.48
CA VAL B 40 -25.16 -15.96 9.36
C VAL B 40 -24.44 -16.26 10.69
N MET B 41 -24.17 -15.21 11.46
CA MET B 41 -23.49 -15.35 12.74
C MET B 41 -24.41 -14.96 13.90
N GLY A 1 5.42 29.75 -7.91
CA GLY A 1 5.76 29.38 -6.51
C GLY A 1 6.46 28.03 -6.41
N SER A 2 5.97 27.18 -5.51
CA SER A 2 6.54 25.85 -5.31
C SER A 2 5.59 24.75 -5.74
N LEU A 3 4.44 25.11 -6.31
CA LEU A 3 3.46 24.12 -6.78
C LEU A 3 3.85 23.67 -8.20
N THR A 4 5.13 23.32 -8.36
CA THR A 4 5.66 22.89 -9.65
C THR A 4 6.30 21.50 -9.52
N TYR A 5 7.16 21.16 -10.47
CA TYR A 5 7.82 19.84 -10.49
C TYR A 5 8.62 19.55 -9.22
N GLU A 6 9.05 20.59 -8.50
CA GLU A 6 9.80 20.40 -7.27
C GLU A 6 8.89 19.96 -6.12
N GLU A 7 7.57 20.02 -6.36
CA GLU A 7 6.59 19.62 -5.34
C GLU A 7 6.06 18.22 -5.60
N VAL A 8 6.00 17.83 -6.89
CA VAL A 8 5.53 16.49 -7.25
C VAL A 8 6.60 15.45 -6.96
N LEU A 9 7.87 15.81 -7.20
CA LEU A 9 8.98 14.90 -6.94
C LEU A 9 8.96 14.42 -5.50
N GLN A 10 8.72 15.34 -4.56
CA GLN A 10 8.66 15.01 -3.14
C GLN A 10 7.52 14.04 -2.83
N GLU A 11 6.54 13.95 -3.74
CA GLU A 11 5.43 13.04 -3.56
C GLU A 11 5.89 11.59 -3.69
N LEU A 12 6.57 11.28 -4.80
CA LEU A 12 7.06 9.92 -5.06
C LEU A 12 7.72 9.29 -3.83
N VAL A 13 8.64 10.01 -3.17
CA VAL A 13 9.30 9.46 -1.99
C VAL A 13 8.26 9.10 -0.93
N LYS A 14 7.49 10.09 -0.47
CA LYS A 14 6.45 9.87 0.54
C LYS A 14 5.64 8.61 0.24
N HIS A 15 5.29 8.43 -1.04
CA HIS A 15 4.54 7.24 -1.45
C HIS A 15 5.37 6.00 -1.18
N LYS A 16 6.44 5.81 -1.97
CA LYS A 16 7.33 4.65 -1.82
C LYS A 16 7.63 4.34 -0.36
N GLU A 17 7.91 5.37 0.43
CA GLU A 17 8.20 5.18 1.86
C GLU A 17 6.98 4.60 2.56
N LEU A 18 5.86 5.35 2.54
CA LEU A 18 4.61 4.90 3.17
C LEU A 18 4.35 3.42 2.91
N LEU A 19 4.57 2.98 1.66
CA LEU A 19 4.36 1.58 1.29
C LEU A 19 5.44 0.69 1.92
N ARG A 20 6.66 1.21 2.01
CA ARG A 20 7.77 0.47 2.61
C ARG A 20 7.48 0.18 4.09
N ARG A 21 7.30 1.25 4.89
CA ARG A 21 7.00 1.09 6.32
C ARG A 21 5.75 0.22 6.51
N LYS A 22 4.76 0.40 5.63
CA LYS A 22 3.53 -0.39 5.69
C LYS A 22 3.89 -1.87 5.71
N ASP A 23 4.67 -2.29 4.71
CA ASP A 23 5.11 -3.67 4.60
C ASP A 23 5.99 -4.06 5.79
N THR A 24 6.66 -3.07 6.40
CA THR A 24 7.51 -3.37 7.55
C THR A 24 6.65 -3.77 8.74
N HIS A 25 5.79 -2.86 9.24
CA HIS A 25 4.93 -3.13 10.39
C HIS A 25 4.31 -4.53 10.35
N ILE A 26 3.64 -4.85 9.23
CA ILE A 26 2.99 -6.16 9.08
C ILE A 26 3.97 -7.30 9.33
N ARG A 27 5.27 -7.04 9.09
CA ARG A 27 6.31 -8.05 9.28
C ARG A 27 6.85 -8.00 10.71
N GLU A 28 6.99 -6.79 11.27
CA GLU A 28 7.50 -6.62 12.63
C GLU A 28 6.48 -7.12 13.66
N LEU A 29 5.20 -6.93 13.38
CA LEU A 29 4.13 -7.38 14.27
C LEU A 29 3.99 -8.91 14.24
N GLU A 30 4.79 -9.57 13.39
CA GLU A 30 4.78 -11.03 13.30
C GLU A 30 5.64 -11.63 14.40
N ASP A 31 6.63 -10.85 14.87
CA ASP A 31 7.51 -11.28 15.96
C ASP A 31 6.86 -10.98 17.31
N TYR A 32 5.95 -9.99 17.32
CA TYR A 32 5.21 -9.62 18.52
C TYR A 32 4.17 -10.67 18.84
N ILE A 33 3.49 -11.16 17.79
CA ILE A 33 2.49 -12.21 17.94
C ILE A 33 3.14 -13.59 18.05
N ASP A 34 4.34 -13.72 17.46
CA ASP A 34 5.10 -14.97 17.52
C ASP A 34 5.28 -15.44 18.98
N ASN A 35 5.57 -14.49 19.88
CA ASN A 35 5.77 -14.80 21.30
C ASN A 35 4.75 -15.85 21.79
N LEU A 36 3.51 -15.74 21.32
CA LEU A 36 2.46 -16.68 21.70
C LEU A 36 2.76 -18.06 21.11
N LEU A 37 3.07 -18.09 19.81
CA LEU A 37 3.40 -19.33 19.10
C LEU A 37 4.85 -19.30 18.59
N VAL A 38 5.79 -19.16 19.53
CA VAL A 38 7.22 -19.10 19.22
C VAL A 38 8.06 -19.51 20.44
N ARG A 39 9.39 -19.46 20.32
CA ARG A 39 10.27 -19.81 21.43
C ARG A 39 10.31 -18.66 22.44
N VAL A 40 9.64 -18.84 23.57
CA VAL A 40 9.59 -17.82 24.62
C VAL A 40 10.85 -17.85 25.49
N MET A 41 11.16 -16.71 26.11
CA MET A 41 12.34 -16.59 26.97
C MET A 41 11.97 -16.00 28.32
N GLY B 1 13.74 12.93 -24.49
CA GLY B 1 12.37 12.98 -25.07
C GLY B 1 11.37 13.65 -24.14
N SER B 2 10.71 12.85 -23.31
CA SER B 2 9.72 13.37 -22.37
C SER B 2 10.01 12.89 -20.95
N LEU B 3 11.29 12.88 -20.57
CA LEU B 3 11.69 12.48 -19.23
C LEU B 3 11.68 13.71 -18.31
N THR B 4 10.63 14.52 -18.45
CA THR B 4 10.48 15.74 -17.68
C THR B 4 9.28 15.65 -16.74
N TYR B 5 8.79 16.81 -16.29
CA TYR B 5 7.65 16.89 -15.37
C TYR B 5 6.39 16.24 -15.92
N GLU B 6 6.26 16.14 -17.24
CA GLU B 6 5.08 15.52 -17.85
C GLU B 6 5.15 13.99 -17.75
N GLU B 7 6.30 13.47 -17.31
CA GLU B 7 6.48 12.03 -17.14
C GLU B 7 6.33 11.62 -15.67
N VAL B 8 6.70 12.52 -14.75
CA VAL B 8 6.58 12.23 -13.32
C VAL B 8 5.12 12.35 -12.88
N LEU B 9 4.39 13.31 -13.45
CA LEU B 9 2.98 13.50 -13.12
C LEU B 9 2.20 12.21 -13.35
N GLN B 10 2.46 11.55 -14.49
CA GLN B 10 1.79 10.30 -14.83
C GLN B 10 2.10 9.20 -13.80
N GLU B 11 3.17 9.37 -13.04
CA GLU B 11 3.56 8.40 -12.02
C GLU B 11 2.55 8.41 -10.87
N LEU B 12 2.30 9.60 -10.30
CA LEU B 12 1.37 9.76 -9.19
C LEU B 12 0.07 8.98 -9.39
N VAL B 13 -0.58 9.13 -10.56
CA VAL B 13 -1.82 8.41 -10.82
C VAL B 13 -1.59 6.90 -10.69
N LYS B 14 -0.69 6.34 -11.52
CA LYS B 14 -0.39 4.91 -11.48
C LYS B 14 -0.24 4.42 -10.05
N HIS B 15 0.45 5.21 -9.21
CA HIS B 15 0.64 4.84 -7.81
C HIS B 15 -0.70 4.78 -7.11
N LYS B 16 -1.33 5.96 -6.92
CA LYS B 16 -2.63 6.06 -6.25
C LYS B 16 -3.60 4.97 -6.73
N GLU B 17 -3.64 4.73 -8.05
CA GLU B 17 -4.52 3.71 -8.60
C GLU B 17 -4.11 2.34 -8.07
N LEU B 18 -2.87 1.91 -8.37
CA LEU B 18 -2.35 0.62 -7.92
C LEU B 18 -2.75 0.33 -6.47
N LEU B 19 -2.64 1.35 -5.60
CA LEU B 19 -3.00 1.21 -4.19
C LEU B 19 -4.52 1.07 -4.03
N ARG B 20 -5.27 1.80 -4.87
CA ARG B 20 -6.73 1.75 -4.83
C ARG B 20 -7.22 0.33 -5.17
N ARG B 21 -6.88 -0.15 -6.37
CA ARG B 21 -7.29 -1.50 -6.79
C ARG B 21 -6.80 -2.54 -5.78
N LYS B 22 -5.60 -2.33 -5.26
CA LYS B 22 -5.03 -3.25 -4.27
C LYS B 22 -6.02 -3.42 -3.12
N ASP B 23 -6.43 -2.28 -2.54
CA ASP B 23 -7.40 -2.29 -1.45
C ASP B 23 -8.74 -2.86 -1.90
N THR B 24 -9.04 -2.75 -3.20
CA THR B 24 -10.30 -3.27 -3.72
C THR B 24 -10.30 -4.79 -3.67
N HIS B 25 -9.39 -5.44 -4.41
CA HIS B 25 -9.30 -6.90 -4.45
C HIS B 25 -9.45 -7.54 -3.06
N ILE B 26 -8.64 -7.09 -2.10
CA ILE B 26 -8.70 -7.64 -0.74
C ILE B 26 -10.11 -7.56 -0.15
N ARG B 27 -10.91 -6.60 -0.65
CA ARG B 27 -12.28 -6.43 -0.19
C ARG B 27 -13.25 -7.27 -1.03
N GLU B 28 -12.99 -7.35 -2.35
CA GLU B 28 -13.86 -8.12 -3.24
C GLU B 28 -13.70 -9.62 -2.98
N LEU B 29 -12.48 -10.06 -2.65
CA LEU B 29 -12.22 -11.47 -2.35
C LEU B 29 -12.83 -11.87 -1.00
N GLU B 30 -13.44 -10.91 -0.30
CA GLU B 30 -14.09 -11.19 0.98
C GLU B 30 -15.50 -11.75 0.74
N ASP B 31 -16.08 -11.40 -0.41
CA ASP B 31 -17.40 -11.89 -0.80
C ASP B 31 -17.28 -13.26 -1.47
N TYR B 32 -16.10 -13.53 -2.04
CA TYR B 32 -15.82 -14.80 -2.69
C TYR B 32 -15.62 -15.89 -1.62
N ILE B 33 -14.91 -15.53 -0.55
CA ILE B 33 -14.68 -16.45 0.55
C ILE B 33 -15.93 -16.54 1.42
N ASP B 34 -16.68 -15.43 1.49
CA ASP B 34 -17.89 -15.36 2.32
C ASP B 34 -18.83 -16.53 2.03
N ASN B 35 -18.96 -16.86 0.73
CA ASN B 35 -19.83 -17.97 0.30
C ASN B 35 -19.73 -19.17 1.25
N LEU B 36 -18.51 -19.45 1.73
CA LEU B 36 -18.29 -20.55 2.67
C LEU B 36 -18.95 -20.23 4.02
N LEU B 37 -18.69 -19.03 4.53
CA LEU B 37 -19.26 -18.58 5.80
C LEU B 37 -20.17 -17.37 5.58
N VAL B 38 -21.23 -17.57 4.79
CA VAL B 38 -22.17 -16.49 4.46
C VAL B 38 -22.63 -15.74 5.70
N ARG B 39 -23.00 -14.46 5.49
CA ARG B 39 -23.45 -13.56 6.56
C ARG B 39 -24.58 -14.18 7.39
N VAL B 40 -24.20 -15.04 8.34
CA VAL B 40 -25.17 -15.71 9.21
C VAL B 40 -24.51 -16.05 10.55
N MET B 41 -24.42 -15.07 11.44
CA MET B 41 -23.80 -15.26 12.76
C MET B 41 -24.80 -14.94 13.88
N GLY A 1 5.42 28.98 -7.44
CA GLY A 1 6.38 28.85 -6.30
C GLY A 1 6.91 27.43 -6.14
N SER A 2 6.57 26.80 -5.01
CA SER A 2 7.00 25.43 -4.73
C SER A 2 5.97 24.41 -5.21
N LEU A 3 4.72 24.84 -5.41
CA LEU A 3 3.67 23.94 -5.91
C LEU A 3 3.89 23.70 -7.40
N THR A 4 5.00 23.05 -7.72
CA THR A 4 5.38 22.75 -9.10
C THR A 4 6.23 21.48 -9.13
N TYR A 5 7.02 21.29 -10.19
CA TYR A 5 7.85 20.10 -10.38
C TYR A 5 8.49 19.59 -9.07
N GLU A 6 9.04 20.48 -8.25
CA GLU A 6 9.69 20.05 -7.01
C GLU A 6 8.69 19.57 -5.95
N GLU A 7 7.41 19.90 -6.15
CA GLU A 7 6.36 19.48 -5.21
C GLU A 7 5.98 18.02 -5.43
N VAL A 8 5.76 17.65 -6.69
CA VAL A 8 5.39 16.27 -7.03
C VAL A 8 6.55 15.30 -6.76
N LEU A 9 7.78 15.79 -6.94
CA LEU A 9 8.97 14.97 -6.72
C LEU A 9 8.97 14.36 -5.31
N GLN A 10 8.90 15.21 -4.29
CA GLN A 10 8.90 14.75 -2.89
C GLN A 10 7.73 13.81 -2.60
N GLU A 11 6.68 13.87 -3.41
CA GLU A 11 5.51 13.00 -3.22
C GLU A 11 5.83 11.56 -3.63
N LEU A 12 6.84 11.40 -4.50
CA LEU A 12 7.25 10.07 -4.95
C LEU A 12 7.87 9.29 -3.80
N VAL A 13 8.87 9.90 -3.15
CA VAL A 13 9.55 9.28 -2.00
C VAL A 13 8.59 9.12 -0.81
N LYS A 14 7.49 9.87 -0.82
CA LYS A 14 6.50 9.78 0.26
C LYS A 14 5.64 8.54 0.07
N HIS A 15 5.05 8.40 -1.12
CA HIS A 15 4.22 7.23 -1.45
C HIS A 15 5.05 5.96 -1.38
N LYS A 16 6.32 6.06 -1.81
CA LYS A 16 7.23 4.93 -1.80
C LYS A 16 7.51 4.46 -0.38
N GLU A 17 7.96 5.39 0.48
CA GLU A 17 8.26 5.07 1.87
C GLU A 17 7.01 4.61 2.62
N LEU A 18 5.86 5.21 2.29
CA LEU A 18 4.59 4.85 2.93
C LEU A 18 4.28 3.37 2.68
N LEU A 19 4.43 2.95 1.42
CA LEU A 19 4.19 1.56 1.04
C LEU A 19 5.23 0.63 1.67
N ARG A 20 6.46 1.13 1.81
CA ARG A 20 7.54 0.33 2.40
C ARG A 20 7.21 -0.04 3.84
N ARG A 21 7.03 0.97 4.70
CA ARG A 21 6.71 0.72 6.11
C ARG A 21 5.48 -0.19 6.25
N LYS A 22 4.48 0.01 5.39
CA LYS A 22 3.25 -0.80 5.44
C LYS A 22 3.58 -2.27 5.70
N ASP A 23 4.55 -2.81 4.96
CA ASP A 23 4.97 -4.20 5.14
C ASP A 23 5.82 -4.33 6.40
N THR A 24 6.84 -3.48 6.52
CA THR A 24 7.74 -3.50 7.68
C THR A 24 6.95 -3.55 9.00
N HIS A 25 5.92 -2.71 9.11
CA HIS A 25 5.08 -2.65 10.31
C HIS A 25 4.34 -3.97 10.57
N ILE A 26 3.77 -4.56 9.53
CA ILE A 26 3.07 -5.83 9.72
C ILE A 26 4.08 -6.91 10.11
N ARG A 27 5.24 -6.90 9.44
CA ARG A 27 6.31 -7.85 9.70
C ARG A 27 6.82 -7.74 11.14
N GLU A 28 7.08 -6.52 11.61
CA GLU A 28 7.56 -6.32 12.98
C GLU A 28 6.51 -6.79 13.98
N LEU A 29 5.27 -6.31 13.82
CA LEU A 29 4.18 -6.70 14.70
C LEU A 29 3.85 -8.20 14.56
N GLU A 30 4.36 -8.82 13.49
CA GLU A 30 4.15 -10.25 13.26
C GLU A 30 5.00 -11.08 14.21
N ASP A 31 6.15 -10.53 14.61
CA ASP A 31 7.04 -11.21 15.54
C ASP A 31 6.56 -11.03 16.98
N TYR A 32 5.77 -9.98 17.21
CA TYR A 32 5.20 -9.71 18.53
C TYR A 32 4.12 -10.72 18.87
N ILE A 33 3.31 -11.08 17.87
CA ILE A 33 2.24 -12.05 18.04
C ILE A 33 2.77 -13.49 17.94
N ASP A 34 4.00 -13.63 17.43
CA ASP A 34 4.63 -14.95 17.28
C ASP A 34 4.94 -15.55 18.66
N ASN A 35 5.25 -14.69 19.63
CA ASN A 35 5.58 -15.11 21.00
C ASN A 35 4.72 -16.30 21.45
N LEU A 36 3.43 -16.26 21.11
CA LEU A 36 2.51 -17.34 21.47
C LEU A 36 3.07 -18.70 21.04
N LEU A 37 3.43 -18.83 19.76
CA LEU A 37 4.01 -20.06 19.24
C LEU A 37 5.41 -19.82 18.66
N VAL A 38 6.31 -19.31 19.51
CA VAL A 38 7.69 -19.02 19.13
C VAL A 38 8.63 -19.19 20.33
N ARG A 39 9.92 -18.92 20.14
CA ARG A 39 10.88 -19.03 21.23
C ARG A 39 10.82 -17.79 22.12
N VAL A 40 10.26 -17.96 23.32
CA VAL A 40 10.13 -16.84 24.26
C VAL A 40 11.30 -16.80 25.25
N MET A 41 11.48 -15.65 25.90
CA MET A 41 12.55 -15.46 26.87
C MET A 41 12.02 -14.79 28.14
N GLY B 1 13.16 13.08 -24.43
CA GLY B 1 11.81 13.23 -25.04
C GLY B 1 10.76 13.70 -24.04
N SER B 2 10.13 12.73 -23.35
CA SER B 2 9.11 13.05 -22.35
C SER B 2 9.54 12.64 -20.95
N LEU B 3 10.83 12.36 -20.77
CA LEU B 3 11.35 11.99 -19.45
C LEU B 3 11.61 13.26 -18.64
N THR B 4 10.52 13.98 -18.36
CA THR B 4 10.57 15.23 -17.62
C THR B 4 9.29 15.40 -16.79
N TYR B 5 8.99 16.63 -16.40
CA TYR B 5 7.81 16.95 -15.55
C TYR B 5 6.56 16.13 -15.90
N GLU B 6 6.23 15.99 -17.20
CA GLU B 6 5.04 15.25 -17.60
C GLU B 6 5.19 13.74 -17.38
N GLU B 7 6.42 13.26 -17.17
CA GLU B 7 6.66 11.84 -16.94
C GLU B 7 6.33 11.46 -15.50
N VAL B 8 6.82 12.26 -14.54
CA VAL B 8 6.57 12.00 -13.13
C VAL B 8 5.09 12.19 -12.79
N LEU B 9 4.43 13.13 -13.47
CA LEU B 9 3.01 13.41 -13.23
C LEU B 9 2.17 12.13 -13.36
N GLN B 10 2.23 11.48 -14.53
CA GLN B 10 1.47 10.26 -14.77
C GLN B 10 1.81 9.15 -13.77
N GLU B 11 2.98 9.23 -13.13
CA GLU B 11 3.39 8.23 -12.14
C GLU B 11 2.60 8.40 -10.84
N LEU B 12 2.08 9.60 -10.61
CA LEU B 12 1.28 9.88 -9.41
C LEU B 12 -0.03 9.11 -9.47
N VAL B 13 -0.77 9.28 -10.58
CA VAL B 13 -2.05 8.59 -10.77
C VAL B 13 -1.85 7.07 -10.90
N LYS B 14 -0.61 6.64 -11.19
CA LYS B 14 -0.29 5.23 -11.31
C LYS B 14 -0.17 4.61 -9.92
N HIS B 15 0.70 5.20 -9.09
CA HIS B 15 0.91 4.73 -7.72
C HIS B 15 -0.39 4.84 -6.92
N LYS B 16 -1.17 5.89 -7.20
CA LYS B 16 -2.43 6.12 -6.52
C LYS B 16 -3.44 5.02 -6.86
N GLU B 17 -3.67 4.81 -8.16
CA GLU B 17 -4.61 3.77 -8.61
C GLU B 17 -4.15 2.38 -8.19
N LEU B 18 -2.82 2.15 -8.21
CA LEU B 18 -2.26 0.86 -7.81
C LEU B 18 -2.63 0.54 -6.36
N LEU B 19 -2.47 1.53 -5.48
CA LEU B 19 -2.81 1.36 -4.07
C LEU B 19 -4.32 1.22 -3.89
N ARG B 20 -5.10 1.89 -4.74
CA ARG B 20 -6.56 1.83 -4.66
C ARG B 20 -7.04 0.40 -4.90
N ARG B 21 -6.75 -0.15 -6.08
CA ARG B 21 -7.15 -1.51 -6.42
C ARG B 21 -6.70 -2.52 -5.35
N LYS B 22 -5.49 -2.34 -4.83
CA LYS B 22 -4.94 -3.23 -3.80
C LYS B 22 -6.02 -3.62 -2.79
N ASP B 23 -6.75 -2.62 -2.28
CA ASP B 23 -7.83 -2.86 -1.33
C ASP B 23 -9.05 -3.44 -2.05
N THR B 24 -9.48 -2.77 -3.11
CA THR B 24 -10.63 -3.21 -3.90
C THR B 24 -10.55 -4.71 -4.22
N HIS B 25 -9.39 -5.17 -4.66
CA HIS B 25 -9.18 -6.58 -5.01
C HIS B 25 -9.33 -7.50 -3.81
N ILE B 26 -8.77 -7.13 -2.66
CA ILE B 26 -8.92 -7.97 -1.47
C ILE B 26 -10.39 -7.98 -1.05
N ARG B 27 -11.02 -6.81 -1.10
CA ARG B 27 -12.43 -6.66 -0.73
C ARG B 27 -13.33 -7.51 -1.63
N GLU B 28 -13.12 -7.44 -2.95
CA GLU B 28 -13.95 -8.23 -3.88
C GLU B 28 -13.74 -9.73 -3.63
N LEU B 29 -12.47 -10.16 -3.59
CA LEU B 29 -12.15 -11.56 -3.33
C LEU B 29 -12.57 -11.98 -1.92
N GLU B 30 -12.86 -10.99 -1.05
CA GLU B 30 -13.29 -11.26 0.31
C GLU B 30 -14.73 -11.76 0.33
N ASP B 31 -15.52 -11.31 -0.66
CA ASP B 31 -16.92 -11.73 -0.78
C ASP B 31 -17.01 -13.12 -1.44
N TYR B 32 -15.97 -13.48 -2.19
CA TYR B 32 -15.91 -14.78 -2.86
C TYR B 32 -15.69 -15.90 -1.83
N ILE B 33 -14.84 -15.61 -0.83
CA ILE B 33 -14.54 -16.58 0.23
C ILE B 33 -15.62 -16.54 1.32
N ASP B 34 -16.45 -15.49 1.30
CA ASP B 34 -17.54 -15.34 2.29
C ASP B 34 -18.60 -16.42 2.08
N ASN B 35 -18.81 -16.83 0.82
CA ASN B 35 -19.80 -17.85 0.46
C ASN B 35 -19.88 -18.96 1.50
N LEU B 36 -18.73 -19.39 2.01
CA LEU B 36 -18.68 -20.44 3.03
C LEU B 36 -19.62 -20.10 4.19
N LEU B 37 -19.45 -18.91 4.76
CA LEU B 37 -20.29 -18.47 5.88
C LEU B 37 -21.06 -17.19 5.54
N VAL B 38 -21.90 -17.24 4.50
CA VAL B 38 -22.72 -16.11 4.10
C VAL B 38 -24.11 -16.29 4.72
N ARG B 39 -24.15 -16.22 6.04
CA ARG B 39 -25.38 -16.35 6.82
C ARG B 39 -25.00 -16.48 8.29
N VAL B 40 -24.25 -15.47 8.76
CA VAL B 40 -23.77 -15.40 10.15
C VAL B 40 -22.80 -14.23 10.31
N MET B 41 -23.01 -13.41 11.34
CA MET B 41 -22.15 -12.26 11.60
C MET B 41 -22.20 -11.85 13.08
N GLY A 1 5.42 28.54 -7.94
CA GLY A 1 6.52 28.59 -6.94
C GLY A 1 7.02 27.22 -6.56
N SER A 2 6.52 26.69 -5.44
CA SER A 2 6.91 25.37 -4.97
C SER A 2 5.93 24.30 -5.40
N LEU A 3 4.67 24.68 -5.61
CA LEU A 3 3.64 23.73 -6.06
C LEU A 3 3.82 23.47 -7.55
N THR A 4 4.97 22.87 -7.88
CA THR A 4 5.35 22.56 -9.24
C THR A 4 6.22 21.30 -9.27
N TYR A 5 7.01 21.11 -10.32
CA TYR A 5 7.87 19.93 -10.49
C TYR A 5 8.49 19.42 -9.18
N GLU A 6 9.01 20.32 -8.33
CA GLU A 6 9.65 19.91 -7.07
C GLU A 6 8.62 19.43 -6.03
N GLU A 7 7.35 19.75 -6.25
CA GLU A 7 6.28 19.35 -5.34
C GLU A 7 5.91 17.90 -5.54
N VAL A 8 5.69 17.50 -6.81
CA VAL A 8 5.34 16.12 -7.13
C VAL A 8 6.48 15.16 -6.80
N LEU A 9 7.72 15.64 -6.95
CA LEU A 9 8.90 14.84 -6.66
C LEU A 9 8.83 14.26 -5.24
N GLN A 10 8.74 15.13 -4.23
CA GLN A 10 8.64 14.69 -2.84
C GLN A 10 7.36 13.90 -2.59
N GLU A 11 6.36 14.10 -3.45
CA GLU A 11 5.09 13.39 -3.34
C GLU A 11 5.23 11.95 -3.85
N LEU A 12 6.18 11.75 -4.77
CA LEU A 12 6.44 10.42 -5.33
C LEU A 12 7.14 9.55 -4.30
N VAL A 13 8.25 10.04 -3.75
CA VAL A 13 9.01 9.29 -2.74
C VAL A 13 8.10 8.89 -1.57
N LYS A 14 7.48 9.88 -0.91
CA LYS A 14 6.58 9.61 0.23
C LYS A 14 5.69 8.40 0.00
N HIS A 15 5.09 8.29 -1.19
CA HIS A 15 4.22 7.16 -1.51
C HIS A 15 4.99 5.85 -1.53
N LYS A 16 6.22 5.91 -2.02
CA LYS A 16 7.09 4.72 -2.10
C LYS A 16 7.52 4.27 -0.71
N GLU A 17 7.95 5.22 0.13
CA GLU A 17 8.40 4.91 1.48
C GLU A 17 7.23 4.51 2.38
N LEU A 18 6.07 5.13 2.17
CA LEU A 18 4.88 4.81 2.97
C LEU A 18 4.46 3.37 2.72
N LEU A 19 4.53 2.94 1.45
CA LEU A 19 4.20 1.58 1.07
C LEU A 19 5.18 0.59 1.73
N ARG A 20 6.43 1.03 1.88
CA ARG A 20 7.46 0.19 2.48
C ARG A 20 7.10 -0.14 3.93
N ARG A 21 6.98 0.89 4.78
CA ARG A 21 6.63 0.71 6.19
C ARG A 21 5.42 -0.20 6.36
N LYS A 22 4.40 0.00 5.52
CA LYS A 22 3.17 -0.80 5.58
C LYS A 22 3.50 -2.28 5.83
N ASP A 23 4.46 -2.81 5.07
CA ASP A 23 4.89 -4.19 5.22
C ASP A 23 5.78 -4.33 6.46
N THR A 24 6.81 -3.49 6.54
CA THR A 24 7.75 -3.51 7.67
C THR A 24 7.02 -3.58 9.01
N HIS A 25 5.92 -2.83 9.16
CA HIS A 25 5.14 -2.82 10.40
C HIS A 25 4.39 -4.15 10.60
N ILE A 26 3.67 -4.60 9.58
CA ILE A 26 2.94 -5.87 9.69
C ILE A 26 3.93 -7.04 9.80
N ARG A 27 5.20 -6.79 9.45
CA ARG A 27 6.25 -7.79 9.52
C ARG A 27 6.85 -7.83 10.93
N GLU A 28 7.17 -6.64 11.47
CA GLU A 28 7.73 -6.56 12.82
C GLU A 28 6.70 -7.01 13.86
N LEU A 29 5.47 -6.52 13.71
CA LEU A 29 4.38 -6.89 14.61
C LEU A 29 4.03 -8.38 14.49
N GLU A 30 4.53 -9.02 13.43
CA GLU A 30 4.30 -10.44 13.20
C GLU A 30 5.10 -11.28 14.20
N ASP A 31 6.25 -10.73 14.65
CA ASP A 31 7.10 -11.40 15.62
C ASP A 31 6.59 -11.11 17.04
N TYR A 32 6.02 -9.92 17.22
CA TYR A 32 5.48 -9.52 18.52
C TYR A 32 4.32 -10.44 18.91
N ILE A 33 3.48 -10.77 17.93
CA ILE A 33 2.35 -11.67 18.15
C ILE A 33 2.83 -13.12 18.23
N ASP A 34 3.72 -13.49 17.30
CA ASP A 34 4.28 -14.85 17.23
C ASP A 34 4.67 -15.40 18.61
N ASN A 35 5.04 -14.52 19.55
CA ASN A 35 5.45 -14.92 20.90
C ASN A 35 4.69 -16.14 21.39
N LEU A 36 3.37 -16.17 21.15
CA LEU A 36 2.53 -17.29 21.56
C LEU A 36 3.09 -18.61 21.02
N LEU A 37 3.38 -18.64 19.72
CA LEU A 37 3.95 -19.82 19.07
C LEU A 37 5.32 -19.52 18.46
N VAL A 38 6.23 -19.07 19.32
CA VAL A 38 7.60 -18.74 18.91
C VAL A 38 8.56 -18.93 20.09
N ARG A 39 9.85 -18.63 19.90
CA ARG A 39 10.83 -18.77 20.97
C ARG A 39 10.66 -17.65 22.00
N VAL A 40 10.27 -18.03 23.21
CA VAL A 40 10.06 -17.05 24.28
C VAL A 40 11.20 -17.08 25.29
N MET A 41 11.46 -15.94 25.94
CA MET A 41 12.52 -15.83 26.94
C MET A 41 11.99 -15.17 28.22
N GLY B 1 13.14 12.96 -24.28
CA GLY B 1 11.77 13.09 -24.85
C GLY B 1 10.78 13.65 -23.86
N SER B 2 10.12 12.76 -23.11
CA SER B 2 9.13 13.17 -22.11
C SER B 2 9.53 12.71 -20.71
N LEU B 3 10.84 12.50 -20.49
CA LEU B 3 11.34 12.09 -19.18
C LEU B 3 11.58 13.35 -18.33
N THR B 4 10.49 14.09 -18.10
CA THR B 4 10.53 15.33 -17.33
C THR B 4 9.23 15.50 -16.54
N TYR B 5 8.91 16.73 -16.15
CA TYR B 5 7.71 17.05 -15.36
C TYR B 5 6.48 16.20 -15.72
N GLU B 6 6.21 16.00 -17.01
CA GLU B 6 5.03 15.23 -17.43
C GLU B 6 5.21 13.72 -17.18
N GLU B 7 6.45 13.29 -16.95
CA GLU B 7 6.73 11.88 -16.69
C GLU B 7 6.38 11.51 -15.25
N VAL B 8 6.83 12.32 -14.30
CA VAL B 8 6.54 12.08 -12.88
C VAL B 8 5.05 12.20 -12.59
N LEU B 9 4.37 13.10 -13.32
CA LEU B 9 2.93 13.31 -13.15
C LEU B 9 2.18 11.99 -13.28
N GLN B 10 2.29 11.33 -14.43
CA GLN B 10 1.63 10.05 -14.66
C GLN B 10 2.15 8.96 -13.70
N GLU B 11 3.36 9.17 -13.16
CA GLU B 11 3.96 8.23 -12.22
C GLU B 11 3.32 8.39 -10.83
N LEU B 12 2.82 9.60 -10.56
CA LEU B 12 2.17 9.89 -9.28
C LEU B 12 0.80 9.21 -9.23
N VAL B 13 -0.04 9.48 -10.24
CA VAL B 13 -1.37 8.90 -10.31
C VAL B 13 -1.30 7.37 -10.21
N LYS B 14 -0.56 6.73 -11.13
CA LYS B 14 -0.43 5.27 -11.14
C LYS B 14 -0.25 4.68 -9.74
N HIS B 15 0.62 5.30 -8.93
CA HIS B 15 0.87 4.83 -7.56
C HIS B 15 -0.38 4.96 -6.70
N LYS B 16 -1.15 6.03 -6.91
CA LYS B 16 -2.38 6.28 -6.17
C LYS B 16 -3.47 5.29 -6.55
N GLU B 17 -3.64 5.06 -7.86
CA GLU B 17 -4.66 4.12 -8.36
C GLU B 17 -4.28 2.68 -8.04
N LEU B 18 -2.97 2.36 -8.12
CA LEU B 18 -2.50 1.02 -7.82
C LEU B 18 -2.81 0.65 -6.37
N LEU B 19 -2.60 1.62 -5.48
CA LEU B 19 -2.88 1.43 -4.05
C LEU B 19 -4.37 1.20 -3.83
N ARG B 20 -5.21 1.84 -4.65
CA ARG B 20 -6.65 1.70 -4.56
C ARG B 20 -7.07 0.25 -4.82
N ARG B 21 -6.78 -0.26 -6.03
CA ARG B 21 -7.13 -1.63 -6.39
C ARG B 21 -6.69 -2.63 -5.33
N LYS B 22 -5.47 -2.44 -4.80
CA LYS B 22 -4.94 -3.34 -3.76
C LYS B 22 -6.02 -3.70 -2.74
N ASP B 23 -6.76 -2.70 -2.27
CA ASP B 23 -7.84 -2.91 -1.32
C ASP B 23 -9.07 -3.47 -2.03
N THR B 24 -9.49 -2.79 -3.10
CA THR B 24 -10.64 -3.20 -3.89
C THR B 24 -10.63 -4.71 -4.20
N HIS B 25 -9.44 -5.23 -4.55
CA HIS B 25 -9.29 -6.66 -4.86
C HIS B 25 -9.44 -7.53 -3.62
N ILE B 26 -8.71 -7.20 -2.55
CA ILE B 26 -8.83 -7.98 -1.31
C ILE B 26 -10.21 -7.81 -0.69
N ARG B 27 -10.95 -6.78 -1.14
CA ARG B 27 -12.30 -6.52 -0.67
C ARG B 27 -13.32 -7.34 -1.46
N GLU B 28 -13.18 -7.33 -2.80
CA GLU B 28 -14.09 -8.10 -3.65
C GLU B 28 -13.89 -9.61 -3.42
N LEU B 29 -12.62 -10.03 -3.36
CA LEU B 29 -12.29 -11.44 -3.11
C LEU B 29 -12.71 -11.87 -1.70
N GLU B 30 -13.03 -10.88 -0.85
CA GLU B 30 -13.47 -11.16 0.51
C GLU B 30 -14.89 -11.73 0.50
N ASP B 31 -15.68 -11.35 -0.51
CA ASP B 31 -17.04 -11.85 -0.67
C ASP B 31 -17.04 -13.20 -1.38
N TYR B 32 -16.06 -13.38 -2.29
CA TYR B 32 -15.92 -14.63 -3.03
C TYR B 32 -15.63 -15.78 -2.06
N ILE B 33 -14.77 -15.51 -1.08
CA ILE B 33 -14.41 -16.51 -0.07
C ILE B 33 -15.54 -16.65 0.94
N ASP B 34 -16.08 -15.51 1.41
CA ASP B 34 -17.16 -15.47 2.39
C ASP B 34 -18.25 -16.51 2.11
N ASN B 35 -18.46 -16.87 0.83
CA ASN B 35 -19.48 -17.83 0.42
C ASN B 35 -19.68 -18.93 1.47
N LEU B 36 -18.56 -19.44 2.01
CA LEU B 36 -18.62 -20.48 3.04
C LEU B 36 -19.52 -20.05 4.21
N LEU B 37 -19.28 -18.84 4.71
CA LEU B 37 -20.06 -18.30 5.82
C LEU B 37 -20.77 -16.99 5.43
N VAL B 38 -21.64 -17.05 4.41
CA VAL B 38 -22.41 -15.87 3.98
C VAL B 38 -23.84 -16.00 4.50
N ARG B 39 -23.98 -16.00 5.82
CA ARG B 39 -25.29 -16.06 6.49
C ARG B 39 -25.06 -16.34 7.97
N VAL B 40 -24.27 -15.47 8.61
CA VAL B 40 -23.94 -15.57 10.03
C VAL B 40 -22.83 -14.59 10.41
N MET B 41 -23.15 -13.62 11.25
CA MET B 41 -22.17 -12.62 11.68
C MET B 41 -22.69 -11.83 12.88
N GLY A 1 5.21 28.93 -7.75
CA GLY A 1 6.16 28.80 -6.61
C GLY A 1 6.67 27.39 -6.43
N SER A 2 6.35 26.78 -5.29
CA SER A 2 6.79 25.41 -5.01
C SER A 2 5.82 24.38 -5.57
N LEU A 3 4.55 24.78 -5.78
CA LEU A 3 3.55 23.87 -6.35
C LEU A 3 3.86 23.66 -7.84
N THR A 4 4.96 22.95 -8.09
CA THR A 4 5.42 22.66 -9.44
C THR A 4 6.27 21.38 -9.43
N TYR A 5 7.11 21.19 -10.44
CA TYR A 5 7.94 19.99 -10.57
C TYR A 5 8.50 19.46 -9.24
N GLU A 6 9.01 20.34 -8.38
CA GLU A 6 9.58 19.91 -7.10
C GLU A 6 8.51 19.46 -6.10
N GLU A 7 7.25 19.84 -6.36
CA GLU A 7 6.15 19.46 -5.49
C GLU A 7 5.79 17.99 -5.70
N VAL A 8 5.58 17.61 -6.97
CA VAL A 8 5.24 16.24 -7.31
C VAL A 8 6.40 15.30 -7.03
N LEU A 9 7.62 15.80 -7.20
CA LEU A 9 8.83 15.00 -6.96
C LEU A 9 8.79 14.37 -5.57
N GLN A 10 8.65 15.18 -4.52
CA GLN A 10 8.58 14.69 -3.13
C GLN A 10 7.38 13.80 -2.88
N GLU A 11 6.34 13.90 -3.74
CA GLU A 11 5.14 13.08 -3.58
C GLU A 11 5.48 11.60 -3.75
N LEU A 12 6.14 11.27 -4.87
CA LEU A 12 6.52 9.88 -5.18
C LEU A 12 7.38 9.25 -4.07
N VAL A 13 8.28 10.05 -3.46
CA VAL A 13 9.13 9.53 -2.40
C VAL A 13 8.34 9.29 -1.12
N LYS A 14 7.17 9.92 -1.01
CA LYS A 14 6.30 9.76 0.15
C LYS A 14 5.47 8.49 0.01
N HIS A 15 4.85 8.32 -1.17
CA HIS A 15 4.04 7.14 -1.46
C HIS A 15 4.92 5.88 -1.44
N LYS A 16 6.17 6.02 -1.89
CA LYS A 16 7.11 4.89 -1.93
C LYS A 16 7.47 4.42 -0.53
N GLU A 17 7.90 5.35 0.34
CA GLU A 17 8.28 5.01 1.71
C GLU A 17 7.05 4.55 2.51
N LEU A 18 5.89 5.15 2.24
CA LEU A 18 4.65 4.79 2.92
C LEU A 18 4.34 3.31 2.71
N LEU A 19 4.51 2.85 1.47
CA LEU A 19 4.25 1.46 1.12
C LEU A 19 5.26 0.53 1.82
N ARG A 20 6.48 1.04 2.03
CA ARG A 20 7.52 0.26 2.69
C ARG A 20 7.10 -0.13 4.11
N ARG A 21 6.85 0.86 4.97
CA ARG A 21 6.44 0.61 6.36
C ARG A 21 5.22 -0.31 6.41
N LYS A 22 4.27 -0.11 5.49
CA LYS A 22 3.06 -0.93 5.43
C LYS A 22 3.41 -2.43 5.43
N ASP A 23 4.63 -2.75 4.99
CA ASP A 23 5.13 -4.12 5.00
C ASP A 23 5.89 -4.37 6.30
N THR A 24 6.96 -3.59 6.48
CA THR A 24 7.84 -3.66 7.66
C THR A 24 7.03 -3.73 8.97
N HIS A 25 6.00 -2.90 9.09
CA HIS A 25 5.17 -2.85 10.29
C HIS A 25 4.37 -4.14 10.48
N ILE A 26 3.74 -4.62 9.42
CA ILE A 26 2.98 -5.87 9.50
C ILE A 26 3.93 -7.07 9.68
N ARG A 27 5.22 -6.85 9.41
CA ARG A 27 6.23 -7.87 9.55
C ARG A 27 6.77 -7.89 10.98
N GLU A 28 7.06 -6.71 11.54
CA GLU A 28 7.57 -6.62 12.91
C GLU A 28 6.49 -7.08 13.89
N LEU A 29 5.27 -6.56 13.74
CA LEU A 29 4.14 -6.94 14.59
C LEU A 29 3.81 -8.43 14.43
N GLU A 30 4.27 -9.03 13.32
CA GLU A 30 4.03 -10.44 13.06
C GLU A 30 4.83 -11.31 14.04
N ASP A 31 5.99 -10.78 14.47
CA ASP A 31 6.85 -11.49 15.43
C ASP A 31 6.40 -11.19 16.86
N TYR A 32 5.83 -10.00 17.07
CA TYR A 32 5.34 -9.61 18.40
C TYR A 32 4.21 -10.53 18.83
N ILE A 33 3.28 -10.79 17.91
CA ILE A 33 2.15 -11.68 18.18
C ILE A 33 2.57 -13.15 18.07
N ASP A 34 3.80 -13.39 17.60
CA ASP A 34 4.32 -14.75 17.45
C ASP A 34 4.71 -15.33 18.81
N ASN A 35 5.03 -14.47 19.78
CA ASN A 35 5.42 -14.89 21.13
C ASN A 35 4.67 -16.12 21.60
N LEU A 36 3.36 -16.16 21.31
CA LEU A 36 2.52 -17.30 21.69
C LEU A 36 3.17 -18.61 21.25
N LEU A 37 3.49 -18.71 19.96
CA LEU A 37 4.13 -19.91 19.41
C LEU A 37 5.48 -19.57 18.77
N VAL A 38 6.38 -19.01 19.57
CA VAL A 38 7.71 -18.63 19.11
C VAL A 38 8.77 -18.86 20.19
N ARG A 39 10.03 -18.54 19.89
CA ARG A 39 11.12 -18.71 20.85
C ARG A 39 10.94 -17.77 22.03
N VAL A 40 10.57 -18.34 23.19
CA VAL A 40 10.35 -17.54 24.40
C VAL A 40 11.59 -17.56 25.30
N MET A 41 11.74 -16.49 26.10
CA MET A 41 12.88 -16.36 27.01
C MET A 41 12.41 -15.95 28.41
N GLY B 1 13.34 12.77 -24.10
CA GLY B 1 12.08 13.26 -24.75
C GLY B 1 11.08 13.77 -23.75
N SER B 2 10.25 12.87 -23.22
CA SER B 2 9.23 13.23 -22.23
C SER B 2 9.68 12.91 -20.81
N LEU B 3 10.98 12.59 -20.63
CA LEU B 3 11.51 12.29 -19.31
C LEU B 3 11.70 13.60 -18.54
N THR B 4 10.58 14.24 -18.20
CA THR B 4 10.57 15.50 -17.49
C THR B 4 9.29 15.63 -16.67
N TYR B 5 8.91 16.86 -16.30
CA TYR B 5 7.72 17.13 -15.48
C TYR B 5 6.52 16.23 -15.80
N GLU B 6 6.22 16.02 -17.09
CA GLU B 6 5.07 15.19 -17.49
C GLU B 6 5.32 13.70 -17.21
N GLU B 7 6.57 13.32 -17.02
CA GLU B 7 6.92 11.93 -16.75
C GLU B 7 6.57 11.57 -15.31
N VAL B 8 7.03 12.38 -14.36
CA VAL B 8 6.75 12.17 -12.94
C VAL B 8 5.25 12.35 -12.65
N LEU B 9 4.61 13.26 -13.38
CA LEU B 9 3.19 13.54 -13.19
C LEU B 9 2.38 12.23 -13.26
N GLN B 10 2.49 11.50 -14.38
CA GLN B 10 1.77 10.25 -14.56
C GLN B 10 2.19 9.17 -13.55
N GLU B 11 3.35 9.33 -12.94
CA GLU B 11 3.83 8.36 -11.94
C GLU B 11 2.91 8.35 -10.73
N LEU B 12 2.65 9.52 -10.15
CA LEU B 12 1.80 9.66 -8.98
C LEU B 12 0.39 9.09 -9.21
N VAL B 13 -0.15 9.26 -10.41
CA VAL B 13 -1.48 8.74 -10.73
C VAL B 13 -1.48 7.22 -10.88
N LYS B 14 -0.28 6.65 -11.07
CA LYS B 14 -0.13 5.20 -11.19
C LYS B 14 -0.05 4.58 -9.80
N HIS B 15 0.80 5.16 -8.94
CA HIS B 15 0.96 4.69 -7.57
C HIS B 15 -0.35 4.85 -6.78
N LYS B 16 -1.09 5.92 -7.09
CA LYS B 16 -2.37 6.20 -6.42
C LYS B 16 -3.42 5.15 -6.76
N GLU B 17 -3.63 4.89 -8.06
CA GLU B 17 -4.61 3.91 -8.51
C GLU B 17 -4.19 2.50 -8.11
N LEU B 18 -2.88 2.23 -8.12
CA LEU B 18 -2.36 0.92 -7.75
C LEU B 18 -2.74 0.59 -6.31
N LEU B 19 -2.63 1.57 -5.42
CA LEU B 19 -2.99 1.40 -4.02
C LEU B 19 -4.49 1.16 -3.86
N ARG B 20 -5.28 1.76 -4.77
CA ARG B 20 -6.74 1.62 -4.72
C ARG B 20 -7.14 0.15 -4.90
N ARG B 21 -6.79 -0.45 -6.04
CA ARG B 21 -7.12 -1.86 -6.33
C ARG B 21 -6.64 -2.77 -5.21
N LYS B 22 -5.44 -2.49 -4.67
CA LYS B 22 -4.88 -3.29 -3.58
C LYS B 22 -5.89 -3.45 -2.42
N ASP B 23 -6.84 -2.50 -2.34
CA ASP B 23 -7.91 -2.56 -1.35
C ASP B 23 -9.12 -3.26 -1.96
N THR B 24 -9.65 -2.65 -3.03
CA THR B 24 -10.82 -3.15 -3.76
C THR B 24 -10.73 -4.65 -4.05
N HIS B 25 -9.54 -5.11 -4.48
CA HIS B 25 -9.34 -6.53 -4.79
C HIS B 25 -9.42 -7.41 -3.55
N ILE B 26 -8.76 -7.00 -2.47
CA ILE B 26 -8.81 -7.76 -1.23
C ILE B 26 -10.20 -7.68 -0.59
N ARG B 27 -11.00 -6.71 -1.06
CA ARG B 27 -12.36 -6.51 -0.58
C ARG B 27 -13.34 -7.38 -1.36
N GLU B 28 -13.18 -7.40 -2.70
CA GLU B 28 -14.05 -8.21 -3.55
C GLU B 28 -13.83 -9.71 -3.28
N LEU B 29 -12.56 -10.11 -3.25
CA LEU B 29 -12.20 -11.50 -2.96
C LEU B 29 -12.60 -11.90 -1.54
N GLU B 30 -12.83 -10.89 -0.69
CA GLU B 30 -13.24 -11.14 0.70
C GLU B 30 -14.67 -11.70 0.73
N ASP B 31 -15.48 -11.29 -0.25
CA ASP B 31 -16.86 -11.76 -0.37
C ASP B 31 -16.92 -13.09 -1.11
N TYR B 32 -15.97 -13.30 -2.03
CA TYR B 32 -15.89 -14.55 -2.80
C TYR B 32 -15.62 -15.73 -1.87
N ILE B 33 -14.68 -15.54 -0.95
CA ILE B 33 -14.34 -16.58 0.02
C ILE B 33 -15.34 -16.60 1.19
N ASP B 34 -16.24 -15.61 1.22
CA ASP B 34 -17.27 -15.52 2.25
C ASP B 34 -18.37 -16.55 2.02
N ASN B 35 -18.56 -16.96 0.75
CA ASN B 35 -19.60 -17.94 0.38
C ASN B 35 -19.80 -19.01 1.44
N LEU B 36 -18.69 -19.49 2.00
CA LEU B 36 -18.74 -20.52 3.05
C LEU B 36 -19.73 -20.11 4.15
N LEU B 37 -19.53 -18.92 4.71
CA LEU B 37 -20.41 -18.40 5.76
C LEU B 37 -21.08 -17.08 5.35
N VAL B 38 -21.86 -17.10 4.27
CA VAL B 38 -22.59 -15.93 3.81
C VAL B 38 -24.01 -15.97 4.37
N ARG B 39 -24.10 -15.91 5.69
CA ARG B 39 -25.37 -15.93 6.41
C ARG B 39 -25.07 -16.11 7.90
N VAL B 40 -24.26 -15.21 8.43
CA VAL B 40 -23.85 -15.22 9.84
C VAL B 40 -22.77 -14.15 10.09
N MET B 41 -22.88 -13.46 11.23
CA MET B 41 -21.90 -12.42 11.58
C MET B 41 -22.09 -11.98 13.03
N GLY A 1 5.46 28.93 -8.00
CA GLY A 1 6.45 28.87 -6.88
C GLY A 1 6.90 27.46 -6.56
N SER A 2 6.36 26.90 -5.48
CA SER A 2 6.71 25.54 -5.07
C SER A 2 5.73 24.51 -5.64
N LEU A 3 4.54 24.96 -6.05
CA LEU A 3 3.55 24.06 -6.64
C LEU A 3 3.95 23.75 -8.09
N THR A 4 5.09 23.07 -8.22
CA THR A 4 5.64 22.72 -9.52
C THR A 4 6.46 21.42 -9.42
N TYR A 5 7.37 21.20 -10.36
CA TYR A 5 8.20 19.99 -10.40
C TYR A 5 8.72 19.55 -9.03
N GLU A 6 9.13 20.49 -8.17
CA GLU A 6 9.66 20.14 -6.85
C GLU A 6 8.55 19.68 -5.89
N GLU A 7 7.30 19.99 -6.23
CA GLU A 7 6.16 19.60 -5.39
C GLU A 7 5.83 18.13 -5.61
N VAL A 8 5.79 17.71 -6.87
CA VAL A 8 5.51 16.32 -7.20
C VAL A 8 6.70 15.42 -6.89
N LEU A 9 7.92 15.97 -7.06
CA LEU A 9 9.14 15.23 -6.77
C LEU A 9 9.11 14.65 -5.35
N GLN A 10 8.95 15.53 -4.36
CA GLN A 10 8.88 15.10 -2.96
C GLN A 10 7.65 14.25 -2.67
N GLU A 11 6.63 14.34 -3.53
CA GLU A 11 5.42 13.55 -3.35
C GLU A 11 5.71 12.06 -3.53
N LEU A 12 6.37 11.70 -4.63
CA LEU A 12 6.71 10.30 -4.92
C LEU A 12 7.52 9.68 -3.78
N VAL A 13 8.43 10.46 -3.17
CA VAL A 13 9.25 9.96 -2.06
C VAL A 13 8.41 9.68 -0.82
N LYS A 14 7.15 10.14 -0.81
CA LYS A 14 6.25 9.91 0.31
C LYS A 14 5.54 8.57 0.12
N HIS A 15 5.06 8.33 -1.10
CA HIS A 15 4.38 7.09 -1.44
C HIS A 15 5.29 5.89 -1.20
N LYS A 16 6.34 5.77 -2.02
CA LYS A 16 7.30 4.68 -1.94
C LYS A 16 7.65 4.30 -0.49
N GLU A 17 8.00 5.30 0.34
CA GLU A 17 8.36 5.04 1.73
C GLU A 17 7.15 4.62 2.56
N LEU A 18 5.98 5.19 2.26
CA LEU A 18 4.76 4.84 2.98
C LEU A 18 4.37 3.39 2.72
N LEU A 19 4.46 2.98 1.45
CA LEU A 19 4.14 1.61 1.06
C LEU A 19 5.17 0.64 1.66
N ARG A 20 6.43 1.09 1.73
CA ARG A 20 7.50 0.26 2.29
C ARG A 20 7.21 -0.05 3.75
N ARG A 21 7.12 0.98 4.59
CA ARG A 21 6.85 0.81 6.02
C ARG A 21 5.65 -0.10 6.25
N LYS A 22 4.59 0.06 5.43
CA LYS A 22 3.38 -0.77 5.56
C LYS A 22 3.76 -2.23 5.77
N ASP A 23 4.72 -2.71 4.97
CA ASP A 23 5.19 -4.09 5.07
C ASP A 23 5.99 -4.26 6.37
N THR A 24 7.05 -3.46 6.51
CA THR A 24 7.91 -3.50 7.69
C THR A 24 7.10 -3.56 8.99
N HIS A 25 5.98 -2.82 9.03
CA HIS A 25 5.12 -2.79 10.22
C HIS A 25 4.42 -4.13 10.42
N ILE A 26 3.80 -4.66 9.37
CA ILE A 26 3.12 -5.95 9.44
C ILE A 26 4.13 -7.10 9.64
N ARG A 27 5.40 -6.80 9.36
CA ARG A 27 6.47 -7.78 9.52
C ARG A 27 7.02 -7.75 10.95
N GLU A 28 7.12 -6.56 11.53
CA GLU A 28 7.61 -6.42 12.91
C GLU A 28 6.59 -6.99 13.89
N LEU A 29 5.32 -6.71 13.67
CA LEU A 29 4.24 -7.22 14.52
C LEU A 29 4.11 -8.74 14.40
N GLU A 30 4.74 -9.31 13.36
CA GLU A 30 4.70 -10.76 13.15
C GLU A 30 5.58 -11.46 14.19
N ASP A 31 6.62 -10.77 14.65
CA ASP A 31 7.52 -11.31 15.67
C ASP A 31 6.95 -11.07 17.07
N TYR A 32 6.15 -10.00 17.20
CA TYR A 32 5.52 -9.67 18.48
C TYR A 32 4.42 -10.68 18.79
N ILE A 33 3.65 -11.05 17.77
CA ILE A 33 2.58 -12.03 17.92
C ILE A 33 3.14 -13.45 17.89
N ASP A 34 4.41 -13.60 17.49
CA ASP A 34 5.06 -14.90 17.45
C ASP A 34 5.29 -15.44 18.85
N ASN A 35 5.45 -14.54 19.82
CA ASN A 35 5.66 -14.91 21.23
C ASN A 35 4.66 -15.99 21.65
N LEU A 36 3.43 -15.89 21.15
CA LEU A 36 2.39 -16.87 21.45
C LEU A 36 2.73 -18.22 20.83
N LEU A 37 3.17 -18.19 19.57
CA LEU A 37 3.55 -19.41 18.85
C LEU A 37 5.02 -19.36 18.42
N VAL A 38 5.90 -19.21 19.42
CA VAL A 38 7.35 -19.16 19.20
C VAL A 38 8.08 -19.48 20.51
N ARG A 39 9.42 -19.44 20.50
CA ARG A 39 10.20 -19.72 21.71
C ARG A 39 10.16 -18.53 22.65
N VAL A 40 9.50 -18.71 23.80
CA VAL A 40 9.39 -17.64 24.80
C VAL A 40 10.58 -17.65 25.75
N MET A 41 11.17 -16.47 25.99
CA MET A 41 12.31 -16.34 26.88
C MET A 41 11.90 -15.68 28.19
N GLY B 1 13.46 12.99 -24.20
CA GLY B 1 12.10 13.07 -24.82
C GLY B 1 11.06 13.66 -23.87
N SER B 2 10.35 12.79 -23.17
CA SER B 2 9.31 13.21 -22.24
C SER B 2 9.68 12.85 -20.79
N LEU B 3 10.98 12.71 -20.53
CA LEU B 3 11.45 12.39 -19.18
C LEU B 3 11.58 13.69 -18.39
N THR B 4 10.43 14.35 -18.22
CA THR B 4 10.35 15.62 -17.51
C THR B 4 9.05 15.68 -16.71
N TYR B 5 8.60 16.88 -16.36
CA TYR B 5 7.37 17.08 -15.57
C TYR B 5 6.22 16.15 -15.97
N GLU B 6 6.02 15.93 -17.27
CA GLU B 6 4.92 15.05 -17.73
C GLU B 6 5.21 13.58 -17.45
N GLU B 7 6.47 13.24 -17.18
CA GLU B 7 6.85 11.86 -16.89
C GLU B 7 6.47 11.49 -15.45
N VAL B 8 6.80 12.38 -14.52
CA VAL B 8 6.48 12.17 -13.11
C VAL B 8 4.98 12.35 -12.87
N LEU B 9 4.36 13.27 -13.61
CA LEU B 9 2.93 13.54 -13.47
C LEU B 9 2.13 12.25 -13.61
N GLN B 10 2.29 11.56 -14.75
CA GLN B 10 1.60 10.30 -15.01
C GLN B 10 2.03 9.20 -14.04
N GLU B 11 3.22 9.35 -13.44
CA GLU B 11 3.72 8.36 -12.48
C GLU B 11 2.85 8.32 -11.24
N LEU B 12 2.58 9.47 -10.64
CA LEU B 12 1.75 9.55 -9.43
C LEU B 12 0.36 8.93 -9.65
N VAL B 13 -0.21 9.12 -10.85
CA VAL B 13 -1.52 8.56 -11.19
C VAL B 13 -1.48 7.03 -11.26
N LYS B 14 -0.27 6.45 -11.28
CA LYS B 14 -0.10 5.00 -11.32
C LYS B 14 -0.12 4.46 -9.89
N HIS B 15 0.61 5.12 -9.00
CA HIS B 15 0.68 4.72 -7.59
C HIS B 15 -0.72 4.74 -6.96
N LYS B 16 -1.28 5.95 -6.81
CA LYS B 16 -2.60 6.13 -6.20
C LYS B 16 -3.60 5.07 -6.65
N GLU B 17 -3.73 4.84 -7.96
CA GLU B 17 -4.67 3.85 -8.48
C GLU B 17 -4.25 2.42 -8.13
N LEU B 18 -2.94 2.16 -8.14
CA LEU B 18 -2.42 0.84 -7.81
C LEU B 18 -2.72 0.50 -6.35
N LEU B 19 -2.50 1.46 -5.46
CA LEU B 19 -2.76 1.28 -4.04
C LEU B 19 -4.26 1.13 -3.79
N ARG B 20 -5.07 1.85 -4.57
CA ARG B 20 -6.52 1.79 -4.45
C ARG B 20 -7.02 0.38 -4.75
N ARG B 21 -6.76 -0.09 -5.98
CA ARG B 21 -7.19 -1.43 -6.39
C ARG B 21 -6.77 -2.49 -5.37
N LYS B 22 -5.55 -2.37 -4.82
CA LYS B 22 -5.05 -3.32 -3.83
C LYS B 22 -6.13 -3.64 -2.79
N ASP B 23 -6.80 -2.58 -2.31
CA ASP B 23 -7.89 -2.74 -1.35
C ASP B 23 -9.09 -3.38 -2.02
N THR B 24 -9.60 -2.73 -3.07
CA THR B 24 -10.76 -3.22 -3.83
C THR B 24 -10.64 -4.73 -4.12
N HIS B 25 -9.43 -5.20 -4.43
CA HIS B 25 -9.19 -6.61 -4.73
C HIS B 25 -9.37 -7.48 -3.48
N ILE B 26 -8.73 -7.08 -2.38
CA ILE B 26 -8.85 -7.83 -1.13
C ILE B 26 -10.26 -7.71 -0.55
N ARG B 27 -11.02 -6.72 -1.05
CA ARG B 27 -12.39 -6.50 -0.61
C ARG B 27 -13.38 -7.35 -1.44
N GLU B 28 -13.09 -7.49 -2.74
CA GLU B 28 -13.94 -8.29 -3.63
C GLU B 28 -13.81 -9.77 -3.28
N LEU B 29 -12.58 -10.22 -3.04
CA LEU B 29 -12.32 -11.61 -2.68
C LEU B 29 -12.90 -11.94 -1.30
N GLU B 30 -13.25 -10.91 -0.53
CA GLU B 30 -13.85 -11.09 0.79
C GLU B 30 -15.27 -11.62 0.66
N ASP B 31 -15.95 -11.26 -0.45
CA ASP B 31 -17.30 -11.72 -0.72
C ASP B 31 -17.28 -13.11 -1.39
N TYR B 32 -16.19 -13.39 -2.10
CA TYR B 32 -16.02 -14.68 -2.76
C TYR B 32 -15.77 -15.78 -1.73
N ILE B 33 -14.94 -15.46 -0.73
CA ILE B 33 -14.64 -16.39 0.35
C ILE B 33 -15.76 -16.40 1.40
N ASP B 34 -16.67 -15.43 1.32
CA ASP B 34 -17.80 -15.34 2.24
C ASP B 34 -18.79 -16.49 2.00
N ASN B 35 -18.84 -16.96 0.75
CA ASN B 35 -19.74 -18.07 0.38
C ASN B 35 -19.64 -19.21 1.38
N LEU B 36 -18.43 -19.45 1.90
CA LEU B 36 -18.20 -20.49 2.89
C LEU B 36 -18.88 -20.13 4.21
N LEU B 37 -18.72 -18.87 4.63
CA LEU B 37 -19.33 -18.38 5.86
C LEU B 37 -20.29 -17.20 5.57
N VAL B 38 -21.31 -17.46 4.75
CA VAL B 38 -22.29 -16.42 4.40
C VAL B 38 -22.81 -15.72 5.65
N ARG B 39 -23.25 -14.46 5.48
CA ARG B 39 -23.74 -13.63 6.60
C ARG B 39 -24.77 -14.37 7.45
N VAL B 40 -24.28 -15.15 8.41
CA VAL B 40 -25.13 -15.91 9.33
C VAL B 40 -24.40 -16.12 10.67
N MET B 41 -24.08 -15.01 11.34
CA MET B 41 -23.38 -15.06 12.62
C MET B 41 -24.34 -14.79 13.78
#